data_6ZPT
#
_entry.id   6ZPT
#
_cell.length_a   73.650
_cell.length_b   99.257
_cell.length_c   127.980
_cell.angle_alpha   98.631
_cell.angle_beta   89.629
_cell.angle_gamma   111.147
#
_symmetry.space_group_name_H-M   'P 1'
#
loop_
_entity.id
_entity.type
_entity.pdbx_description
1 polymer 'Angiotensin-converting enzyme'
2 branched 2-acetamido-2-deoxy-beta-D-glucopyranose-(1-4)-2-acetamido-2-deoxy-beta-D-glucopyranose
3 branched alpha-L-fucopyranose-(1-6)-2-acetamido-2-deoxy-beta-D-glucopyranose
4 non-polymer BICINE
5 non-polymer 2-(2-METHOXYETHOXY)ETHANOL
6 non-polymer 'ZINC ION'
7 non-polymer 'CHLORIDE ION'
8 non-polymer 'CALCIUM ION'
9 non-polymer 2-acetamido-2-deoxy-beta-D-glucopyranose
10 non-polymer 1,2-ETHANEDIOL
11 water water
#
_entity_poly.entity_id   1
_entity_poly.type   'polypeptide(L)'
_entity_poly.pdbx_seq_one_letter_code
;LDPGLQPGQFSADEAGAQLFAQSYQSSAEQVLFQSVAASWAHDTNITAENARRQEEAALLSQEFAEAWGQKAKELYEPIW
QQFTDPQLRRIIGAVRTLGSANLPLAKRQQYNALLSQMSRIYSTAKVCLPQKTATCWSLDPDLTNILASSRSYAMLLFAW
EGWHNAAGIPLKPLYEDFTALSNEAYKQDGFTDTGAYWRSWYNSPTFEDDLEHLYQQLEPLYLNLHAFVRRALHRRYGDR
YINLRGPIPAHLLGDMWAQTWSNIYDMVVPFPDKPNLDVTSTMLQQGWQATHMFRVAEEFFTSLELSPMPPEFWEGSMLE
KPADGREVVCHASAWDFYNRKDFRIKQCTRVTMEQLVVVHHEMGHIQYFLQYKDLPVSLREGANPGFHEAIGDVLALSVS
TPEHLHKIGLLDRVTNDTESDINYLLKMALDKIAFLPFGYLVDQWRWGVFSGRTPPSRYNFDWWYLRTKYQGICPPVTRN
ETHFDAGAKFHVPNVTPYIRYFVSFVLQFQFHEALCKEAGYEGPLHQCDIYRSTKAGAKLRKVLRAGSSRPWQEVLKDMV
GLDALDAQPLLKYFQLVTQWLQEQNQQNGEVLGWPEYQWHPPLPDNYPEGIDLVTDEAEASKFVEEYDL
;
_entity_poly.pdbx_strand_id   A,B,C,D
#
# COMPACT_ATOMS: atom_id res chain seq x y z
N GLN A 6 50.70 -22.85 8.38
CA GLN A 6 51.69 -22.52 9.39
C GLN A 6 51.67 -21.01 9.65
N PRO A 7 52.09 -20.58 10.84
CA PRO A 7 52.08 -19.14 11.14
C PRO A 7 53.20 -18.42 10.41
N GLY A 8 53.07 -17.10 10.35
CA GLY A 8 53.99 -16.28 9.59
C GLY A 8 55.19 -15.79 10.37
N GLN A 9 55.57 -14.53 10.14
CA GLN A 9 56.75 -13.93 10.75
C GLN A 9 56.43 -12.48 11.08
N PHE A 10 56.36 -12.16 12.37
CA PHE A 10 55.92 -10.86 12.83
C PHE A 10 56.84 -10.36 13.93
N SER A 11 56.81 -9.05 14.15
CA SER A 11 57.68 -8.45 15.15
C SER A 11 57.20 -8.79 16.56
N ALA A 12 57.99 -8.39 17.55
CA ALA A 12 57.72 -8.69 18.95
C ALA A 12 57.38 -7.42 19.75
N ASP A 13 56.59 -6.54 19.14
CA ASP A 13 56.11 -5.34 19.82
C ASP A 13 54.65 -5.13 19.45
N GLU A 14 54.03 -4.14 20.08
CA GLU A 14 52.59 -3.94 19.91
C GLU A 14 52.24 -3.60 18.47
N ALA A 15 53.06 -2.78 17.82
CA ALA A 15 52.74 -2.36 16.45
C ALA A 15 52.83 -3.52 15.47
N GLY A 16 53.68 -4.50 15.75
CA GLY A 16 53.76 -5.69 14.92
C GLY A 16 52.74 -6.73 15.33
N ALA A 17 52.31 -6.66 16.60
CA ALA A 17 51.20 -7.50 17.04
C ALA A 17 49.94 -7.23 16.23
N GLN A 18 49.69 -5.95 15.91
CA GLN A 18 48.58 -5.61 15.05
C GLN A 18 48.64 -6.39 13.74
N LEU A 19 49.85 -6.63 13.24
CA LEU A 19 50.01 -7.40 12.01
C LEU A 19 49.76 -8.88 12.27
N PHE A 20 50.27 -9.40 13.40
CA PHE A 20 50.06 -10.80 13.72
C PHE A 20 48.58 -11.13 13.85
N ALA A 21 47.77 -10.16 14.32
CA ALA A 21 46.33 -10.38 14.40
C ALA A 21 45.73 -10.51 13.01
N GLN A 22 45.89 -9.49 12.17
CA GLN A 22 45.28 -9.50 10.84
C GLN A 22 45.51 -10.81 10.12
N SER A 23 46.77 -11.23 10.02
CA SER A 23 47.06 -12.51 9.35
C SER A 23 46.42 -13.67 10.10
N TYR A 24 46.40 -13.60 11.44
CA TYR A 24 45.73 -14.64 12.22
C TYR A 24 44.22 -14.60 12.00
N GLN A 25 43.62 -13.41 12.15
CA GLN A 25 42.20 -13.27 11.91
C GLN A 25 41.83 -13.73 10.50
N SER A 26 42.66 -13.42 9.52
CA SER A 26 42.37 -13.76 8.14
C SER A 26 42.38 -15.27 7.94
N SER A 27 43.41 -15.96 8.43
CA SER A 27 43.46 -17.41 8.29
C SER A 27 42.39 -18.10 9.11
N ALA A 28 41.97 -17.49 10.22
CA ALA A 28 40.96 -18.11 11.08
C ALA A 28 39.63 -18.23 10.35
N GLU A 29 39.29 -17.26 9.50
CA GLU A 29 38.09 -17.36 8.68
C GLU A 29 38.05 -18.70 7.96
N GLN A 30 39.07 -18.98 7.16
CA GLN A 30 39.11 -20.22 6.38
C GLN A 30 38.96 -21.44 7.29
N VAL A 31 39.65 -21.45 8.42
CA VAL A 31 39.60 -22.60 9.32
C VAL A 31 38.26 -22.66 10.04
N LEU A 32 37.82 -21.54 10.59
CA LEU A 32 36.52 -21.51 11.27
C LEU A 32 35.39 -21.92 10.33
N PHE A 33 35.45 -21.46 9.07
CA PHE A 33 34.39 -21.78 8.12
C PHE A 33 34.30 -23.28 7.89
N GLN A 34 35.45 -23.97 7.86
CA GLN A 34 35.43 -25.42 7.66
C GLN A 34 34.76 -26.14 8.82
N SER A 35 35.04 -25.71 10.05
CA SER A 35 34.48 -26.38 11.22
C SER A 35 32.97 -26.21 11.30
N VAL A 36 32.45 -25.07 10.83
CA VAL A 36 31.01 -24.86 10.80
C VAL A 36 30.38 -25.56 9.61
N ALA A 37 31.04 -25.51 8.45
CA ALA A 37 30.49 -26.13 7.24
C ALA A 37 30.40 -27.64 7.39
N ALA A 38 31.39 -28.25 8.04
CA ALA A 38 31.38 -29.70 8.20
C ALA A 38 30.32 -30.13 9.22
N SER A 39 30.15 -29.36 10.29
CA SER A 39 29.09 -29.67 11.25
C SER A 39 27.72 -29.49 10.63
N TRP A 40 27.56 -28.53 9.71
CA TRP A 40 26.29 -28.36 9.02
C TRP A 40 25.99 -29.57 8.14
N ALA A 41 26.95 -29.96 7.30
CA ALA A 41 26.77 -31.14 6.45
C ALA A 41 26.45 -32.39 7.26
N HIS A 42 26.68 -32.37 8.57
CA HIS A 42 26.34 -33.49 9.45
C HIS A 42 24.99 -33.31 10.12
N ASP A 43 24.81 -32.22 10.85
CA ASP A 43 23.58 -32.01 11.61
C ASP A 43 22.35 -31.89 10.71
N THR A 44 22.53 -31.69 9.40
CA THR A 44 21.43 -31.69 8.45
C THR A 44 21.44 -32.92 7.58
N ASN A 45 22.25 -33.92 7.94
CA ASN A 45 22.41 -35.11 7.12
C ASN A 45 23.37 -36.07 7.82
N ILE A 46 22.89 -36.72 8.88
CA ILE A 46 23.73 -37.53 9.75
C ILE A 46 24.13 -38.82 9.05
N THR A 47 25.30 -38.83 8.42
CA THR A 47 25.91 -40.04 7.91
C THR A 47 27.29 -40.20 8.54
N ALA A 48 27.71 -41.46 8.71
CA ALA A 48 29.03 -41.74 9.24
C ALA A 48 30.09 -40.97 8.48
N GLU A 49 30.04 -41.02 7.14
CA GLU A 49 31.02 -40.33 6.32
C GLU A 49 31.06 -38.84 6.65
N ASN A 50 29.90 -38.23 6.89
CA ASN A 50 29.88 -36.82 7.26
C ASN A 50 30.40 -36.60 8.69
N ALA A 51 30.10 -37.55 9.58
CA ALA A 51 30.62 -37.45 10.94
C ALA A 51 32.14 -37.52 10.95
N ARG A 52 32.73 -38.27 10.01
CA ARG A 52 34.19 -38.33 9.92
C ARG A 52 34.76 -37.04 9.36
N ARG A 53 34.00 -36.30 8.55
CA ARG A 53 34.46 -35.00 8.09
C ARG A 53 34.34 -33.94 9.17
N GLN A 54 33.38 -34.11 10.10
CA GLN A 54 33.26 -33.19 11.22
C GLN A 54 34.48 -33.26 12.12
N GLU A 55 35.11 -34.44 12.23
CA GLU A 55 36.30 -34.59 13.07
C GLU A 55 37.54 -34.05 12.38
N GLU A 56 37.69 -34.31 11.07
CA GLU A 56 38.85 -33.78 10.35
C GLU A 56 38.88 -32.25 10.41
N ALA A 57 37.73 -31.62 10.21
CA ALA A 57 37.68 -30.16 10.30
C ALA A 57 37.96 -29.67 11.71
N ALA A 58 37.62 -30.46 12.72
CA ALA A 58 37.87 -30.06 14.11
C ALA A 58 39.36 -30.17 14.44
N LEU A 59 39.98 -31.31 14.12
CA LEU A 59 41.41 -31.46 14.35
C LEU A 59 42.19 -30.40 13.58
N LEU A 60 41.74 -30.06 12.37
CA LEU A 60 42.39 -28.99 11.61
C LEU A 60 42.29 -27.66 12.33
N SER A 61 41.29 -27.49 13.21
CA SER A 61 41.20 -26.28 14.01
C SER A 61 42.17 -26.30 15.17
N GLN A 62 42.30 -27.44 15.85
CA GLN A 62 43.27 -27.57 16.93
C GLN A 62 44.68 -27.26 16.42
N GLU A 63 45.06 -27.83 15.28
CA GLU A 63 46.36 -27.53 14.69
C GLU A 63 46.53 -26.04 14.46
N PHE A 64 45.49 -25.39 13.92
CA PHE A 64 45.56 -23.95 13.67
C PHE A 64 45.74 -23.18 14.97
N ALA A 65 44.96 -23.54 16.00
CA ALA A 65 45.06 -22.82 17.27
C ALA A 65 46.39 -23.08 17.97
N GLU A 66 46.93 -24.29 17.83
CA GLU A 66 48.23 -24.60 18.43
C GLU A 66 49.34 -23.82 17.73
N ALA A 67 49.41 -23.92 16.40
CA ALA A 67 50.48 -23.27 15.66
C ALA A 67 50.45 -21.76 15.86
N TRP A 68 49.27 -21.14 15.73
CA TRP A 68 49.15 -19.70 15.93
C TRP A 68 49.20 -19.31 17.40
N GLY A 69 49.05 -20.26 18.32
CA GLY A 69 49.13 -19.97 19.74
C GLY A 69 50.55 -20.02 20.27
N GLN A 70 51.28 -21.08 19.90
CA GLN A 70 52.69 -21.16 20.29
C GLN A 70 53.48 -20.02 19.67
N LYS A 71 53.18 -19.67 18.41
CA LYS A 71 53.83 -18.52 17.80
C LYS A 71 53.54 -17.25 18.59
N ALA A 72 52.27 -17.00 18.89
CA ALA A 72 51.91 -15.84 19.70
C ALA A 72 52.65 -15.85 21.02
N LYS A 73 52.87 -17.03 21.60
CA LYS A 73 53.54 -17.15 22.88
C LYS A 73 55.05 -17.01 22.75
N GLU A 74 55.61 -17.37 21.58
CA GLU A 74 57.03 -17.19 21.36
C GLU A 74 57.39 -15.72 21.16
N LEU A 75 56.45 -14.91 20.71
CA LEU A 75 56.71 -13.50 20.41
C LEU A 75 56.39 -12.59 21.59
N TYR A 76 55.11 -12.53 21.98
CA TYR A 76 54.62 -11.48 22.86
C TYR A 76 54.34 -11.94 24.28
N GLU A 77 54.51 -13.23 24.59
CA GLU A 77 54.10 -13.78 25.89
C GLU A 77 54.40 -12.86 27.07
N PRO A 78 55.62 -12.32 27.23
CA PRO A 78 55.91 -11.55 28.45
C PRO A 78 55.73 -10.04 28.29
N ILE A 79 55.04 -9.59 27.24
CA ILE A 79 54.91 -8.15 27.01
C ILE A 79 53.55 -7.78 26.43
N TRP A 80 52.63 -8.75 26.34
CA TRP A 80 51.29 -8.43 25.85
C TRP A 80 50.36 -7.94 26.95
N GLN A 81 50.65 -8.24 28.21
CA GLN A 81 49.76 -7.82 29.29
C GLN A 81 49.77 -6.31 29.44
N GLN A 82 50.95 -5.71 29.46
CA GLN A 82 51.10 -4.26 29.64
C GLN A 82 51.12 -3.58 28.28
N PHE A 83 50.00 -3.67 27.58
CA PHE A 83 49.90 -3.27 26.19
C PHE A 83 49.13 -1.96 26.05
N THR A 84 49.20 -1.40 24.84
CA THR A 84 48.54 -0.12 24.55
C THR A 84 47.04 -0.32 24.34
N ASP A 85 46.66 -0.90 23.20
CA ASP A 85 45.26 -1.02 22.80
C ASP A 85 44.57 -2.14 23.58
N PRO A 86 43.59 -1.83 24.43
CA PRO A 86 42.94 -2.90 25.20
C PRO A 86 42.22 -3.94 24.35
N GLN A 87 41.79 -3.59 23.13
CA GLN A 87 41.25 -4.61 22.24
C GLN A 87 42.30 -5.67 21.94
N LEU A 88 43.49 -5.22 21.52
CA LEU A 88 44.58 -6.16 21.29
C LEU A 88 44.97 -6.92 22.55
N ARG A 89 44.82 -6.27 23.72
CA ARG A 89 45.20 -6.92 24.97
C ARG A 89 44.51 -8.27 25.12
N ARG A 90 43.26 -8.39 24.65
CA ARG A 90 42.52 -9.63 24.81
C ARG A 90 42.64 -10.54 23.59
N ILE A 91 42.70 -9.97 22.38
CA ILE A 91 42.80 -10.79 21.17
C ILE A 91 44.03 -11.70 21.27
N ILE A 92 45.21 -11.11 21.45
CA ILE A 92 46.41 -11.91 21.58
C ILE A 92 46.38 -12.69 22.89
N GLY A 93 45.76 -12.14 23.93
CA GLY A 93 45.59 -12.90 25.15
C GLY A 93 44.85 -14.20 24.91
N ALA A 94 43.87 -14.18 24.01
CA ALA A 94 43.16 -15.40 23.65
C ALA A 94 44.07 -16.36 22.89
N VAL A 95 44.78 -15.83 21.88
CA VAL A 95 45.58 -16.70 21.00
C VAL A 95 46.64 -17.45 21.80
N ARG A 96 47.24 -16.78 22.80
CA ARG A 96 48.31 -17.40 23.56
C ARG A 96 47.83 -18.53 24.46
N THR A 97 46.52 -18.69 24.65
CA THR A 97 45.96 -19.70 25.53
C THR A 97 45.82 -21.00 24.74
N LEU A 98 46.67 -21.98 25.04
CA LEU A 98 46.74 -23.21 24.27
C LEU A 98 45.86 -24.33 24.83
N GLY A 99 45.32 -24.17 26.03
CA GLY A 99 44.48 -25.19 26.63
C GLY A 99 45.06 -26.58 26.51
N SER A 100 44.39 -27.46 25.77
CA SER A 100 44.82 -28.85 25.66
C SER A 100 46.07 -29.03 24.83
N ALA A 101 46.54 -27.98 24.15
CA ALA A 101 47.76 -28.09 23.36
C ALA A 101 49.02 -28.11 24.22
N ASN A 102 48.94 -27.69 25.49
CA ASN A 102 50.09 -27.81 26.38
C ASN A 102 50.29 -29.25 26.82
N LEU A 103 49.21 -30.04 26.88
CA LEU A 103 49.31 -31.43 27.28
C LEU A 103 50.26 -32.18 26.34
N PRO A 104 50.88 -33.26 26.82
CA PRO A 104 51.66 -34.11 25.91
C PRO A 104 50.78 -34.75 24.86
N LEU A 105 51.40 -35.11 23.74
CA LEU A 105 50.65 -35.56 22.57
C LEU A 105 49.66 -36.66 22.91
N ALA A 106 50.13 -37.72 23.58
CA ALA A 106 49.25 -38.85 23.89
C ALA A 106 48.10 -38.43 24.81
N LYS A 107 48.35 -37.50 25.72
CA LYS A 107 47.27 -37.02 26.60
C LYS A 107 46.29 -36.16 25.83
N ARG A 108 46.78 -35.32 24.91
CA ARG A 108 45.88 -34.55 24.05
C ARG A 108 44.91 -35.49 23.33
N GLN A 109 45.40 -36.64 22.86
CA GLN A 109 44.52 -37.67 22.34
C GLN A 109 43.58 -38.17 23.43
N GLN A 110 44.11 -38.43 24.63
CA GLN A 110 43.28 -38.88 25.74
C GLN A 110 42.21 -37.85 26.07
N TYR A 111 42.55 -36.57 25.98
CA TYR A 111 41.58 -35.51 26.27
C TYR A 111 40.43 -35.55 25.28
N ASN A 112 40.73 -35.60 23.99
CA ASN A 112 39.69 -35.59 22.97
C ASN A 112 38.83 -36.85 23.07
N ALA A 113 39.46 -38.02 23.16
CA ALA A 113 38.72 -39.27 23.24
C ALA A 113 37.70 -39.23 24.37
N LEU A 114 38.04 -38.58 25.48
CA LEU A 114 37.10 -38.47 26.59
C LEU A 114 35.90 -37.62 26.21
N LEU A 115 36.13 -36.50 25.52
CA LEU A 115 35.01 -35.70 25.01
C LEU A 115 34.14 -36.53 24.09
N SER A 116 34.77 -37.27 23.16
CA SER A 116 34.02 -38.05 22.19
C SER A 116 33.18 -39.12 22.88
N GLN A 117 33.74 -39.79 23.88
CA GLN A 117 33.03 -40.88 24.54
C GLN A 117 31.96 -40.36 25.50
N MET A 118 32.21 -39.24 26.17
CA MET A 118 31.24 -38.73 27.13
C MET A 118 29.99 -38.22 26.43
N SER A 119 30.16 -37.55 25.28
CA SER A 119 29.01 -37.10 24.51
C SER A 119 28.23 -38.29 23.96
N ARG A 120 28.93 -39.27 23.39
CA ARG A 120 28.26 -40.44 22.85
C ARG A 120 27.54 -41.22 23.94
N ILE A 121 28.20 -41.43 25.08
CA ILE A 121 27.56 -42.16 26.18
C ILE A 121 26.27 -41.48 26.59
N TYR A 122 26.18 -40.16 26.44
CA TYR A 122 24.96 -39.45 26.79
C TYR A 122 23.87 -39.66 25.74
N SER A 123 24.23 -39.52 24.46
CA SER A 123 23.23 -39.59 23.40
C SER A 123 22.69 -41.01 23.23
N THR A 124 23.48 -42.03 23.58
CA THR A 124 23.11 -43.41 23.36
C THR A 124 22.67 -44.11 24.63
N ALA A 125 22.54 -43.40 25.74
CA ALA A 125 22.05 -44.00 26.98
C ALA A 125 20.57 -44.33 26.83
N LYS A 126 20.21 -45.55 27.20
CA LYS A 126 18.84 -46.04 27.05
C LYS A 126 18.34 -46.59 28.38
N VAL A 127 17.02 -46.55 28.55
CA VAL A 127 16.37 -47.09 29.73
C VAL A 127 15.55 -48.29 29.27
N CYS A 128 16.11 -49.49 29.45
CA CYS A 128 15.45 -50.71 28.99
C CYS A 128 14.49 -51.23 30.05
N LEU A 129 13.44 -51.87 29.59
CA LEU A 129 12.36 -52.36 30.44
C LEU A 129 12.62 -53.81 30.85
N PRO A 130 11.81 -54.35 31.76
CA PRO A 130 11.89 -55.79 32.06
C PRO A 130 11.67 -56.68 30.85
N GLN A 131 11.32 -56.12 29.69
CA GLN A 131 11.20 -56.89 28.46
C GLN A 131 12.56 -57.12 27.81
N THR A 135 12.81 -53.95 24.34
CA THR A 135 12.56 -52.55 24.01
C THR A 135 13.18 -51.63 25.07
N CYS A 136 13.57 -50.42 24.64
CA CYS A 136 14.24 -49.48 25.51
C CYS A 136 13.86 -48.06 25.11
N TRP A 137 13.54 -47.23 26.10
CA TRP A 137 13.26 -45.82 25.86
C TRP A 137 14.56 -45.02 25.76
N SER A 138 14.47 -43.87 25.09
CA SER A 138 15.58 -42.95 24.95
C SER A 138 15.21 -41.62 25.57
N LEU A 139 16.21 -40.75 25.74
CA LEU A 139 15.97 -39.44 26.33
C LEU A 139 14.99 -38.64 25.49
N ASP A 140 15.31 -38.44 24.22
CA ASP A 140 14.46 -37.67 23.32
C ASP A 140 13.84 -38.61 22.30
N PRO A 141 12.50 -38.69 22.17
CA PRO A 141 11.44 -37.99 22.90
C PRO A 141 10.79 -38.82 24.01
N ASP A 142 11.16 -40.10 24.10
CA ASP A 142 10.49 -41.04 24.99
C ASP A 142 10.49 -40.56 26.43
N LEU A 143 11.68 -40.48 27.05
CA LEU A 143 11.75 -40.15 28.47
C LEU A 143 11.34 -38.72 28.73
N THR A 144 11.79 -37.79 27.89
CA THR A 144 11.37 -36.39 28.03
C THR A 144 9.85 -36.29 28.13
N ASN A 145 9.14 -36.94 27.19
CA ASN A 145 7.68 -36.89 27.20
C ASN A 145 7.12 -37.40 28.53
N ILE A 146 7.56 -38.60 28.94
CA ILE A 146 7.09 -39.16 30.21
C ILE A 146 7.21 -38.14 31.32
N LEU A 147 8.40 -37.54 31.45
CA LEU A 147 8.64 -36.58 32.52
C LEU A 147 7.76 -35.35 32.42
N ALA A 148 7.22 -35.06 31.24
CA ALA A 148 6.36 -33.90 31.06
C ALA A 148 4.89 -34.25 31.21
N SER A 149 4.45 -35.34 30.60
CA SER A 149 3.03 -35.67 30.49
C SER A 149 2.55 -36.56 31.63
N SER A 150 3.36 -37.53 32.05
CA SER A 150 2.90 -38.54 32.99
C SER A 150 2.57 -37.90 34.34
N ARG A 151 1.55 -38.46 34.99
CA ARG A 151 1.14 -38.05 36.34
C ARG A 151 1.04 -39.24 37.28
N SER A 152 1.72 -40.33 36.96
CA SER A 152 1.86 -41.47 37.86
C SER A 152 3.22 -41.36 38.55
N TYR A 153 3.20 -41.15 39.87
CA TYR A 153 4.44 -41.06 40.63
C TYR A 153 5.38 -42.21 40.27
N ALA A 154 4.89 -43.44 40.35
CA ALA A 154 5.75 -44.60 40.07
C ALA A 154 6.27 -44.58 38.64
N MET A 155 5.47 -44.09 37.70
CA MET A 155 5.93 -44.00 36.31
C MET A 155 7.05 -42.97 36.18
N LEU A 156 6.78 -41.73 36.56
CA LEU A 156 7.81 -40.69 36.54
C LEU A 156 9.07 -41.15 37.27
N LEU A 157 8.89 -41.87 38.38
CA LEU A 157 10.04 -42.35 39.15
C LEU A 157 10.87 -43.34 38.35
N PHE A 158 10.23 -44.11 37.48
CA PHE A 158 10.98 -45.08 36.68
C PHE A 158 11.81 -44.38 35.60
N ALA A 159 11.22 -43.39 34.93
CA ALA A 159 11.96 -42.64 33.91
C ALA A 159 13.10 -41.86 34.53
N TRP A 160 12.84 -41.19 35.66
CA TRP A 160 13.89 -40.39 36.31
C TRP A 160 15.03 -41.28 36.80
N GLU A 161 14.70 -42.32 37.57
CA GLU A 161 15.74 -43.21 38.09
C GLU A 161 16.44 -43.95 36.96
N GLY A 162 15.68 -44.47 35.99
CA GLY A 162 16.29 -45.23 34.92
C GLY A 162 17.28 -44.43 34.11
N TRP A 163 16.94 -43.17 33.81
CA TRP A 163 17.82 -42.35 32.98
C TRP A 163 19.09 -41.97 33.72
N HIS A 164 18.95 -41.49 34.96
CA HIS A 164 20.12 -41.05 35.70
C HIS A 164 21.11 -42.19 35.91
N ASN A 165 20.60 -43.37 36.28
CA ASN A 165 21.47 -44.55 36.38
C ASN A 165 22.11 -44.86 35.03
N ALA A 166 21.32 -44.84 33.95
CA ALA A 166 21.83 -45.19 32.64
C ALA A 166 22.90 -44.21 32.18
N ALA A 167 22.64 -42.91 32.33
CA ALA A 167 23.55 -41.89 31.82
C ALA A 167 24.65 -41.52 32.82
N GLY A 168 24.30 -41.36 34.09
CA GLY A 168 25.25 -40.89 35.07
C GLY A 168 26.39 -41.85 35.36
N ILE A 169 26.06 -43.08 35.76
CA ILE A 169 27.04 -44.04 36.24
C ILE A 169 28.19 -44.24 35.25
N PRO A 170 27.93 -44.65 34.00
CA PRO A 170 29.04 -44.95 33.09
C PRO A 170 29.92 -43.75 32.78
N LEU A 171 29.47 -42.52 33.09
CA LEU A 171 30.23 -41.32 32.79
C LEU A 171 31.21 -40.93 33.88
N LYS A 172 31.05 -41.43 35.11
CA LYS A 172 31.89 -40.97 36.22
C LYS A 172 33.36 -41.25 35.97
N PRO A 173 33.79 -42.50 35.71
CA PRO A 173 35.22 -42.73 35.50
C PRO A 173 35.81 -41.89 34.37
N LEU A 174 35.01 -41.57 33.35
CA LEU A 174 35.51 -40.73 32.27
C LEU A 174 35.65 -39.28 32.72
N TYR A 175 34.67 -38.78 33.49
CA TYR A 175 34.70 -37.38 33.88
C TYR A 175 35.90 -37.09 34.78
N GLU A 176 36.25 -38.05 35.64
N GLU A 176 36.25 -38.05 35.65
CA GLU A 176 37.43 -37.90 36.49
CA GLU A 176 37.43 -37.88 36.49
C GLU A 176 38.67 -37.66 35.64
C GLU A 176 38.66 -37.65 35.63
N ASP A 177 38.94 -38.57 34.70
CA ASP A 177 40.13 -38.43 33.86
C ASP A 177 40.08 -37.16 33.03
N PHE A 178 38.88 -36.72 32.64
CA PHE A 178 38.76 -35.47 31.89
C PHE A 178 39.11 -34.28 32.77
N THR A 179 38.55 -34.22 33.98
CA THR A 179 38.89 -33.15 34.91
C THR A 179 40.39 -33.10 35.16
N ALA A 180 41.01 -34.26 35.34
CA ALA A 180 42.44 -34.30 35.63
C ALA A 180 43.25 -33.75 34.47
N LEU A 181 42.83 -34.03 33.24
CA LEU A 181 43.55 -33.56 32.06
C LEU A 181 43.14 -32.14 31.68
N SER A 182 41.88 -31.78 31.90
CA SER A 182 41.45 -30.41 31.61
C SER A 182 42.19 -29.41 32.49
N ASN A 183 42.53 -29.79 33.72
CA ASN A 183 43.20 -28.86 34.62
C ASN A 183 44.70 -28.80 34.34
N GLU A 184 45.34 -29.93 34.06
N GLU A 184 45.33 -29.94 34.06
CA GLU A 184 46.74 -29.90 33.65
CA GLU A 184 46.73 -29.93 33.64
C GLU A 184 46.93 -28.99 32.45
C GLU A 184 46.94 -29.01 32.43
N ALA A 185 45.98 -29.01 31.51
CA ALA A 185 46.11 -28.22 30.30
C ALA A 185 46.07 -26.71 30.59
N TYR A 186 45.05 -26.26 31.30
CA TYR A 186 44.84 -24.82 31.47
C TYR A 186 45.71 -24.21 32.56
N LYS A 187 46.40 -25.02 33.37
CA LYS A 187 47.40 -24.48 34.28
C LYS A 187 48.61 -23.96 33.51
N GLN A 188 49.04 -24.71 32.48
CA GLN A 188 50.10 -24.24 31.61
C GLN A 188 49.78 -22.89 30.97
N ASP A 189 48.51 -22.48 30.99
CA ASP A 189 48.10 -21.19 30.48
C ASP A 189 47.96 -20.14 31.58
N GLY A 190 48.30 -20.49 32.82
CA GLY A 190 48.31 -19.52 33.91
C GLY A 190 47.07 -19.49 34.78
N PHE A 191 46.25 -20.53 34.77
CA PHE A 191 45.02 -20.57 35.54
C PHE A 191 45.11 -21.62 36.64
N THR A 192 44.47 -21.34 37.77
CA THR A 192 44.49 -22.30 38.88
C THR A 192 43.78 -23.59 38.49
N ASP A 193 42.67 -23.49 37.77
CA ASP A 193 41.98 -24.66 37.25
C ASP A 193 41.11 -24.20 36.09
N THR A 194 40.47 -25.18 35.42
CA THR A 194 39.62 -24.86 34.28
C THR A 194 38.52 -23.88 34.67
N GLY A 195 37.94 -24.06 35.86
CA GLY A 195 36.90 -23.15 36.31
C GLY A 195 37.33 -21.70 36.27
N ALA A 196 38.48 -21.40 36.89
CA ALA A 196 39.02 -20.04 36.85
C ALA A 196 39.14 -19.55 35.41
N TYR A 197 39.46 -20.44 34.48
CA TYR A 197 39.53 -20.04 33.08
C TYR A 197 38.15 -19.74 32.52
N TRP A 198 37.17 -20.61 32.80
CA TRP A 198 35.80 -20.33 32.40
C TRP A 198 35.34 -19.00 32.96
N ARG A 199 35.48 -18.81 34.29
CA ARG A 199 35.00 -17.59 34.93
C ARG A 199 35.73 -16.35 34.43
N SER A 200 36.85 -16.50 33.74
CA SER A 200 37.63 -15.35 33.28
C SER A 200 37.05 -14.69 32.03
N TRP A 201 36.06 -15.32 31.39
CA TRP A 201 35.44 -14.72 30.22
C TRP A 201 34.63 -13.48 30.55
N TYR A 202 34.26 -13.30 31.82
CA TYR A 202 33.43 -12.18 32.23
C TYR A 202 34.23 -10.99 32.75
N ASN A 203 35.53 -11.14 32.97
CA ASN A 203 36.40 -10.04 33.38
C ASN A 203 35.80 -9.27 34.54
N SER A 204 35.47 -10.00 35.61
CA SER A 204 34.89 -9.41 36.82
C SER A 204 35.64 -9.97 38.03
N PRO A 205 36.52 -9.19 38.66
CA PRO A 205 37.27 -9.73 39.80
C PRO A 205 36.38 -10.17 40.95
N THR A 206 35.13 -9.74 41.00
CA THR A 206 34.17 -10.14 42.02
C THR A 206 33.00 -10.88 41.39
N PHE A 207 33.29 -11.75 40.41
CA PHE A 207 32.22 -12.39 39.66
C PHE A 207 31.34 -13.26 40.56
N GLU A 208 31.94 -14.18 41.31
CA GLU A 208 31.16 -15.11 42.11
C GLU A 208 30.35 -14.37 43.18
N ASP A 209 30.90 -13.29 43.74
CA ASP A 209 30.14 -12.51 44.71
C ASP A 209 29.02 -11.72 44.04
N ASP A 210 29.23 -11.26 42.81
CA ASP A 210 28.17 -10.58 42.09
C ASP A 210 27.02 -11.54 41.75
N LEU A 211 27.33 -12.81 41.53
CA LEU A 211 26.30 -13.79 41.20
C LEU A 211 25.51 -14.20 42.43
N GLU A 212 26.16 -14.29 43.58
CA GLU A 212 25.45 -14.62 44.81
C GLU A 212 24.53 -13.49 45.25
N HIS A 213 25.01 -12.25 45.15
CA HIS A 213 24.18 -11.11 45.49
C HIS A 213 22.99 -10.99 44.55
N LEU A 214 23.16 -11.40 43.30
CA LEU A 214 22.03 -11.44 42.37
C LEU A 214 20.98 -12.45 42.83
N TYR A 215 21.40 -13.69 43.08
CA TYR A 215 20.43 -14.72 43.44
C TYR A 215 19.80 -14.46 44.80
N GLN A 216 20.54 -13.81 45.71
CA GLN A 216 19.97 -13.48 47.01
C GLN A 216 18.72 -12.62 46.85
N GLN A 217 18.72 -11.70 45.88
CA GLN A 217 17.55 -10.88 45.63
C GLN A 217 16.46 -11.68 44.92
N LEU A 218 16.82 -12.69 44.14
CA LEU A 218 15.86 -13.47 43.39
C LEU A 218 15.24 -14.59 44.21
N GLU A 219 15.92 -15.04 45.27
CA GLU A 219 15.44 -16.21 46.00
C GLU A 219 14.01 -16.07 46.50
N PRO A 220 13.56 -14.92 46.99
CA PRO A 220 12.15 -14.84 47.46
C PRO A 220 11.15 -15.24 46.40
N LEU A 221 11.40 -14.89 45.13
CA LEU A 221 10.47 -15.26 44.07
C LEU A 221 10.40 -16.77 43.90
N TYR A 222 11.54 -17.45 43.98
CA TYR A 222 11.54 -18.89 43.76
C TYR A 222 10.96 -19.63 44.96
N LEU A 223 11.24 -19.16 46.18
CA LEU A 223 10.68 -19.80 47.36
C LEU A 223 9.16 -19.72 47.35
N ASN A 224 8.61 -18.60 46.87
CA ASN A 224 7.16 -18.49 46.73
C ASN A 224 6.64 -19.44 45.66
N LEU A 225 7.19 -19.35 44.44
CA LEU A 225 6.83 -20.30 43.41
C LEU A 225 7.04 -21.73 43.88
N HIS A 226 8.08 -21.96 44.68
CA HIS A 226 8.35 -23.30 45.18
C HIS A 226 7.21 -23.79 46.05
N ALA A 227 6.83 -23.02 47.07
CA ALA A 227 5.75 -23.44 47.97
C ALA A 227 4.43 -23.57 47.22
N PHE A 228 4.06 -22.54 46.46
CA PHE A 228 2.81 -22.57 45.71
C PHE A 228 2.72 -23.84 44.87
N VAL A 229 3.76 -24.13 44.10
CA VAL A 229 3.76 -25.33 43.28
C VAL A 229 3.84 -26.59 44.15
N ARG A 230 4.48 -26.48 45.32
CA ARG A 230 4.57 -27.64 46.20
C ARG A 230 3.21 -27.98 46.80
N ARG A 231 2.40 -26.96 47.09
CA ARG A 231 1.02 -27.21 47.51
C ARG A 231 0.23 -27.88 46.41
N ALA A 232 0.39 -27.42 45.17
CA ALA A 232 -0.30 -28.04 44.04
C ALA A 232 0.06 -29.52 43.94
N LEU A 233 1.34 -29.85 44.17
CA LEU A 233 1.76 -31.24 44.11
C LEU A 233 1.22 -32.03 45.30
N HIS A 234 0.97 -31.35 46.42
CA HIS A 234 0.43 -32.02 47.59
C HIS A 234 -1.00 -32.53 47.34
N ARG A 235 -1.80 -31.75 46.63
CA ARG A 235 -3.17 -32.16 46.34
C ARG A 235 -3.20 -33.36 45.40
N ARG A 236 -2.33 -33.37 44.38
CA ARG A 236 -2.36 -34.42 43.37
C ARG A 236 -1.75 -35.72 43.87
N TYR A 237 -0.71 -35.65 44.71
CA TYR A 237 0.04 -36.84 45.10
C TYR A 237 -0.06 -37.19 46.57
N GLY A 238 -0.58 -36.30 47.42
CA GLY A 238 -0.87 -36.63 48.79
C GLY A 238 0.21 -36.19 49.77
N ASP A 239 0.13 -36.77 50.96
CA ASP A 239 1.05 -36.46 52.04
C ASP A 239 2.21 -37.44 52.15
N ARG A 240 2.03 -38.67 51.69
CA ARG A 240 3.09 -39.68 51.71
C ARG A 240 4.20 -39.40 50.72
N TYR A 241 3.98 -38.48 49.77
CA TYR A 241 4.98 -38.17 48.75
C TYR A 241 5.35 -36.71 48.67
N ILE A 242 4.64 -35.82 49.34
CA ILE A 242 4.90 -34.38 49.27
C ILE A 242 4.94 -33.84 50.70
N ASN A 243 6.13 -33.50 51.18
CA ASN A 243 6.30 -32.87 52.48
C ASN A 243 6.13 -31.37 52.30
N LEU A 244 5.07 -30.81 52.88
CA LEU A 244 4.78 -29.39 52.73
C LEU A 244 5.86 -28.50 53.33
N ARG A 245 6.78 -29.06 54.12
CA ARG A 245 7.90 -28.30 54.67
C ARG A 245 9.25 -28.90 54.28
N GLY A 246 9.26 -29.86 53.37
CA GLY A 246 10.49 -30.47 52.91
C GLY A 246 10.71 -30.24 51.44
N PRO A 247 11.82 -30.77 50.91
CA PRO A 247 12.10 -30.60 49.48
C PRO A 247 11.07 -31.33 48.61
N ILE A 248 10.97 -30.87 47.37
CA ILE A 248 10.07 -31.48 46.39
C ILE A 248 10.81 -32.61 45.68
N PRO A 249 10.26 -33.82 45.60
CA PRO A 249 10.90 -34.86 44.80
C PRO A 249 11.22 -34.35 43.39
N ALA A 250 12.39 -34.75 42.89
CA ALA A 250 12.98 -34.14 41.70
C ALA A 250 12.44 -34.69 40.39
N HIS A 251 11.28 -35.35 40.40
CA HIS A 251 10.71 -35.92 39.19
C HIS A 251 9.25 -35.52 38.98
N LEU A 252 8.72 -34.60 39.80
CA LEU A 252 7.31 -34.23 39.76
C LEU A 252 7.13 -32.79 39.29
N LEU A 253 8.06 -32.28 38.49
CA LEU A 253 8.01 -30.89 38.04
C LEU A 253 7.95 -30.78 36.52
N GLY A 254 7.53 -31.85 35.85
CA GLY A 254 7.35 -31.82 34.40
C GLY A 254 8.64 -31.81 33.60
N ASP A 255 9.79 -31.83 34.26
CA ASP A 255 11.08 -31.77 33.58
C ASP A 255 12.01 -32.79 34.21
N MET A 256 12.88 -33.38 33.38
CA MET A 256 13.81 -34.39 33.87
C MET A 256 14.70 -33.82 34.96
N TRP A 257 15.14 -32.57 34.80
CA TRP A 257 16.06 -31.94 35.74
C TRP A 257 15.39 -30.88 36.61
N ALA A 258 14.08 -30.68 36.47
CA ALA A 258 13.34 -29.63 37.15
C ALA A 258 13.80 -28.23 36.72
N GLN A 259 14.56 -28.13 35.63
CA GLN A 259 14.96 -26.83 35.10
C GLN A 259 13.78 -25.88 35.05
N THR A 260 12.77 -26.23 34.27
CA THR A 260 11.55 -25.44 34.15
C THR A 260 10.36 -26.33 34.47
N TRP A 261 9.33 -25.73 35.05
CA TRP A 261 8.13 -26.45 35.47
C TRP A 261 6.92 -26.03 34.64
N SER A 262 7.11 -25.85 33.34
CA SER A 262 6.02 -25.38 32.50
C SER A 262 5.05 -26.48 32.10
N ASN A 263 5.49 -27.74 32.10
CA ASN A 263 4.61 -28.84 31.74
C ASN A 263 3.75 -29.32 32.89
N ILE A 264 3.80 -28.66 34.05
CA ILE A 264 2.84 -28.86 35.12
C ILE A 264 1.97 -27.62 35.31
N TYR A 265 1.89 -26.77 34.28
CA TYR A 265 1.04 -25.59 34.35
C TYR A 265 -0.42 -25.96 34.55
N ASP A 266 -0.84 -27.13 34.06
CA ASP A 266 -2.21 -27.59 34.26
C ASP A 266 -2.54 -27.87 35.73
N MET A 267 -1.54 -27.84 36.61
CA MET A 267 -1.76 -28.05 38.04
C MET A 267 -1.80 -26.76 38.85
N VAL A 268 -1.23 -25.68 38.33
CA VAL A 268 -1.01 -24.46 39.10
C VAL A 268 -1.70 -23.26 38.46
N VAL A 269 -2.64 -23.49 37.56
CA VAL A 269 -3.32 -22.41 36.85
C VAL A 269 -4.01 -21.51 37.86
N PRO A 270 -3.60 -20.23 38.00
CA PRO A 270 -4.29 -19.35 38.96
C PRO A 270 -5.78 -19.23 38.72
N PHE A 271 -6.23 -19.22 37.47
CA PHE A 271 -7.65 -19.08 37.14
C PHE A 271 -7.96 -19.94 35.93
N PRO A 272 -8.25 -21.23 36.14
CA PRO A 272 -8.53 -22.10 34.99
C PRO A 272 -9.78 -21.71 34.22
N ASP A 273 -10.66 -20.90 34.81
CA ASP A 273 -11.88 -20.50 34.12
C ASP A 273 -11.61 -19.54 32.97
N LYS A 274 -10.40 -18.93 32.91
CA LYS A 274 -10.06 -18.07 31.79
C LYS A 274 -9.37 -18.87 30.69
N PRO A 275 -9.58 -18.52 29.42
CA PRO A 275 -9.08 -19.38 28.34
C PRO A 275 -7.57 -19.29 28.20
N ASN A 276 -6.95 -20.45 27.92
CA ASN A 276 -5.51 -20.49 27.67
C ASN A 276 -5.17 -19.77 26.38
N LEU A 277 -4.14 -18.93 26.42
CA LEU A 277 -3.65 -18.23 25.24
C LEU A 277 -2.91 -19.22 24.34
N ASP A 278 -3.51 -19.55 23.19
CA ASP A 278 -2.90 -20.50 22.25
C ASP A 278 -3.40 -20.18 20.85
N VAL A 279 -2.58 -19.46 20.08
CA VAL A 279 -2.98 -19.05 18.73
C VAL A 279 -2.51 -20.08 17.72
N THR A 280 -2.08 -21.25 18.19
CA THR A 280 -1.62 -22.30 17.28
C THR A 280 -2.68 -22.61 16.24
N SER A 281 -3.92 -22.85 16.68
CA SER A 281 -4.98 -23.22 15.75
C SER A 281 -5.20 -22.13 14.70
N THR A 282 -5.22 -20.87 15.11
CA THR A 282 -5.42 -19.78 14.16
C THR A 282 -4.36 -19.79 13.07
N MET A 283 -3.11 -20.10 13.44
CA MET A 283 -2.02 -20.10 12.46
C MET A 283 -2.28 -21.11 11.36
N LEU A 284 -2.79 -22.29 11.71
CA LEU A 284 -3.07 -23.31 10.71
C LEU A 284 -4.25 -22.90 9.82
N GLN A 285 -5.24 -22.19 10.36
CA GLN A 285 -6.40 -21.81 9.57
C GLN A 285 -6.04 -20.76 8.53
N GLN A 286 -5.12 -19.85 8.87
CA GLN A 286 -4.66 -18.85 7.92
C GLN A 286 -3.62 -19.39 6.96
N GLY A 287 -3.32 -20.69 7.02
CA GLY A 287 -2.44 -21.31 6.06
C GLY A 287 -0.96 -21.10 6.31
N TRP A 288 -0.57 -20.73 7.52
CA TRP A 288 0.83 -20.52 7.82
C TRP A 288 1.60 -21.82 7.73
N GLN A 289 2.66 -21.82 6.94
CA GLN A 289 3.65 -22.87 6.94
C GLN A 289 4.96 -22.31 7.51
N ALA A 290 5.95 -23.19 7.67
CA ALA A 290 7.22 -22.77 8.27
C ALA A 290 7.76 -21.51 7.60
N THR A 291 7.91 -21.55 6.28
CA THR A 291 8.53 -20.44 5.57
C THR A 291 7.88 -19.11 5.92
N HIS A 292 6.55 -19.10 6.09
CA HIS A 292 5.89 -17.85 6.43
C HIS A 292 6.15 -17.45 7.88
N MET A 293 6.36 -18.43 8.77
CA MET A 293 6.70 -18.11 10.15
C MET A 293 8.02 -17.36 10.22
N PHE A 294 8.95 -17.62 9.28
CA PHE A 294 10.23 -16.92 9.27
C PHE A 294 10.10 -15.58 8.57
N ARG A 295 9.30 -15.49 7.51
CA ARG A 295 9.04 -14.19 6.90
C ARG A 295 8.35 -13.25 7.89
N VAL A 296 7.44 -13.78 8.71
CA VAL A 296 6.86 -12.99 9.78
C VAL A 296 7.95 -12.49 10.73
N ALA A 297 8.84 -13.38 11.14
CA ALA A 297 9.90 -13.00 12.06
C ALA A 297 10.82 -11.97 11.43
N GLU A 298 11.26 -12.21 10.20
CA GLU A 298 12.08 -11.23 9.50
C GLU A 298 11.44 -9.86 9.53
N GLU A 299 10.11 -9.80 9.44
CA GLU A 299 9.42 -8.52 9.45
C GLU A 299 9.44 -7.88 10.83
N PHE A 300 9.55 -8.69 11.89
CA PHE A 300 9.67 -8.13 13.24
C PHE A 300 10.92 -7.28 13.36
N PHE A 301 12.02 -7.71 12.73
CA PHE A 301 13.27 -6.97 12.84
C PHE A 301 13.29 -5.76 11.91
N THR A 302 12.80 -5.92 10.68
CA THR A 302 12.77 -4.79 9.76
C THR A 302 11.86 -3.69 10.25
N SER A 303 10.83 -4.04 11.04
CA SER A 303 10.03 -3.01 11.69
C SER A 303 10.87 -2.18 12.65
N LEU A 304 11.86 -2.81 13.29
CA LEU A 304 12.85 -2.12 14.11
C LEU A 304 13.95 -1.50 13.27
N GLU A 305 13.79 -1.46 11.95
CA GLU A 305 14.83 -0.99 11.04
C GLU A 305 16.13 -1.76 11.25
N LEU A 306 16.01 -3.05 11.59
CA LEU A 306 17.15 -3.94 11.66
C LEU A 306 17.31 -4.69 10.34
N SER A 307 18.41 -5.44 10.23
CA SER A 307 18.76 -6.05 8.96
C SER A 307 17.79 -7.20 8.64
N PRO A 308 17.36 -7.32 7.40
CA PRO A 308 16.59 -8.51 6.99
C PRO A 308 17.51 -9.67 6.66
N MET A 309 16.93 -10.86 6.65
CA MET A 309 17.69 -12.06 6.34
C MET A 309 18.28 -11.95 4.93
N PRO A 310 19.59 -12.12 4.77
CA PRO A 310 20.16 -12.05 3.42
C PRO A 310 19.69 -13.22 2.56
N PRO A 311 19.85 -13.12 1.25
CA PRO A 311 19.45 -14.24 0.37
C PRO A 311 20.03 -15.59 0.78
N GLU A 312 21.29 -15.64 1.22
CA GLU A 312 21.88 -16.92 1.59
C GLU A 312 21.13 -17.59 2.73
N PHE A 313 20.56 -16.79 3.64
CA PHE A 313 19.78 -17.37 4.74
C PHE A 313 18.65 -18.24 4.21
N TRP A 314 17.84 -17.69 3.31
CA TRP A 314 16.73 -18.45 2.74
C TRP A 314 17.24 -19.62 1.91
N GLU A 315 18.24 -19.37 1.07
CA GLU A 315 18.77 -20.43 0.21
C GLU A 315 19.25 -21.64 1.01
N GLY A 316 20.06 -21.40 2.04
CA GLY A 316 20.77 -22.47 2.70
C GLY A 316 20.11 -23.05 3.93
N SER A 317 19.28 -22.26 4.61
CA SER A 317 18.71 -22.67 5.89
C SER A 317 17.96 -24.00 5.74
N MET A 318 17.63 -24.59 6.89
CA MET A 318 16.79 -25.78 6.98
C MET A 318 15.64 -25.41 7.89
N LEU A 319 14.57 -24.86 7.29
CA LEU A 319 13.43 -24.37 8.04
C LEU A 319 12.38 -25.46 8.32
N GLU A 320 12.50 -26.61 7.68
CA GLU A 320 11.58 -27.72 7.90
C GLU A 320 12.38 -29.01 7.89
N LYS A 321 11.86 -30.02 8.59
CA LYS A 321 12.49 -31.33 8.56
C LYS A 321 12.53 -31.83 7.11
N PRO A 322 13.67 -32.29 6.61
CA PRO A 322 13.74 -32.69 5.20
C PRO A 322 12.85 -33.88 4.90
N ALA A 323 12.33 -33.90 3.66
CA ALA A 323 11.40 -34.94 3.24
C ALA A 323 12.08 -36.18 2.68
N ASP A 324 13.32 -36.06 2.21
CA ASP A 324 14.00 -37.17 1.56
C ASP A 324 14.62 -38.13 2.57
N GLY A 325 13.87 -38.48 3.61
CA GLY A 325 14.32 -39.43 4.60
C GLY A 325 15.73 -39.20 5.10
N ARG A 326 16.07 -37.96 5.42
CA ARG A 326 17.38 -37.60 5.93
C ARG A 326 17.34 -37.50 7.45
N GLU A 327 18.33 -38.11 8.10
CA GLU A 327 18.49 -37.99 9.55
C GLU A 327 19.11 -36.62 9.86
N VAL A 328 18.42 -35.83 10.68
CA VAL A 328 18.86 -34.48 11.00
C VAL A 328 18.71 -34.24 12.50
N VAL A 329 19.31 -33.15 12.96
CA VAL A 329 19.14 -32.65 14.32
C VAL A 329 18.04 -31.60 14.28
N CYS A 330 17.00 -31.80 15.07
CA CYS A 330 15.82 -30.95 14.97
C CYS A 330 15.84 -29.78 15.93
N HIS A 331 16.55 -29.87 17.04
CA HIS A 331 16.65 -28.77 17.97
C HIS A 331 17.03 -27.49 17.23
N ALA A 332 16.33 -26.40 17.53
CA ALA A 332 16.53 -25.15 16.80
C ALA A 332 17.88 -24.54 17.17
N SER A 333 18.63 -24.10 16.16
CA SER A 333 19.93 -23.50 16.37
C SER A 333 20.21 -22.52 15.24
N ALA A 334 21.09 -21.56 15.51
CA ALA A 334 21.47 -20.53 14.56
C ALA A 334 22.98 -20.59 14.32
N TRP A 335 23.38 -20.56 13.05
CA TRP A 335 24.75 -20.84 12.65
C TRP A 335 25.37 -19.61 11.99
N ASP A 336 26.56 -19.23 12.47
CA ASP A 336 27.39 -18.22 11.83
C ASP A 336 28.60 -18.92 11.25
N PHE A 337 28.76 -18.82 9.93
CA PHE A 337 29.86 -19.47 9.24
C PHE A 337 31.15 -18.67 9.28
N TYR A 338 31.17 -17.52 9.96
CA TYR A 338 32.37 -16.72 10.16
C TYR A 338 33.02 -16.33 8.83
N ASN A 339 32.21 -16.20 7.77
CA ASN A 339 32.68 -15.64 6.51
C ASN A 339 31.86 -14.43 6.11
N ARG A 340 31.00 -13.93 6.99
CA ARG A 340 30.19 -12.73 6.72
C ARG A 340 29.26 -12.93 5.54
N LYS A 341 29.02 -14.18 5.15
CA LYS A 341 28.26 -14.49 3.95
C LYS A 341 27.08 -15.41 4.27
N ASP A 342 27.37 -16.58 4.83
CA ASP A 342 26.38 -17.63 5.03
C ASP A 342 25.93 -17.63 6.49
N PHE A 343 24.70 -17.23 6.73
CA PHE A 343 24.03 -17.36 8.02
C PHE A 343 22.77 -18.18 7.82
N ARG A 344 22.58 -19.20 8.65
CA ARG A 344 21.50 -20.15 8.44
C ARG A 344 20.84 -20.50 9.77
N ILE A 345 19.68 -21.16 9.67
CA ILE A 345 19.00 -21.75 10.82
C ILE A 345 18.62 -23.18 10.49
N LYS A 346 18.86 -24.10 11.42
CA LYS A 346 18.46 -25.49 11.29
C LYS A 346 17.39 -25.76 12.34
N GLN A 347 16.14 -25.92 11.88
CA GLN A 347 15.03 -26.16 12.78
C GLN A 347 13.97 -27.00 12.09
N CYS A 348 13.52 -28.06 12.76
CA CYS A 348 12.36 -28.82 12.31
C CYS A 348 11.10 -28.08 12.75
N THR A 349 10.91 -26.89 12.15
CA THR A 349 9.83 -26.00 12.54
C THR A 349 8.48 -26.69 12.44
N ARG A 350 7.59 -26.34 13.36
CA ARG A 350 6.22 -26.84 13.39
C ARG A 350 5.27 -25.67 13.59
N VAL A 351 4.15 -25.68 12.85
CA VAL A 351 3.23 -24.55 12.85
C VAL A 351 2.51 -24.48 14.19
N THR A 352 3.22 -23.99 15.21
CA THR A 352 2.65 -23.83 16.54
C THR A 352 3.00 -22.45 17.08
N MET A 353 2.36 -22.09 18.19
CA MET A 353 2.63 -20.81 18.83
C MET A 353 4.05 -20.78 19.38
N GLU A 354 4.39 -21.76 20.22
CA GLU A 354 5.74 -21.82 20.78
C GLU A 354 6.79 -21.74 19.69
N GLN A 355 6.60 -22.46 18.59
CA GLN A 355 7.57 -22.45 17.51
C GLN A 355 7.69 -21.07 16.89
N LEU A 356 6.58 -20.34 16.77
CA LEU A 356 6.65 -18.97 16.28
C LEU A 356 7.56 -18.13 17.16
N VAL A 357 7.43 -18.26 18.48
CA VAL A 357 8.32 -17.55 19.39
C VAL A 357 9.76 -18.01 19.20
N VAL A 358 9.96 -19.33 19.12
CA VAL A 358 11.31 -19.87 18.93
C VAL A 358 11.94 -19.29 17.67
N VAL A 359 11.16 -19.17 16.59
CA VAL A 359 11.72 -18.67 15.32
C VAL A 359 12.24 -17.25 15.50
N HIS A 360 11.58 -16.45 16.33
CA HIS A 360 12.08 -15.10 16.59
C HIS A 360 13.35 -15.15 17.44
N HIS A 361 13.34 -15.96 18.50
CA HIS A 361 14.55 -16.16 19.31
C HIS A 361 15.72 -16.53 18.43
N GLU A 362 15.59 -17.62 17.66
CA GLU A 362 16.69 -18.06 16.82
C GLU A 362 17.04 -17.02 15.76
N MET A 363 16.07 -16.23 15.31
CA MET A 363 16.39 -15.16 14.38
C MET A 363 17.11 -14.00 15.06
N GLY A 364 16.93 -13.85 16.37
CA GLY A 364 17.75 -12.92 17.11
C GLY A 364 19.23 -13.27 17.05
N HIS A 365 19.55 -14.55 17.28
CA HIS A 365 20.91 -15.02 17.09
C HIS A 365 21.43 -14.63 15.71
N ILE A 366 20.57 -14.64 14.70
CA ILE A 366 20.99 -14.28 13.35
C ILE A 366 21.22 -12.78 13.25
N GLN A 367 20.23 -11.98 13.66
CA GLN A 367 20.39 -10.54 13.64
C GLN A 367 21.67 -10.12 14.34
N TYR A 368 21.99 -10.79 15.45
CA TYR A 368 23.27 -10.55 16.12
C TYR A 368 24.43 -10.77 15.16
N PHE A 369 24.51 -11.98 14.58
CA PHE A 369 25.55 -12.28 13.59
C PHE A 369 25.66 -11.16 12.56
N LEU A 370 24.54 -10.85 11.91
CA LEU A 370 24.55 -9.88 10.82
C LEU A 370 25.12 -8.53 11.26
N GLN A 371 24.83 -8.13 12.50
CA GLN A 371 25.20 -6.80 12.96
C GLN A 371 26.70 -6.67 13.24
N TYR A 372 27.38 -7.76 13.62
CA TYR A 372 28.80 -7.69 13.95
C TYR A 372 29.68 -8.46 12.98
N LYS A 373 29.18 -8.75 11.78
CA LYS A 373 29.97 -9.55 10.83
C LYS A 373 31.14 -8.78 10.25
N ASP A 374 31.14 -7.45 10.35
CA ASP A 374 32.27 -6.66 9.85
C ASP A 374 33.42 -6.58 10.84
N LEU A 375 33.30 -7.21 12.01
CA LEU A 375 34.38 -7.24 12.99
C LEU A 375 35.32 -8.40 12.71
N PRO A 376 36.53 -8.37 13.27
CA PRO A 376 37.39 -9.55 13.21
C PRO A 376 36.70 -10.76 13.83
N VAL A 377 37.02 -11.94 13.29
CA VAL A 377 36.36 -13.17 13.73
C VAL A 377 36.44 -13.31 15.24
N SER A 378 37.57 -12.91 15.83
CA SER A 378 37.73 -13.05 17.28
C SER A 378 36.71 -12.23 18.05
N LEU A 379 36.10 -11.22 17.42
CA LEU A 379 35.12 -10.37 18.06
C LEU A 379 33.71 -10.62 17.55
N ARG A 380 33.51 -11.64 16.72
CA ARG A 380 32.17 -12.06 16.30
C ARG A 380 31.56 -12.99 17.36
N GLU A 381 31.45 -12.45 18.57
CA GLU A 381 30.84 -13.14 19.69
C GLU A 381 30.04 -12.12 20.49
N GLY A 382 29.17 -12.63 21.36
CA GLY A 382 28.43 -11.75 22.24
C GLY A 382 29.35 -10.98 23.18
N ALA A 383 28.79 -9.94 23.79
CA ALA A 383 29.58 -9.13 24.72
C ALA A 383 30.18 -10.00 25.81
N ASN A 384 29.41 -10.94 26.34
CA ASN A 384 29.93 -12.00 27.18
C ASN A 384 29.14 -13.27 26.86
N PRO A 385 29.56 -14.44 27.35
CA PRO A 385 28.86 -15.69 26.98
C PRO A 385 27.37 -15.69 27.22
N GLY A 386 26.83 -14.73 28.00
CA GLY A 386 25.42 -14.74 28.33
C GLY A 386 24.60 -13.70 27.59
N PHE A 387 25.09 -13.22 26.45
CA PHE A 387 24.38 -12.18 25.70
C PHE A 387 23.47 -12.77 24.63
N HIS A 388 23.98 -13.72 23.83
CA HIS A 388 23.18 -14.29 22.75
C HIS A 388 21.84 -14.78 23.26
N GLU A 389 21.84 -15.59 24.32
CA GLU A 389 20.58 -16.09 24.87
C GLU A 389 19.75 -14.97 25.49
N ALA A 390 20.38 -13.86 25.88
CA ALA A 390 19.61 -12.73 26.39
C ALA A 390 18.94 -11.96 25.25
N ILE A 391 19.58 -11.88 24.09
CA ILE A 391 18.98 -11.20 22.95
C ILE A 391 17.85 -12.02 22.38
N GLY A 392 18.04 -13.33 22.25
CA GLY A 392 16.98 -14.18 21.75
C GLY A 392 15.74 -14.15 22.62
N ASP A 393 15.94 -14.11 23.94
CA ASP A 393 14.80 -14.20 24.84
C ASP A 393 14.10 -12.85 25.02
N VAL A 394 14.85 -11.75 25.04
CA VAL A 394 14.21 -10.44 25.18
C VAL A 394 13.27 -10.19 24.01
N LEU A 395 13.66 -10.63 22.81
CA LEU A 395 12.75 -10.56 21.68
C LEU A 395 11.51 -11.41 21.91
N ALA A 396 11.72 -12.66 22.35
CA ALA A 396 10.59 -13.53 22.66
C ALA A 396 9.74 -12.98 23.79
N LEU A 397 10.26 -12.03 24.58
CA LEU A 397 9.45 -11.40 25.62
C LEU A 397 8.39 -10.48 25.00
N SER A 398 8.65 -9.97 23.80
CA SER A 398 7.67 -9.14 23.10
C SER A 398 6.75 -9.98 22.22
N VAL A 399 7.32 -10.97 21.51
CA VAL A 399 6.55 -11.77 20.57
C VAL A 399 5.56 -12.69 21.28
N SER A 400 5.81 -13.02 22.55
CA SER A 400 4.93 -13.93 23.27
C SER A 400 3.76 -13.22 23.93
N THR A 401 3.73 -11.90 23.92
CA THR A 401 2.62 -11.17 24.53
C THR A 401 1.42 -11.16 23.59
N PRO A 402 0.19 -11.29 24.13
CA PRO A 402 -0.98 -11.20 23.25
C PRO A 402 -1.06 -9.89 22.51
N GLU A 403 -0.53 -8.81 23.09
CA GLU A 403 -0.50 -7.52 22.39
C GLU A 403 0.14 -7.66 21.02
N HIS A 404 1.26 -8.38 20.94
CA HIS A 404 1.94 -8.55 19.66
C HIS A 404 1.17 -9.50 18.75
N LEU A 405 0.77 -10.65 19.29
CA LEU A 405 0.04 -11.62 18.48
C LEU A 405 -1.22 -11.01 17.88
N HIS A 406 -1.82 -10.03 18.56
CA HIS A 406 -2.97 -9.33 18.01
C HIS A 406 -2.56 -8.45 16.83
N LYS A 407 -1.40 -7.80 16.93
CA LYS A 407 -0.96 -6.87 15.89
C LYS A 407 -0.52 -7.57 14.62
N ILE A 408 -0.08 -8.83 14.71
CA ILE A 408 0.25 -9.61 13.53
C ILE A 408 -0.91 -10.52 13.11
N GLY A 409 -2.13 -10.19 13.53
CA GLY A 409 -3.31 -10.86 13.04
C GLY A 409 -3.48 -12.30 13.52
N LEU A 410 -3.10 -12.59 14.75
CA LEU A 410 -3.25 -13.93 15.31
C LEU A 410 -4.12 -13.96 16.56
N LEU A 411 -4.57 -12.81 17.06
CA LEU A 411 -5.44 -12.76 18.24
C LEU A 411 -6.43 -11.62 18.03
N ASP A 412 -7.67 -11.98 17.67
CA ASP A 412 -8.67 -10.99 17.30
C ASP A 412 -8.90 -9.98 18.43
N ARG A 413 -9.23 -10.47 19.62
CA ARG A 413 -9.48 -9.60 20.77
C ARG A 413 -8.41 -9.83 21.83
N VAL A 414 -7.99 -8.75 22.48
CA VAL A 414 -6.99 -8.79 23.53
C VAL A 414 -7.71 -8.54 24.85
N THR A 415 -7.91 -9.60 25.64
CA THR A 415 -8.55 -9.46 26.93
C THR A 415 -7.75 -8.50 27.81
N ASN A 416 -8.45 -7.91 28.79
CA ASN A 416 -7.85 -6.91 29.66
C ASN A 416 -8.01 -7.22 31.15
N ASP A 417 -8.63 -8.35 31.49
CA ASP A 417 -8.77 -8.72 32.89
C ASP A 417 -7.42 -9.07 33.50
N THR A 418 -7.25 -8.74 34.77
CA THR A 418 -5.99 -9.03 35.45
C THR A 418 -5.83 -10.52 35.72
N GLU A 419 -6.94 -11.25 35.88
CA GLU A 419 -6.87 -12.69 36.08
C GLU A 419 -6.07 -13.35 34.95
N SER A 420 -6.30 -12.92 33.71
CA SER A 420 -5.55 -13.46 32.58
C SER A 420 -4.10 -12.99 32.59
N ASP A 421 -3.83 -11.81 33.16
CA ASP A 421 -2.45 -11.36 33.29
C ASP A 421 -1.68 -12.19 34.30
N ILE A 422 -2.38 -12.73 35.31
CA ILE A 422 -1.73 -13.59 36.29
C ILE A 422 -1.41 -14.96 35.70
N ASN A 423 -2.28 -15.46 34.80
CA ASN A 423 -2.01 -16.74 34.16
C ASN A 423 -0.81 -16.64 33.23
N TYR A 424 -0.66 -15.51 32.53
CA TYR A 424 0.47 -15.34 31.62
C TYR A 424 1.78 -15.27 32.38
N LEU A 425 1.83 -14.45 33.43
CA LEU A 425 3.06 -14.33 34.23
C LEU A 425 3.39 -15.66 34.91
N LEU A 426 2.39 -16.32 35.49
CA LEU A 426 2.63 -17.61 36.13
C LEU A 426 3.25 -18.59 35.14
N LYS A 427 2.67 -18.69 33.94
CA LYS A 427 3.25 -19.55 32.91
C LYS A 427 4.68 -19.14 32.60
N MET A 428 4.94 -17.82 32.58
CA MET A 428 6.31 -17.34 32.40
C MET A 428 7.19 -17.75 33.57
N ALA A 429 6.74 -17.47 34.80
CA ALA A 429 7.54 -17.79 35.98
C ALA A 429 7.93 -19.26 36.01
N LEU A 430 7.07 -20.16 35.52
CA LEU A 430 7.42 -21.57 35.48
C LEU A 430 8.59 -21.85 34.54
N ASP A 431 9.00 -20.86 33.75
CA ASP A 431 10.20 -20.97 32.92
C ASP A 431 11.33 -20.08 33.40
N LYS A 432 11.06 -18.79 33.62
CA LYS A 432 12.12 -17.85 33.96
C LYS A 432 12.51 -17.90 35.44
N ILE A 433 11.56 -18.22 36.32
CA ILE A 433 11.84 -18.20 37.75
C ILE A 433 12.33 -19.56 38.25
N ALA A 434 11.74 -20.65 37.77
CA ALA A 434 12.12 -21.97 38.25
C ALA A 434 13.52 -22.37 37.82
N PHE A 435 14.04 -21.77 36.74
CA PHE A 435 15.32 -22.17 36.19
C PHE A 435 16.49 -21.48 36.88
N LEU A 436 16.27 -20.29 37.45
CA LEU A 436 17.33 -19.51 38.08
C LEU A 436 18.19 -20.36 39.02
N PRO A 437 17.60 -21.05 40.00
CA PRO A 437 18.44 -21.87 40.89
C PRO A 437 19.25 -22.92 40.17
N PHE A 438 18.75 -23.45 39.05
CA PHE A 438 19.49 -24.48 38.34
C PHE A 438 20.62 -23.89 37.52
N GLY A 439 20.32 -22.88 36.69
CA GLY A 439 21.38 -22.20 35.95
C GLY A 439 22.49 -21.71 36.84
N TYR A 440 22.17 -21.39 38.09
CA TYR A 440 23.19 -20.93 39.03
C TYR A 440 24.08 -22.07 39.50
N LEU A 441 23.48 -23.24 39.78
CA LEU A 441 24.20 -24.29 40.50
C LEU A 441 25.07 -25.16 39.59
N VAL A 442 24.65 -25.38 38.34
CA VAL A 442 25.33 -26.35 37.49
C VAL A 442 26.83 -26.07 37.45
N ASP A 443 27.20 -24.82 37.20
CA ASP A 443 28.62 -24.47 37.14
C ASP A 443 29.25 -24.36 38.52
N GLN A 444 28.46 -24.03 39.55
CA GLN A 444 28.99 -24.08 40.91
C GLN A 444 29.51 -25.48 41.22
N TRP A 445 28.77 -26.51 40.82
CA TRP A 445 29.24 -27.87 41.04
C TRP A 445 30.53 -28.14 40.28
N ARG A 446 30.58 -27.72 39.01
CA ARG A 446 31.79 -27.94 38.21
C ARG A 446 32.95 -27.11 38.73
N TRP A 447 32.68 -25.86 39.15
CA TRP A 447 33.74 -25.06 39.76
C TRP A 447 34.35 -25.78 40.96
N GLY A 448 33.55 -26.56 41.70
CA GLY A 448 34.08 -27.30 42.82
C GLY A 448 34.90 -28.50 42.41
N VAL A 449 34.47 -29.20 41.36
CA VAL A 449 35.24 -30.33 40.85
C VAL A 449 36.55 -29.86 40.24
N PHE A 450 36.51 -28.75 39.49
CA PHE A 450 37.71 -28.24 38.85
C PHE A 450 38.71 -27.75 39.90
N SER A 451 38.23 -27.13 40.97
CA SER A 451 39.12 -26.59 42.00
C SER A 451 39.65 -27.69 42.91
N GLY A 452 38.95 -28.81 43.04
CA GLY A 452 39.35 -29.91 43.89
C GLY A 452 38.50 -30.06 45.14
N ARG A 453 37.75 -29.03 45.53
CA ARG A 453 36.91 -29.13 46.70
C ARG A 453 35.94 -30.30 46.62
N THR A 454 35.65 -30.78 45.41
CA THR A 454 34.70 -31.87 45.17
C THR A 454 35.45 -33.00 44.49
N PRO A 455 36.21 -33.80 45.24
CA PRO A 455 36.90 -34.94 44.64
C PRO A 455 35.92 -35.99 44.16
N PRO A 456 36.37 -36.92 43.31
CA PRO A 456 35.45 -37.96 42.82
C PRO A 456 34.70 -38.70 43.92
N SER A 457 35.26 -38.71 45.13
CA SER A 457 34.60 -39.37 46.25
C SER A 457 33.39 -38.61 46.76
N ARG A 458 33.08 -37.44 46.20
CA ARG A 458 31.92 -36.66 46.66
C ARG A 458 31.28 -35.93 45.47
N TYR A 459 31.13 -36.64 44.35
CA TYR A 459 30.48 -36.05 43.18
C TYR A 459 28.98 -35.86 43.42
N ASN A 460 28.31 -36.91 43.89
CA ASN A 460 26.86 -36.85 44.06
C ASN A 460 26.47 -36.17 45.37
N PHE A 461 27.33 -36.22 46.38
CA PHE A 461 27.05 -35.55 47.63
C PHE A 461 26.98 -34.04 47.44
N ASP A 462 28.02 -33.45 46.83
CA ASP A 462 28.00 -32.02 46.56
C ASP A 462 26.97 -31.66 45.48
N TRP A 463 26.73 -32.58 44.54
CA TRP A 463 25.71 -32.33 43.53
C TRP A 463 24.34 -32.14 44.16
N TRP A 464 23.91 -33.11 44.99
CA TRP A 464 22.59 -33.00 45.61
C TRP A 464 22.57 -31.95 46.70
N TYR A 465 23.71 -31.68 47.34
CA TYR A 465 23.78 -30.57 48.30
C TYR A 465 23.34 -29.27 47.63
N LEU A 466 23.86 -29.00 46.43
CA LEU A 466 23.45 -27.81 45.70
C LEU A 466 21.99 -27.90 45.26
N ARG A 467 21.60 -29.05 44.72
CA ARG A 467 20.23 -29.22 44.24
C ARG A 467 19.22 -28.98 45.36
N THR A 468 19.54 -29.45 46.57
CA THR A 468 18.65 -29.21 47.70
C THR A 468 18.81 -27.80 48.26
N LYS A 469 19.98 -27.18 48.08
CA LYS A 469 20.22 -25.86 48.64
C LYS A 469 19.55 -24.77 47.82
N TYR A 470 19.43 -24.94 46.51
CA TYR A 470 18.88 -23.92 45.63
C TYR A 470 17.51 -24.29 45.07
N GLN A 471 17.40 -25.43 44.39
CA GLN A 471 16.12 -25.82 43.81
C GLN A 471 15.13 -26.32 44.85
N GLY A 472 15.56 -26.58 46.08
CA GLY A 472 14.67 -27.15 47.06
C GLY A 472 14.06 -28.45 46.61
N ILE A 473 14.85 -29.31 45.98
CA ILE A 473 14.39 -30.61 45.52
C ILE A 473 15.24 -31.69 46.18
N CYS A 474 14.82 -32.95 46.01
CA CYS A 474 15.50 -34.08 46.61
C CYS A 474 15.31 -35.29 45.71
N PRO A 475 16.24 -36.24 45.74
CA PRO A 475 16.11 -37.43 44.90
C PRO A 475 14.96 -38.31 45.36
N PRO A 476 14.04 -38.69 44.47
CA PRO A 476 12.92 -39.54 44.89
C PRO A 476 13.33 -40.97 45.22
N VAL A 477 14.59 -41.35 44.98
CA VAL A 477 15.15 -42.61 45.44
C VAL A 477 16.46 -42.30 46.14
N THR A 478 16.91 -43.23 46.97
CA THR A 478 18.17 -43.05 47.67
C THR A 478 19.32 -43.10 46.68
N ARG A 479 20.33 -42.26 46.91
CA ARG A 479 21.49 -42.14 46.04
C ARG A 479 22.76 -42.27 46.87
N ASN A 480 23.72 -43.04 46.36
CA ASN A 480 25.06 -43.08 46.93
C ASN A 480 26.08 -42.72 45.85
N GLU A 481 27.36 -42.92 46.15
CA GLU A 481 28.42 -42.34 45.33
C GLU A 481 28.77 -43.17 44.10
N THR A 482 28.14 -44.32 43.89
CA THR A 482 28.25 -44.98 42.59
C THR A 482 27.45 -44.26 41.53
N HIS A 483 26.47 -43.45 41.94
CA HIS A 483 25.68 -42.65 41.02
C HIS A 483 26.40 -41.34 40.73
N PHE A 484 26.25 -40.86 39.51
CA PHE A 484 26.87 -39.61 39.06
C PHE A 484 25.76 -38.77 38.40
N ASP A 485 24.80 -38.34 39.22
CA ASP A 485 23.63 -37.66 38.70
C ASP A 485 23.95 -36.36 37.99
N ALA A 486 25.09 -35.73 38.31
CA ALA A 486 25.47 -34.52 37.61
C ALA A 486 25.76 -34.78 36.14
N GLY A 487 26.18 -36.01 35.80
CA GLY A 487 26.48 -36.36 34.43
C GLY A 487 25.26 -36.69 33.59
N ALA A 488 24.09 -36.86 34.20
CA ALA A 488 22.86 -37.14 33.46
C ALA A 488 22.31 -35.90 32.76
N LYS A 489 22.88 -34.73 33.00
CA LYS A 489 22.48 -33.50 32.32
C LYS A 489 23.45 -33.23 31.18
N PHE A 490 22.89 -33.01 29.98
CA PHE A 490 23.67 -32.91 28.76
C PHE A 490 24.97 -32.10 28.93
N HIS A 491 24.86 -30.89 29.45
CA HIS A 491 25.99 -29.95 29.41
C HIS A 491 27.19 -30.41 30.21
N VAL A 492 27.07 -31.48 31.01
CA VAL A 492 28.19 -31.92 31.83
C VAL A 492 29.10 -32.82 31.00
N PRO A 493 28.65 -34.00 30.55
CA PRO A 493 29.54 -34.85 29.74
C PRO A 493 29.96 -34.21 28.43
N ASN A 494 29.21 -33.21 27.95
CA ASN A 494 29.57 -32.51 26.72
C ASN A 494 30.41 -31.27 26.97
N VAL A 495 30.70 -30.95 28.24
CA VAL A 495 31.56 -29.84 28.59
C VAL A 495 31.06 -28.56 27.95
N THR A 496 29.93 -28.05 28.45
CA THR A 496 29.33 -26.81 27.94
C THR A 496 29.07 -25.90 29.13
N PRO A 497 29.69 -24.72 29.19
CA PRO A 497 29.46 -23.83 30.33
C PRO A 497 27.98 -23.54 30.49
N TYR A 498 27.57 -23.32 31.74
CA TYR A 498 26.16 -23.14 32.09
C TYR A 498 25.85 -21.81 32.74
N ILE A 499 26.81 -21.18 33.42
CA ILE A 499 26.53 -19.95 34.14
C ILE A 499 26.00 -18.88 33.19
N ARG A 500 26.35 -18.97 31.91
CA ARG A 500 25.85 -18.01 30.92
C ARG A 500 24.33 -17.99 30.87
N TYR A 501 23.69 -19.15 31.07
CA TYR A 501 22.24 -19.22 30.96
C TYR A 501 21.56 -18.57 32.16
N PHE A 502 22.17 -18.66 33.34
CA PHE A 502 21.70 -17.87 34.48
C PHE A 502 21.94 -16.39 34.25
N VAL A 503 22.96 -16.04 33.47
CA VAL A 503 23.28 -14.64 33.21
C VAL A 503 22.29 -14.05 32.22
N SER A 504 22.01 -14.76 31.13
CA SER A 504 21.07 -14.26 30.13
C SER A 504 19.69 -14.05 30.75
N PHE A 505 19.27 -14.96 31.63
CA PHE A 505 18.00 -14.81 32.31
C PHE A 505 17.93 -13.46 33.04
N VAL A 506 19.00 -13.10 33.74
CA VAL A 506 19.05 -11.78 34.36
C VAL A 506 19.16 -10.69 33.32
N LEU A 507 20.04 -10.89 32.32
CA LEU A 507 20.32 -9.85 31.35
C LEU A 507 19.07 -9.47 30.56
N GLN A 508 18.32 -10.46 30.07
CA GLN A 508 17.20 -10.18 29.18
C GLN A 508 16.25 -9.17 29.79
N PHE A 509 15.79 -9.42 31.01
CA PHE A 509 14.86 -8.49 31.65
C PHE A 509 15.47 -7.11 31.85
N GLN A 510 16.81 -7.02 31.92
CA GLN A 510 17.45 -5.71 31.85
C GLN A 510 17.35 -5.14 30.44
N PHE A 511 17.55 -5.98 29.43
CA PHE A 511 17.37 -5.54 28.05
C PHE A 511 15.93 -5.11 27.80
N HIS A 512 14.98 -5.83 28.40
CA HIS A 512 13.56 -5.54 28.18
C HIS A 512 13.19 -4.18 28.75
N GLU A 513 13.48 -3.97 30.04
CA GLU A 513 13.19 -2.68 30.66
C GLU A 513 13.71 -1.53 29.82
N ALA A 514 14.95 -1.64 29.36
CA ALA A 514 15.55 -0.56 28.57
C ALA A 514 14.84 -0.40 27.22
N LEU A 515 14.70 -1.49 26.47
CA LEU A 515 14.10 -1.39 25.15
C LEU A 515 12.66 -0.91 25.21
N CYS A 516 11.91 -1.28 26.25
CA CYS A 516 10.54 -0.81 26.39
C CYS A 516 10.49 0.68 26.71
N LYS A 517 11.35 1.14 27.62
CA LYS A 517 11.43 2.56 27.91
C LYS A 517 11.85 3.33 26.66
N GLU A 518 12.88 2.85 25.97
CA GLU A 518 13.34 3.52 24.75
C GLU A 518 12.22 3.60 23.71
N ALA A 519 11.37 2.57 23.65
CA ALA A 519 10.25 2.56 22.72
C ALA A 519 9.09 3.45 23.16
N GLY A 520 9.20 4.09 24.32
CA GLY A 520 8.15 4.97 24.81
C GLY A 520 7.01 4.27 25.51
N TYR A 521 7.06 2.94 25.65
CA TYR A 521 5.96 2.21 26.26
C TYR A 521 5.75 2.63 27.71
N GLU A 522 4.50 2.57 28.13
CA GLU A 522 4.13 2.83 29.51
C GLU A 522 3.01 1.88 29.92
N GLY A 523 3.15 1.29 31.11
CA GLY A 523 2.21 0.32 31.59
C GLY A 523 2.91 -0.89 32.17
N PRO A 524 2.18 -1.98 32.39
CA PRO A 524 2.81 -3.20 32.89
C PRO A 524 3.90 -3.68 31.96
N LEU A 525 5.07 -3.99 32.52
CA LEU A 525 6.23 -4.35 31.72
C LEU A 525 5.96 -5.60 30.89
N HIS A 526 5.33 -6.61 31.49
CA HIS A 526 5.09 -7.86 30.77
C HIS A 526 4.18 -7.67 29.56
N GLN A 527 3.41 -6.58 29.52
CA GLN A 527 2.56 -6.26 28.38
C GLN A 527 3.26 -5.31 27.40
N CYS A 528 4.59 -5.27 27.40
CA CYS A 528 5.33 -4.42 26.49
C CYS A 528 5.68 -5.17 25.21
N ASP A 529 5.67 -4.45 24.10
CA ASP A 529 5.99 -5.02 22.79
C ASP A 529 6.76 -3.95 22.00
N ILE A 530 8.05 -4.22 21.77
CA ILE A 530 8.92 -3.25 21.09
C ILE A 530 8.63 -3.23 19.60
N TYR A 531 7.69 -4.05 19.14
CA TYR A 531 7.34 -4.12 17.72
C TYR A 531 7.18 -2.72 17.14
N ARG A 532 7.79 -2.51 15.97
CA ARG A 532 7.68 -1.24 15.25
C ARG A 532 8.21 -0.06 16.04
N SER A 533 9.23 -0.28 16.86
CA SER A 533 9.90 0.77 17.61
C SER A 533 11.29 0.97 17.00
N THR A 534 11.45 2.05 16.23
CA THR A 534 12.74 2.31 15.61
C THR A 534 13.76 2.83 16.62
N LYS A 535 13.30 3.46 17.71
CA LYS A 535 14.23 3.85 18.75
C LYS A 535 14.71 2.65 19.55
N ALA A 536 13.85 1.65 19.74
CA ALA A 536 14.29 0.41 20.38
C ALA A 536 15.31 -0.32 19.51
N GLY A 537 15.10 -0.31 18.19
CA GLY A 537 16.03 -1.00 17.30
C GLY A 537 17.41 -0.40 17.33
N ALA A 538 17.49 0.94 17.25
CA ALA A 538 18.80 1.60 17.28
C ALA A 538 19.57 1.23 18.54
N LYS A 539 18.87 1.10 19.66
CA LYS A 539 19.53 0.66 20.90
C LYS A 539 20.05 -0.76 20.75
N LEU A 540 19.24 -1.66 20.18
CA LEU A 540 19.71 -3.01 19.89
C LEU A 540 20.89 -2.98 18.92
N ARG A 541 20.77 -2.18 17.86
CA ARG A 541 21.83 -2.14 16.85
C ARG A 541 23.16 -1.73 17.46
N LYS A 542 23.14 -0.91 18.51
CA LYS A 542 24.36 -0.55 19.20
C LYS A 542 24.98 -1.76 19.89
N VAL A 543 24.17 -2.49 20.65
CA VAL A 543 24.67 -3.66 21.37
C VAL A 543 25.08 -4.76 20.41
N LEU A 544 24.24 -5.04 19.41
CA LEU A 544 24.46 -6.20 18.55
C LEU A 544 25.74 -6.04 17.73
N ARG A 545 25.99 -4.84 17.22
CA ARG A 545 27.15 -4.61 16.36
C ARG A 545 28.45 -4.48 17.13
N ALA A 546 28.38 -4.35 18.47
CA ALA A 546 29.60 -4.27 19.26
C ALA A 546 30.28 -5.63 19.37
N GLY A 547 29.49 -6.69 19.51
CA GLY A 547 30.08 -8.01 19.71
C GLY A 547 30.87 -8.02 21.02
N SER A 548 32.09 -8.53 20.95
CA SER A 548 33.01 -8.49 22.08
C SER A 548 34.10 -7.44 21.90
N SER A 549 33.95 -6.54 20.94
CA SER A 549 34.95 -5.50 20.71
C SER A 549 35.00 -4.47 21.83
N ARG A 550 34.20 -4.62 22.88
CA ARG A 550 34.20 -3.70 24.01
C ARG A 550 33.88 -4.49 25.26
N PRO A 551 34.20 -3.94 26.44
CA PRO A 551 33.80 -4.60 27.69
C PRO A 551 32.28 -4.71 27.78
N TRP A 552 31.80 -5.89 28.16
CA TRP A 552 30.36 -6.10 28.22
C TRP A 552 29.70 -5.15 29.22
N GLN A 553 30.44 -4.73 30.24
CA GLN A 553 29.89 -3.74 31.18
C GLN A 553 29.65 -2.40 30.49
N GLU A 554 30.54 -1.99 29.59
CA GLU A 554 30.35 -0.75 28.85
C GLU A 554 29.10 -0.83 27.99
N VAL A 555 29.03 -1.86 27.14
CA VAL A 555 27.86 -2.01 26.27
C VAL A 555 26.58 -1.99 27.10
N LEU A 556 26.53 -2.82 28.14
CA LEU A 556 25.34 -2.88 28.99
C LEU A 556 25.01 -1.50 29.56
N LYS A 557 26.03 -0.75 29.98
CA LYS A 557 25.79 0.59 30.52
C LYS A 557 25.23 1.52 29.44
N ASP A 558 25.85 1.52 28.26
CA ASP A 558 25.34 2.34 27.16
C ASP A 558 23.89 2.02 26.85
N MET A 559 23.51 0.75 26.99
CA MET A 559 22.16 0.30 26.65
C MET A 559 21.20 0.45 27.83
N VAL A 560 21.62 -0.01 29.01
CA VAL A 560 20.75 -0.05 30.18
C VAL A 560 21.05 1.06 31.19
N GLY A 561 22.17 1.76 31.04
CA GLY A 561 22.56 2.77 31.99
C GLY A 561 23.30 2.26 33.20
N LEU A 562 23.40 0.95 33.37
CA LEU A 562 24.06 0.33 34.51
C LEU A 562 25.17 -0.58 34.02
N ASP A 563 26.28 -0.59 34.75
CA ASP A 563 27.48 -1.31 34.33
C ASP A 563 27.60 -2.69 34.96
N ALA A 564 26.50 -3.23 35.49
CA ALA A 564 26.54 -4.52 36.17
C ALA A 564 25.20 -5.22 36.00
N LEU A 565 25.18 -6.50 36.36
CA LEU A 565 23.94 -7.25 36.41
C LEU A 565 23.07 -6.74 37.55
N ASP A 566 21.77 -6.62 37.29
CA ASP A 566 20.83 -6.18 38.30
C ASP A 566 19.53 -6.96 38.13
N ALA A 567 19.08 -7.58 39.21
CA ALA A 567 17.89 -8.42 39.17
C ALA A 567 16.59 -7.63 39.29
N GLN A 568 16.67 -6.31 39.50
CA GLN A 568 15.46 -5.53 39.76
C GLN A 568 14.55 -5.50 38.54
N PRO A 569 15.05 -5.30 37.32
CA PRO A 569 14.15 -5.35 36.16
C PRO A 569 13.38 -6.66 36.07
N LEU A 570 14.00 -7.78 36.44
CA LEU A 570 13.28 -9.06 36.43
C LEU A 570 12.19 -9.08 37.50
N LEU A 571 12.50 -8.61 38.71
CA LEU A 571 11.50 -8.56 39.76
C LEU A 571 10.34 -7.64 39.38
N LYS A 572 10.66 -6.46 38.83
CA LYS A 572 9.63 -5.54 38.39
C LYS A 572 8.72 -6.19 37.35
N TYR A 573 9.29 -7.01 36.47
CA TYR A 573 8.49 -7.72 35.48
C TYR A 573 7.45 -8.60 36.16
N PHE A 574 7.89 -9.52 37.03
CA PHE A 574 7.00 -10.43 37.72
C PHE A 574 6.38 -9.83 38.98
N GLN A 575 6.28 -8.51 39.05
CA GLN A 575 5.82 -7.87 40.28
C GLN A 575 4.41 -8.30 40.65
N LEU A 576 3.52 -8.42 39.66
CA LEU A 576 2.12 -8.73 39.94
C LEU A 576 1.97 -10.16 40.47
N VAL A 577 2.50 -11.15 39.73
CA VAL A 577 2.35 -12.53 40.15
C VAL A 577 3.16 -12.83 41.40
N THR A 578 4.17 -12.02 41.72
CA THR A 578 4.91 -12.20 42.95
C THR A 578 4.06 -11.88 44.16
N GLN A 579 3.38 -10.73 44.14
CA GLN A 579 2.47 -10.39 45.23
C GLN A 579 1.33 -11.39 45.33
N TRP A 580 0.78 -11.82 44.18
CA TRP A 580 -0.32 -12.78 44.18
C TRP A 580 0.12 -14.12 44.77
N LEU A 581 1.39 -14.49 44.59
CA LEU A 581 1.86 -15.75 45.16
C LEU A 581 2.08 -15.63 46.67
N GLN A 582 2.54 -14.47 47.13
CA GLN A 582 2.68 -14.26 48.57
C GLN A 582 1.33 -14.32 49.26
N GLU A 583 0.29 -13.79 48.62
CA GLU A 583 -1.04 -13.82 49.21
C GLU A 583 -1.58 -15.25 49.27
N GLN A 584 -1.37 -16.04 48.22
CA GLN A 584 -1.82 -17.42 48.24
C GLN A 584 -1.05 -18.23 49.28
N ASN A 585 0.25 -17.99 49.40
CA ASN A 585 1.05 -18.76 50.35
C ASN A 585 0.71 -18.41 51.79
N GLN A 586 0.32 -17.16 52.05
CA GLN A 586 -0.04 -16.77 53.42
C GLN A 586 -1.45 -17.23 53.78
N GLN A 587 -2.37 -17.21 52.81
CA GLN A 587 -3.71 -17.75 53.06
C GLN A 587 -3.66 -19.25 53.31
N ASN A 588 -2.68 -19.95 52.74
CA ASN A 588 -2.47 -21.36 52.99
C ASN A 588 -1.56 -21.63 54.19
N GLY A 589 -1.02 -20.59 54.82
CA GLY A 589 -0.09 -20.77 55.91
C GLY A 589 1.17 -21.52 55.52
N GLU A 590 1.63 -21.34 54.28
CA GLU A 590 2.76 -22.10 53.78
C GLU A 590 4.02 -21.80 54.57
N VAL A 591 5.00 -22.69 54.43
CA VAL A 591 6.33 -22.52 55.01
C VAL A 591 7.29 -22.38 53.84
N LEU A 592 7.70 -21.15 53.54
CA LEU A 592 8.67 -20.93 52.49
C LEU A 592 9.98 -21.63 52.84
N GLY A 593 10.56 -22.30 51.85
CA GLY A 593 11.76 -23.07 52.08
C GLY A 593 11.44 -24.50 52.50
N TRP A 594 12.51 -25.21 52.85
CA TRP A 594 12.43 -26.63 53.20
C TRP A 594 13.19 -26.89 54.49
N PRO A 595 12.62 -26.48 55.63
CA PRO A 595 13.29 -26.73 56.91
C PRO A 595 13.58 -28.20 57.17
N GLU A 596 12.64 -29.09 56.86
CA GLU A 596 12.88 -30.53 57.00
C GLU A 596 13.73 -31.00 55.82
N TYR A 597 15.01 -30.65 55.87
CA TYR A 597 15.91 -30.87 54.74
C TYR A 597 16.37 -32.31 54.63
N GLN A 598 16.19 -33.13 55.66
CA GLN A 598 16.59 -34.53 55.59
C GLN A 598 15.53 -35.41 54.94
N TRP A 599 14.40 -34.84 54.51
CA TRP A 599 13.29 -35.64 54.05
C TRP A 599 13.51 -36.15 52.62
N HIS A 600 13.22 -37.43 52.42
CA HIS A 600 13.15 -38.06 51.12
C HIS A 600 11.85 -38.84 51.03
N PRO A 601 11.25 -38.92 49.84
CA PRO A 601 9.96 -39.60 49.71
C PRO A 601 10.15 -41.12 49.73
N PRO A 602 9.22 -41.85 50.34
CA PRO A 602 9.33 -43.32 50.35
C PRO A 602 9.08 -43.89 48.96
N LEU A 603 9.50 -45.14 48.79
CA LEU A 603 9.26 -45.83 47.54
C LEU A 603 7.79 -46.17 47.39
N PRO A 604 7.28 -46.24 46.16
CA PRO A 604 5.92 -46.75 45.96
C PRO A 604 5.84 -48.23 46.28
N ASP A 605 4.68 -48.64 46.79
CA ASP A 605 4.48 -50.01 47.22
C ASP A 605 4.87 -51.00 46.12
N ASN A 606 5.73 -51.95 46.47
CA ASN A 606 6.28 -52.91 45.52
C ASN A 606 6.71 -52.21 44.23
N TYR A 607 7.83 -51.50 44.30
CA TYR A 607 8.46 -50.81 43.19
C TYR A 607 9.73 -51.55 42.79
N PRO A 608 10.02 -51.71 41.48
CA PRO A 608 9.29 -51.23 40.29
C PRO A 608 8.27 -52.21 39.70
N GLU A 609 7.94 -53.28 40.40
CA GLU A 609 6.96 -54.24 39.88
C GLU A 609 5.62 -53.55 39.60
N GLN B 6 -32.46 2.24 10.70
CA GLN B 6 -32.93 2.60 9.37
C GLN B 6 -31.75 2.85 8.43
N PRO B 7 -32.00 2.86 7.12
CA PRO B 7 -30.92 3.19 6.17
C PRO B 7 -30.71 4.69 6.06
N GLY B 8 -29.45 5.08 5.91
CA GLY B 8 -29.08 6.48 5.79
C GLY B 8 -29.21 6.99 4.36
N GLN B 9 -28.37 7.96 4.03
CA GLN B 9 -28.36 8.58 2.71
C GLN B 9 -27.16 8.07 1.92
N PHE B 10 -27.42 7.54 0.73
CA PHE B 10 -26.38 6.95 -0.10
C PHE B 10 -26.61 7.33 -1.56
N SER B 11 -25.54 7.34 -2.33
CA SER B 11 -25.56 7.82 -3.71
C SER B 11 -25.96 6.72 -4.67
N ALA B 12 -26.41 7.13 -5.86
CA ALA B 12 -26.71 6.20 -6.93
C ALA B 12 -25.47 5.74 -7.68
N ASP B 13 -24.30 6.30 -7.36
CA ASP B 13 -23.07 5.86 -8.01
C ASP B 13 -22.64 4.51 -7.47
N GLU B 14 -22.08 3.68 -8.36
CA GLU B 14 -21.67 2.34 -7.96
C GLU B 14 -20.76 2.38 -6.74
N ALA B 15 -19.81 3.31 -6.70
CA ALA B 15 -18.96 3.46 -5.53
C ALA B 15 -19.79 3.72 -4.28
N GLY B 16 -20.97 4.33 -4.45
CA GLY B 16 -21.88 4.47 -3.32
C GLY B 16 -22.62 3.20 -2.99
N ALA B 17 -22.89 2.37 -3.99
CA ALA B 17 -23.52 1.08 -3.73
C ALA B 17 -22.69 0.26 -2.75
N GLN B 18 -21.35 0.32 -2.88
CA GLN B 18 -20.48 -0.32 -1.90
C GLN B 18 -20.58 0.35 -0.54
N LEU B 19 -20.78 1.67 -0.52
CA LEU B 19 -21.03 2.36 0.74
C LEU B 19 -22.39 1.98 1.30
N PHE B 20 -23.38 1.76 0.43
CA PHE B 20 -24.69 1.30 0.89
C PHE B 20 -24.61 -0.14 1.39
N ALA B 21 -23.84 -0.99 0.71
CA ALA B 21 -23.79 -2.40 1.07
C ALA B 21 -22.98 -2.62 2.34
N GLN B 22 -21.93 -1.82 2.56
CA GLN B 22 -21.08 -2.03 3.73
C GLN B 22 -21.85 -1.77 5.02
N SER B 23 -22.74 -0.77 5.02
CA SER B 23 -23.50 -0.46 6.23
C SER B 23 -24.67 -1.41 6.43
N TYR B 24 -25.25 -1.93 5.35
CA TYR B 24 -26.35 -2.89 5.48
C TYR B 24 -25.92 -4.12 6.26
N GLN B 25 -24.65 -4.50 6.15
CA GLN B 25 -24.18 -5.72 6.81
C GLN B 25 -23.90 -5.46 8.29
N SER B 26 -23.35 -4.29 8.62
CA SER B 26 -23.11 -3.95 10.01
C SER B 26 -24.41 -3.91 10.80
N SER B 27 -25.48 -3.39 10.20
CA SER B 27 -26.78 -3.40 10.85
C SER B 27 -27.45 -4.76 10.79
N ALA B 28 -27.08 -5.60 9.82
CA ALA B 28 -27.67 -6.92 9.72
C ALA B 28 -27.25 -7.83 10.87
N GLU B 29 -26.02 -7.67 11.38
CA GLU B 29 -25.55 -8.51 12.46
C GLU B 29 -26.44 -8.37 13.69
N GLN B 30 -26.72 -7.14 14.12
CA GLN B 30 -27.57 -6.92 15.28
C GLN B 30 -28.93 -7.57 15.07
N VAL B 31 -29.54 -7.34 13.89
CA VAL B 31 -30.86 -7.89 13.62
C VAL B 31 -30.79 -9.41 13.48
N LEU B 32 -29.80 -9.91 12.73
CA LEU B 32 -29.61 -11.35 12.63
C LEU B 32 -29.39 -11.96 14.01
N PHE B 33 -28.51 -11.36 14.81
CA PHE B 33 -28.14 -11.94 16.10
C PHE B 33 -29.34 -12.02 17.03
N GLN B 34 -30.09 -10.93 17.17
CA GLN B 34 -31.24 -10.94 18.07
C GLN B 34 -32.23 -12.02 17.70
N SER B 35 -32.32 -12.34 16.40
CA SER B 35 -33.26 -13.37 15.96
C SER B 35 -32.78 -14.76 16.38
N VAL B 36 -31.50 -15.05 16.16
CA VAL B 36 -30.97 -16.36 16.55
C VAL B 36 -30.97 -16.49 18.06
N ALA B 37 -30.69 -15.40 18.78
CA ALA B 37 -30.79 -15.40 20.23
C ALA B 37 -32.20 -15.76 20.67
N ALA B 38 -33.19 -15.05 20.13
CA ALA B 38 -34.58 -15.30 20.51
C ALA B 38 -34.96 -16.75 20.23
N SER B 39 -34.61 -17.25 19.03
CA SER B 39 -34.97 -18.62 18.68
C SER B 39 -34.28 -19.63 19.59
N TRP B 40 -32.99 -19.40 19.88
CA TRP B 40 -32.30 -20.27 20.83
C TRP B 40 -32.98 -20.23 22.19
N ALA B 41 -33.32 -19.03 22.67
CA ALA B 41 -34.01 -18.91 23.95
C ALA B 41 -35.25 -19.79 24.00
N HIS B 42 -35.97 -19.88 22.89
CA HIS B 42 -37.21 -20.65 22.86
C HIS B 42 -36.93 -22.15 22.66
N ASP B 43 -36.08 -22.49 21.70
CA ASP B 43 -35.85 -23.90 21.39
C ASP B 43 -35.19 -24.66 22.54
N THR B 44 -34.50 -23.96 23.44
CA THR B 44 -33.84 -24.59 24.58
C THR B 44 -34.56 -24.34 25.89
N ASN B 45 -35.71 -23.65 25.85
CA ASN B 45 -36.54 -23.44 27.03
C ASN B 45 -37.93 -23.09 26.52
N ILE B 46 -38.66 -24.11 26.06
CA ILE B 46 -39.92 -23.91 25.35
C ILE B 46 -40.99 -23.42 26.33
N THR B 47 -41.22 -22.11 26.33
CA THR B 47 -42.31 -21.50 27.07
C THR B 47 -43.17 -20.71 26.10
N ALA B 48 -44.35 -20.30 26.57
CA ALA B 48 -45.15 -19.36 25.80
C ALA B 48 -44.47 -18.00 25.74
N GLU B 49 -43.84 -17.60 26.85
CA GLU B 49 -43.12 -16.33 26.89
C GLU B 49 -42.04 -16.27 25.83
N ASN B 50 -41.18 -17.30 25.77
CA ASN B 50 -40.08 -17.29 24.80
C ASN B 50 -40.61 -17.30 23.38
N ALA B 51 -41.58 -18.18 23.08
CA ALA B 51 -42.17 -18.21 21.74
C ALA B 51 -42.72 -16.84 21.36
N ARG B 52 -43.19 -16.06 22.33
CA ARG B 52 -43.68 -14.72 22.05
C ARG B 52 -42.54 -13.78 21.70
N ARG B 53 -41.38 -13.95 22.35
CA ARG B 53 -40.23 -13.10 22.06
C ARG B 53 -39.56 -13.51 20.75
N GLN B 54 -39.62 -14.79 20.39
CA GLN B 54 -39.10 -15.22 19.09
C GLN B 54 -39.89 -14.56 17.96
N GLU B 55 -41.21 -14.44 18.12
CA GLU B 55 -42.01 -13.74 17.12
C GLU B 55 -41.60 -12.28 17.01
N GLU B 56 -41.32 -11.63 18.15
CA GLU B 56 -40.87 -10.25 18.14
C GLU B 56 -39.65 -10.09 17.24
N ALA B 57 -38.55 -10.74 17.61
CA ALA B 57 -37.33 -10.65 16.81
C ALA B 57 -37.59 -11.05 15.37
N ALA B 58 -38.44 -12.06 15.16
CA ALA B 58 -38.78 -12.47 13.80
C ALA B 58 -39.30 -11.29 12.99
N LEU B 59 -40.26 -10.55 13.54
CA LEU B 59 -40.84 -9.42 12.83
C LEU B 59 -39.80 -8.32 12.60
N LEU B 60 -38.90 -8.12 13.56
CA LEU B 60 -37.88 -7.08 13.41
C LEU B 60 -37.00 -7.34 12.19
N SER B 61 -36.78 -8.61 11.84
CA SER B 61 -36.01 -8.91 10.64
C SER B 61 -36.74 -8.48 9.38
N GLN B 62 -38.07 -8.65 9.36
CA GLN B 62 -38.84 -8.27 8.18
C GLN B 62 -38.90 -6.75 8.04
N GLU B 63 -39.07 -6.03 9.14
CA GLU B 63 -39.04 -4.57 9.07
C GLU B 63 -37.68 -4.07 8.61
N PHE B 64 -36.61 -4.64 9.16
CA PHE B 64 -35.27 -4.28 8.72
C PHE B 64 -35.06 -4.61 7.25
N ALA B 65 -35.38 -5.85 6.86
CA ALA B 65 -35.20 -6.26 5.47
C ALA B 65 -36.02 -5.40 4.52
N GLU B 66 -37.19 -4.92 4.97
CA GLU B 66 -38.02 -4.07 4.11
C GLU B 66 -37.43 -2.67 4.00
N ALA B 67 -37.10 -2.05 5.13
CA ALA B 67 -36.58 -0.68 5.13
C ALA B 67 -35.37 -0.56 4.21
N TRP B 68 -34.40 -1.47 4.37
CA TRP B 68 -33.23 -1.45 3.49
C TRP B 68 -33.58 -1.94 2.10
N GLY B 69 -34.51 -2.88 1.97
CA GLY B 69 -34.87 -3.39 0.67
C GLY B 69 -35.37 -2.29 -0.27
N GLN B 70 -36.17 -1.37 0.26
CA GLN B 70 -36.69 -0.29 -0.57
C GLN B 70 -35.61 0.72 -0.91
N LYS B 71 -34.86 1.20 0.09
CA LYS B 71 -33.76 2.10 -0.17
C LYS B 71 -32.83 1.51 -1.23
N ALA B 72 -32.53 0.21 -1.13
CA ALA B 72 -31.75 -0.44 -2.17
C ALA B 72 -32.45 -0.31 -3.53
N LYS B 73 -33.78 -0.37 -3.54
CA LYS B 73 -34.53 -0.30 -4.78
C LYS B 73 -34.77 1.14 -5.20
N GLU B 74 -34.96 2.06 -4.25
CA GLU B 74 -35.14 3.47 -4.58
C GLU B 74 -33.85 4.12 -5.08
N LEU B 75 -32.70 3.45 -4.94
CA LEU B 75 -31.42 3.99 -5.36
C LEU B 75 -30.78 3.23 -6.51
N TYR B 76 -30.80 1.89 -6.47
CA TYR B 76 -30.08 1.07 -7.44
C TYR B 76 -30.99 0.01 -8.05
N GLU B 77 -32.15 0.42 -8.53
CA GLU B 77 -33.07 -0.54 -9.14
C GLU B 77 -32.83 -0.66 -10.65
N PRO B 78 -32.74 0.44 -11.39
CA PRO B 78 -32.61 0.32 -12.85
C PRO B 78 -31.21 0.00 -13.35
N ILE B 79 -30.19 0.08 -12.49
CA ILE B 79 -28.80 0.04 -12.95
C ILE B 79 -27.97 -1.07 -12.31
N TRP B 80 -28.43 -1.67 -11.21
CA TRP B 80 -27.57 -2.60 -10.47
C TRP B 80 -27.14 -3.78 -11.33
N GLN B 81 -27.95 -4.15 -12.32
CA GLN B 81 -27.63 -5.30 -13.16
C GLN B 81 -26.40 -5.07 -14.01
N GLN B 82 -25.99 -3.81 -14.21
CA GLN B 82 -24.83 -3.50 -15.01
C GLN B 82 -23.76 -2.83 -14.15
N PHE B 83 -23.29 -3.54 -13.13
CA PHE B 83 -22.27 -3.05 -12.22
C PHE B 83 -20.94 -3.75 -12.49
N THR B 84 -19.88 -3.18 -11.95
CA THR B 84 -18.53 -3.70 -12.16
C THR B 84 -18.22 -4.86 -11.20
N ASP B 85 -18.14 -4.54 -9.91
CA ASP B 85 -17.77 -5.51 -8.90
C ASP B 85 -18.78 -6.65 -8.86
N PRO B 86 -18.48 -7.82 -9.42
CA PRO B 86 -19.48 -8.90 -9.44
C PRO B 86 -19.91 -9.34 -8.05
N GLN B 87 -19.02 -9.24 -7.06
CA GLN B 87 -19.41 -9.54 -5.68
C GLN B 87 -20.39 -8.52 -5.13
N LEU B 88 -20.38 -7.30 -5.67
CA LEU B 88 -21.37 -6.29 -5.30
C LEU B 88 -22.69 -6.48 -6.05
N ARG B 89 -22.64 -7.08 -7.23
CA ARG B 89 -23.86 -7.35 -7.98
C ARG B 89 -24.71 -8.42 -7.29
N ARG B 90 -24.11 -9.25 -6.44
CA ARG B 90 -24.86 -10.29 -5.75
C ARG B 90 -25.54 -9.74 -4.50
N ILE B 91 -24.81 -8.95 -3.71
CA ILE B 91 -25.36 -8.42 -2.47
C ILE B 91 -26.55 -7.50 -2.77
N ILE B 92 -26.29 -6.43 -3.52
CA ILE B 92 -27.37 -5.50 -3.86
C ILE B 92 -28.50 -6.23 -4.54
N GLY B 93 -28.20 -7.29 -5.30
CA GLY B 93 -29.25 -8.06 -5.94
C GLY B 93 -30.16 -8.75 -4.92
N ALA B 94 -29.59 -9.20 -3.80
CA ALA B 94 -30.38 -9.87 -2.78
C ALA B 94 -31.19 -8.87 -1.96
N VAL B 95 -30.54 -7.80 -1.50
CA VAL B 95 -31.20 -6.83 -0.63
C VAL B 95 -32.40 -6.19 -1.33
N ARG B 96 -32.34 -6.06 -2.66
CA ARG B 96 -33.45 -5.43 -3.38
C ARG B 96 -34.70 -6.29 -3.37
N THR B 97 -34.55 -7.60 -3.26
CA THR B 97 -35.70 -8.50 -3.32
C THR B 97 -36.50 -8.42 -2.02
N LEU B 98 -37.75 -7.98 -2.12
CA LEU B 98 -38.56 -7.71 -0.95
C LEU B 98 -39.44 -8.88 -0.53
N GLY B 99 -39.65 -9.86 -1.41
CA GLY B 99 -40.49 -10.99 -1.04
C GLY B 99 -41.85 -10.52 -0.56
N SER B 100 -42.28 -11.06 0.59
CA SER B 100 -43.60 -10.73 1.12
C SER B 100 -43.75 -9.24 1.40
N ALA B 101 -42.65 -8.51 1.57
CA ALA B 101 -42.73 -7.08 1.84
C ALA B 101 -43.34 -6.30 0.68
N ASN B 102 -43.47 -6.90 -0.50
CA ASN B 102 -44.15 -6.26 -1.61
C ASN B 102 -45.66 -6.27 -1.44
N LEU B 103 -46.19 -7.24 -0.70
CA LEU B 103 -47.63 -7.42 -0.59
C LEU B 103 -48.25 -6.27 0.21
N PRO B 104 -49.47 -5.84 -0.15
CA PRO B 104 -50.18 -4.89 0.71
C PRO B 104 -50.17 -5.35 2.15
N LEU B 105 -50.19 -4.38 3.06
CA LEU B 105 -49.94 -4.65 4.48
C LEU B 105 -50.80 -5.80 5.01
N ALA B 106 -52.09 -5.84 4.64
CA ALA B 106 -52.95 -6.91 5.16
C ALA B 106 -52.63 -8.24 4.49
N LYS B 107 -52.24 -8.22 3.21
CA LYS B 107 -51.77 -9.44 2.56
C LYS B 107 -50.54 -9.98 3.26
N ARG B 108 -49.59 -9.10 3.57
CA ARG B 108 -48.41 -9.49 4.34
C ARG B 108 -48.82 -10.21 5.61
N GLN B 109 -49.72 -9.61 6.40
CA GLN B 109 -50.23 -10.26 7.59
C GLN B 109 -50.78 -11.64 7.27
N GLN B 110 -51.68 -11.72 6.28
CA GLN B 110 -52.26 -13.00 5.89
C GLN B 110 -51.17 -14.00 5.52
N TYR B 111 -50.20 -13.57 4.71
CA TYR B 111 -49.09 -14.44 4.34
C TYR B 111 -48.42 -15.04 5.58
N ASN B 112 -47.86 -14.18 6.43
CA ASN B 112 -47.20 -14.64 7.63
C ASN B 112 -48.12 -15.53 8.47
N ALA B 113 -49.40 -15.14 8.59
CA ALA B 113 -50.35 -15.96 9.32
C ALA B 113 -50.50 -17.34 8.71
N LEU B 114 -50.38 -17.44 7.38
CA LEU B 114 -50.48 -18.74 6.73
C LEU B 114 -49.27 -19.62 7.06
N LEU B 115 -48.08 -19.01 7.12
CA LEU B 115 -46.89 -19.75 7.51
C LEU B 115 -46.99 -20.26 8.94
N SER B 116 -47.62 -19.48 9.82
CA SER B 116 -47.77 -19.90 11.21
C SER B 116 -48.81 -21.00 11.35
N GLN B 117 -49.99 -20.81 10.75
CA GLN B 117 -51.06 -21.79 10.87
C GLN B 117 -50.65 -23.12 10.25
N MET B 118 -50.03 -23.09 9.07
CA MET B 118 -49.62 -24.33 8.42
C MET B 118 -48.63 -25.11 9.28
N SER B 119 -47.63 -24.40 9.84
CA SER B 119 -46.63 -25.08 10.65
C SER B 119 -47.23 -25.66 11.92
N ARG B 120 -48.15 -24.94 12.54
CA ARG B 120 -48.78 -25.44 13.77
C ARG B 120 -49.66 -26.64 13.49
N ILE B 121 -50.41 -26.61 12.38
CA ILE B 121 -51.27 -27.74 12.03
C ILE B 121 -50.44 -29.01 11.86
N TYR B 122 -49.27 -28.89 11.24
CA TYR B 122 -48.44 -30.07 11.00
C TYR B 122 -47.90 -30.65 12.31
N SER B 123 -47.47 -29.78 13.23
CA SER B 123 -46.89 -30.25 14.49
C SER B 123 -47.95 -30.70 15.49
N THR B 124 -49.21 -30.30 15.31
CA THR B 124 -50.27 -30.62 16.25
C THR B 124 -51.26 -31.65 15.73
N ALA B 125 -51.18 -32.02 14.45
CA ALA B 125 -52.06 -33.07 13.94
C ALA B 125 -51.84 -34.36 14.72
N LYS B 126 -52.94 -35.05 15.01
CA LYS B 126 -52.92 -36.27 15.80
C LYS B 126 -53.76 -37.34 15.12
N VAL B 127 -53.34 -38.59 15.29
CA VAL B 127 -54.09 -39.75 14.80
C VAL B 127 -54.73 -40.42 16.01
N CYS B 128 -56.03 -40.29 16.13
CA CYS B 128 -56.77 -40.79 17.28
C CYS B 128 -57.39 -42.14 16.96
N LEU B 129 -57.40 -43.02 17.95
CA LEU B 129 -57.91 -44.37 17.81
C LEU B 129 -59.41 -44.40 18.02
N PRO B 130 -60.06 -45.54 17.72
CA PRO B 130 -61.50 -45.66 18.01
C PRO B 130 -61.84 -45.29 19.45
N GLN B 131 -60.87 -45.42 20.35
CA GLN B 131 -61.05 -45.00 21.73
C GLN B 131 -61.44 -43.53 21.82
N THR B 135 -57.53 -41.69 23.58
CA THR B 135 -56.12 -41.46 23.37
C THR B 135 -55.81 -41.17 21.89
N CYS B 136 -54.72 -40.43 21.66
CA CYS B 136 -54.31 -40.07 20.31
C CYS B 136 -52.80 -40.16 20.20
N TRP B 137 -52.34 -40.51 19.01
CA TRP B 137 -50.91 -40.56 18.69
C TRP B 137 -50.52 -39.32 17.90
N SER B 138 -49.23 -38.97 17.98
CA SER B 138 -48.68 -37.82 17.29
C SER B 138 -47.60 -38.29 16.31
N LEU B 139 -47.11 -37.34 15.50
CA LEU B 139 -46.12 -37.67 14.48
C LEU B 139 -44.87 -38.23 15.14
N ASP B 140 -44.14 -37.38 15.87
CA ASP B 140 -42.91 -37.79 16.53
C ASP B 140 -43.13 -37.83 18.04
N PRO B 141 -42.78 -38.93 18.73
CA PRO B 141 -42.19 -40.19 18.28
C PRO B 141 -43.22 -41.27 17.98
N ASP B 142 -44.47 -41.02 18.38
CA ASP B 142 -45.51 -42.05 18.34
C ASP B 142 -45.62 -42.69 16.96
N LEU B 143 -46.10 -41.94 15.97
CA LEU B 143 -46.34 -42.51 14.66
C LEU B 143 -45.04 -42.80 13.91
N THR B 144 -43.97 -42.08 14.23
CA THR B 144 -42.69 -42.29 13.56
C THR B 144 -42.09 -43.64 13.93
N ASN B 145 -42.42 -44.18 15.10
CA ASN B 145 -41.89 -45.47 15.53
C ASN B 145 -42.70 -46.64 15.01
N ILE B 146 -44.01 -46.47 14.79
CA ILE B 146 -44.82 -47.53 14.19
C ILE B 146 -44.33 -47.81 12.77
N LEU B 147 -44.12 -46.75 11.99
CA LEU B 147 -43.60 -46.92 10.64
C LEU B 147 -42.26 -47.63 10.65
N ALA B 148 -41.41 -47.32 11.63
CA ALA B 148 -40.05 -47.84 11.65
C ALA B 148 -40.00 -49.29 12.08
N SER B 149 -40.69 -49.64 13.17
CA SER B 149 -40.51 -50.94 13.82
C SER B 149 -41.64 -51.92 13.55
N SER B 150 -42.88 -51.44 13.45
CA SER B 150 -44.02 -52.35 13.31
C SER B 150 -43.97 -53.06 11.97
N ARG B 151 -44.16 -54.38 11.99
CA ARG B 151 -44.18 -55.20 10.79
C ARG B 151 -45.59 -55.67 10.43
N SER B 152 -46.61 -55.05 11.03
CA SER B 152 -48.00 -55.41 10.76
C SER B 152 -48.52 -54.50 9.65
N TYR B 153 -48.96 -55.11 8.54
CA TYR B 153 -49.46 -54.32 7.41
C TYR B 153 -50.59 -53.40 7.85
N ALA B 154 -51.63 -53.98 8.48
CA ALA B 154 -52.77 -53.18 8.90
C ALA B 154 -52.37 -52.11 9.91
N MET B 155 -51.35 -52.39 10.72
CA MET B 155 -50.86 -51.40 11.69
C MET B 155 -50.13 -50.27 10.98
N LEU B 156 -49.11 -50.62 10.19
CA LEU B 156 -48.41 -49.62 9.39
C LEU B 156 -49.40 -48.81 8.56
N LEU B 157 -50.31 -49.51 7.86
CA LEU B 157 -51.31 -48.84 7.04
C LEU B 157 -52.09 -47.82 7.86
N PHE B 158 -52.46 -48.17 9.09
CA PHE B 158 -53.28 -47.26 9.90
C PHE B 158 -52.53 -45.97 10.20
N ALA B 159 -51.26 -46.09 10.59
CA ALA B 159 -50.46 -44.90 10.86
C ALA B 159 -50.32 -44.05 9.60
N TRP B 160 -49.93 -44.68 8.49
CA TRP B 160 -49.71 -43.94 7.25
C TRP B 160 -50.98 -43.19 6.85
N GLU B 161 -52.11 -43.89 6.78
CA GLU B 161 -53.37 -43.24 6.42
C GLU B 161 -53.78 -42.22 7.46
N GLY B 162 -53.79 -42.62 8.74
CA GLY B 162 -54.14 -41.69 9.80
C GLY B 162 -53.33 -40.41 9.74
N TRP B 163 -52.01 -40.53 9.55
CA TRP B 163 -51.16 -39.36 9.53
C TRP B 163 -51.40 -38.51 8.28
N HIS B 164 -51.43 -39.14 7.10
CA HIS B 164 -51.58 -38.40 5.86
C HIS B 164 -52.94 -37.72 5.75
N ASN B 165 -53.96 -38.24 6.43
CA ASN B 165 -55.25 -37.56 6.46
C ASN B 165 -55.28 -36.47 7.51
N ALA B 166 -54.65 -36.71 8.65
CA ALA B 166 -54.63 -35.72 9.73
C ALA B 166 -53.85 -34.47 9.32
N ALA B 167 -52.69 -34.66 8.69
CA ALA B 167 -51.84 -33.52 8.36
C ALA B 167 -52.30 -32.82 7.09
N GLY B 168 -52.59 -33.59 6.04
CA GLY B 168 -52.81 -33.01 4.72
C GLY B 168 -54.14 -32.31 4.57
N ILE B 169 -55.24 -32.97 4.94
CA ILE B 169 -56.57 -32.43 4.70
C ILE B 169 -56.71 -31.00 5.20
N PRO B 170 -56.34 -30.66 6.45
CA PRO B 170 -56.51 -29.28 6.92
C PRO B 170 -55.56 -28.28 6.28
N LEU B 171 -54.54 -28.73 5.54
CA LEU B 171 -53.53 -27.83 5.01
C LEU B 171 -53.81 -27.38 3.59
N LYS B 172 -54.55 -28.17 2.81
CA LYS B 172 -54.77 -27.81 1.40
C LYS B 172 -55.42 -26.44 1.26
N PRO B 173 -56.45 -26.08 2.01
CA PRO B 173 -57.00 -24.72 1.88
C PRO B 173 -55.95 -23.63 2.09
N LEU B 174 -54.99 -23.86 3.00
CA LEU B 174 -54.01 -22.83 3.31
C LEU B 174 -52.88 -22.78 2.27
N TYR B 175 -52.45 -23.93 1.78
CA TYR B 175 -51.40 -23.94 0.77
C TYR B 175 -51.81 -23.14 -0.46
N GLU B 176 -53.08 -23.23 -0.85
CA GLU B 176 -53.58 -22.42 -1.96
C GLU B 176 -53.40 -20.94 -1.68
N ASP B 177 -53.91 -20.47 -0.53
CA ASP B 177 -53.79 -19.07 -0.18
C ASP B 177 -52.33 -18.62 -0.13
N PHE B 178 -51.49 -19.40 0.55
CA PHE B 178 -50.08 -19.04 0.67
C PHE B 178 -49.41 -18.98 -0.69
N THR B 179 -49.64 -19.99 -1.53
CA THR B 179 -49.00 -20.03 -2.85
C THR B 179 -49.38 -18.81 -3.67
N ALA B 180 -50.65 -18.40 -3.62
CA ALA B 180 -51.08 -17.23 -4.39
C ALA B 180 -50.38 -15.97 -3.90
N LEU B 181 -50.29 -15.79 -2.59
CA LEU B 181 -49.59 -14.65 -2.03
C LEU B 181 -48.10 -14.71 -2.37
N SER B 182 -47.48 -15.86 -2.13
CA SER B 182 -46.05 -16.01 -2.39
C SER B 182 -45.72 -15.57 -3.81
N ASN B 183 -46.49 -16.04 -4.79
CA ASN B 183 -46.24 -15.67 -6.17
C ASN B 183 -46.50 -14.19 -6.40
N GLU B 184 -47.63 -13.68 -5.90
CA GLU B 184 -47.91 -12.26 -6.02
C GLU B 184 -46.78 -11.42 -5.45
N ALA B 185 -46.13 -11.92 -4.39
CA ALA B 185 -45.07 -11.16 -3.74
C ALA B 185 -43.81 -11.12 -4.59
N TYR B 186 -43.31 -12.29 -4.98
CA TYR B 186 -42.06 -12.36 -5.73
C TYR B 186 -42.21 -11.89 -7.17
N LYS B 187 -43.44 -11.86 -7.70
CA LYS B 187 -43.64 -11.32 -9.04
C LYS B 187 -43.25 -9.85 -9.10
N GLN B 188 -43.49 -9.12 -8.01
CA GLN B 188 -43.05 -7.73 -7.94
C GLN B 188 -41.53 -7.62 -7.99
N ASP B 189 -40.82 -8.69 -7.62
CA ASP B 189 -39.36 -8.71 -7.69
C ASP B 189 -38.85 -9.11 -9.07
N GLY B 190 -39.74 -9.45 -10.00
CA GLY B 190 -39.36 -9.79 -11.36
C GLY B 190 -39.40 -11.25 -11.71
N PHE B 191 -39.51 -12.14 -10.72
CA PHE B 191 -39.53 -13.57 -10.99
C PHE B 191 -40.90 -14.01 -11.49
N THR B 192 -40.91 -15.02 -12.36
CA THR B 192 -42.16 -15.51 -12.93
C THR B 192 -43.03 -16.18 -11.88
N ASP B 193 -42.41 -16.95 -10.98
CA ASP B 193 -43.12 -17.53 -9.84
C ASP B 193 -42.10 -17.77 -8.74
N THR B 194 -42.61 -18.20 -7.57
CA THR B 194 -41.72 -18.39 -6.42
C THR B 194 -40.62 -19.39 -6.73
N GLY B 195 -40.93 -20.42 -7.52
CA GLY B 195 -39.93 -21.42 -7.84
C GLY B 195 -38.75 -20.85 -8.61
N ALA B 196 -39.03 -19.99 -9.59
CA ALA B 196 -37.95 -19.33 -10.31
C ALA B 196 -37.03 -18.57 -9.37
N TYR B 197 -37.57 -18.07 -8.26
CA TYR B 197 -36.73 -17.41 -7.26
C TYR B 197 -35.91 -18.43 -6.48
N TRP B 198 -36.53 -19.55 -6.10
CA TRP B 198 -35.79 -20.59 -5.39
C TRP B 198 -34.67 -21.15 -6.27
N ARG B 199 -34.96 -21.41 -7.55
CA ARG B 199 -33.94 -21.97 -8.43
C ARG B 199 -32.83 -20.99 -8.72
N SER B 200 -33.13 -19.69 -8.77
CA SER B 200 -32.12 -18.70 -9.10
C SER B 200 -30.97 -18.69 -8.10
N TRP B 201 -31.18 -19.26 -6.92
CA TRP B 201 -30.13 -19.31 -5.91
C TRP B 201 -28.87 -20.00 -6.39
N TYR B 202 -28.98 -20.89 -7.38
CA TYR B 202 -27.85 -21.68 -7.85
C TYR B 202 -27.12 -21.08 -9.04
N ASN B 203 -27.55 -19.91 -9.52
CA ASN B 203 -26.89 -19.21 -10.62
C ASN B 203 -26.48 -20.18 -11.73
N SER B 204 -27.43 -21.03 -12.11
CA SER B 204 -27.20 -22.06 -13.13
C SER B 204 -28.28 -21.93 -14.19
N PRO B 205 -27.97 -21.35 -15.35
CA PRO B 205 -29.02 -21.19 -16.38
C PRO B 205 -29.61 -22.51 -16.83
N THR B 206 -28.95 -23.63 -16.57
CA THR B 206 -29.46 -24.94 -16.91
C THR B 206 -29.56 -25.82 -15.67
N PHE B 207 -30.28 -25.35 -14.66
CA PHE B 207 -30.37 -26.09 -13.39
C PHE B 207 -31.28 -27.30 -13.53
N GLU B 208 -32.45 -27.14 -14.14
CA GLU B 208 -33.41 -28.23 -14.22
C GLU B 208 -32.92 -29.34 -15.14
N ASP B 209 -32.24 -28.98 -16.23
CA ASP B 209 -31.73 -30.00 -17.13
C ASP B 209 -30.51 -30.71 -16.55
N ASP B 210 -29.74 -30.03 -15.71
CA ASP B 210 -28.59 -30.67 -15.07
C ASP B 210 -29.04 -31.66 -14.01
N LEU B 211 -30.09 -31.32 -13.26
CA LEU B 211 -30.61 -32.25 -12.25
C LEU B 211 -31.21 -33.49 -12.90
N GLU B 212 -31.98 -33.31 -13.98
CA GLU B 212 -32.55 -34.45 -14.68
C GLU B 212 -31.46 -35.33 -15.28
N HIS B 213 -30.45 -34.70 -15.89
CA HIS B 213 -29.32 -35.47 -16.40
C HIS B 213 -28.56 -36.15 -15.27
N LEU B 214 -28.58 -35.57 -14.06
CA LEU B 214 -27.98 -36.24 -12.92
C LEU B 214 -28.77 -37.49 -12.53
N TYR B 215 -30.09 -37.36 -12.39
CA TYR B 215 -30.88 -38.50 -11.95
C TYR B 215 -30.90 -39.61 -12.99
N GLN B 216 -30.75 -39.28 -14.27
CA GLN B 216 -30.71 -40.32 -15.29
C GLN B 216 -29.52 -41.26 -15.05
N GLN B 217 -28.40 -40.72 -14.57
CA GLN B 217 -27.25 -41.55 -14.24
C GLN B 217 -27.47 -42.32 -12.94
N LEU B 218 -28.25 -41.76 -12.02
CA LEU B 218 -28.45 -42.37 -10.70
C LEU B 218 -29.56 -43.42 -10.71
N GLU B 219 -30.53 -43.30 -11.61
CA GLU B 219 -31.71 -44.14 -11.54
C GLU B 219 -31.41 -45.63 -11.57
N PRO B 220 -30.53 -46.14 -12.44
CA PRO B 220 -30.29 -47.60 -12.46
C PRO B 220 -30.01 -48.20 -11.08
N LEU B 221 -29.25 -47.49 -10.24
CA LEU B 221 -28.95 -47.99 -8.90
C LEU B 221 -30.22 -48.10 -8.07
N TYR B 222 -31.04 -47.05 -8.07
CA TYR B 222 -32.27 -47.08 -7.29
C TYR B 222 -33.20 -48.20 -7.75
N LEU B 223 -33.28 -48.42 -9.06
CA LEU B 223 -34.13 -49.49 -9.57
C LEU B 223 -33.63 -50.86 -9.15
N ASN B 224 -32.32 -51.03 -9.04
CA ASN B 224 -31.77 -52.29 -8.54
C ASN B 224 -32.00 -52.43 -7.04
N LEU B 225 -31.74 -51.36 -6.28
CA LEU B 225 -32.08 -51.37 -4.86
C LEU B 225 -33.58 -51.53 -4.68
N HIS B 226 -34.38 -50.87 -5.52
CA HIS B 226 -35.83 -50.94 -5.41
C HIS B 226 -36.33 -52.36 -5.65
N ALA B 227 -35.81 -53.02 -6.68
CA ALA B 227 -36.24 -54.38 -6.99
C ALA B 227 -35.78 -55.35 -5.91
N PHE B 228 -34.51 -55.27 -5.52
CA PHE B 228 -33.98 -56.17 -4.49
C PHE B 228 -34.80 -56.06 -3.21
N VAL B 229 -35.04 -54.83 -2.75
CA VAL B 229 -35.85 -54.64 -1.54
C VAL B 229 -37.27 -55.12 -1.79
N ARG B 230 -37.82 -54.84 -2.98
CA ARG B 230 -39.16 -55.30 -3.30
C ARG B 230 -39.27 -56.81 -3.16
N ARG B 231 -38.26 -57.55 -3.63
CA ARG B 231 -38.26 -58.99 -3.49
C ARG B 231 -38.34 -59.39 -2.01
N ALA B 232 -37.55 -58.73 -1.16
CA ALA B 232 -37.56 -59.06 0.26
C ALA B 232 -38.97 -58.92 0.83
N LEU B 233 -39.61 -57.77 0.65
CA LEU B 233 -40.93 -57.55 1.22
C LEU B 233 -41.92 -58.59 0.74
N HIS B 234 -41.83 -59.00 -0.52
CA HIS B 234 -42.74 -60.01 -1.05
C HIS B 234 -42.66 -61.30 -0.23
N ARG B 235 -41.48 -61.61 0.32
CA ARG B 235 -41.33 -62.80 1.15
C ARG B 235 -42.00 -62.65 2.50
N ARG B 236 -42.22 -61.41 2.96
CA ARG B 236 -42.78 -61.18 4.29
C ARG B 236 -44.25 -60.77 4.27
N TYR B 237 -44.77 -60.30 3.13
CA TYR B 237 -46.15 -59.84 3.05
C TYR B 237 -46.97 -60.58 2.01
N GLY B 238 -46.38 -61.47 1.22
CA GLY B 238 -47.13 -62.29 0.30
C GLY B 238 -47.45 -61.59 -1.01
N ASP B 239 -47.91 -62.39 -1.97
CA ASP B 239 -48.24 -61.87 -3.29
C ASP B 239 -49.44 -60.93 -3.27
N ARG B 240 -50.30 -61.04 -2.25
CA ARG B 240 -51.49 -60.18 -2.18
C ARG B 240 -51.15 -58.73 -1.88
N TYR B 241 -49.99 -58.46 -1.29
CA TYR B 241 -49.62 -57.11 -0.88
C TYR B 241 -48.35 -56.58 -1.52
N ILE B 242 -47.65 -57.39 -2.33
CA ILE B 242 -46.39 -56.98 -2.94
C ILE B 242 -46.41 -57.43 -4.39
N ASN B 243 -46.55 -56.48 -5.31
CA ASN B 243 -46.54 -56.76 -6.75
C ASN B 243 -45.09 -56.71 -7.22
N LEU B 244 -44.55 -57.87 -7.63
CA LEU B 244 -43.17 -57.95 -8.08
C LEU B 244 -42.91 -57.13 -9.33
N ARG B 245 -43.95 -56.69 -10.04
CA ARG B 245 -43.82 -55.88 -11.24
C ARG B 245 -44.55 -54.55 -11.13
N GLY B 246 -44.82 -54.10 -9.91
CA GLY B 246 -45.52 -52.85 -9.70
C GLY B 246 -44.91 -52.04 -8.57
N PRO B 247 -45.48 -50.87 -8.30
CA PRO B 247 -44.96 -50.01 -7.23
C PRO B 247 -45.03 -50.71 -5.87
N ILE B 248 -44.30 -50.14 -4.92
CA ILE B 248 -44.25 -50.64 -3.55
C ILE B 248 -45.23 -49.85 -2.70
N PRO B 249 -46.06 -50.49 -1.88
CA PRO B 249 -46.92 -49.72 -0.96
C PRO B 249 -46.09 -48.78 -0.10
N ALA B 250 -46.52 -47.52 -0.03
CA ALA B 250 -45.71 -46.43 0.50
C ALA B 250 -45.65 -46.40 2.02
N HIS B 251 -45.90 -47.51 2.71
CA HIS B 251 -45.86 -47.52 4.17
C HIS B 251 -45.05 -48.70 4.72
N LEU B 252 -44.37 -49.46 3.87
CA LEU B 252 -43.68 -50.68 4.28
C LEU B 252 -42.17 -50.53 4.25
N LEU B 253 -41.64 -49.33 4.07
CA LEU B 253 -40.21 -49.11 3.92
C LEU B 253 -39.56 -48.54 5.19
N GLY B 254 -40.25 -48.60 6.32
CA GLY B 254 -39.67 -48.16 7.58
C GLY B 254 -39.60 -46.66 7.76
N ASP B 255 -40.38 -45.90 6.98
CA ASP B 255 -40.33 -44.45 7.03
C ASP B 255 -41.66 -43.91 6.53
N MET B 256 -42.14 -42.85 7.18
CA MET B 256 -43.45 -42.30 6.83
C MET B 256 -43.49 -41.87 5.36
N TRP B 257 -42.37 -41.41 4.81
CA TRP B 257 -42.31 -40.93 3.43
C TRP B 257 -41.46 -41.80 2.54
N ALA B 258 -41.03 -42.97 3.01
CA ALA B 258 -40.20 -43.88 2.21
C ALA B 258 -38.97 -43.17 1.67
N GLN B 259 -38.46 -42.20 2.42
CA GLN B 259 -37.27 -41.46 2.02
C GLN B 259 -35.98 -42.09 2.50
N THR B 260 -36.04 -42.96 3.51
CA THR B 260 -34.88 -43.72 3.96
C THR B 260 -35.36 -45.11 4.35
N TRP B 261 -34.74 -46.14 3.76
CA TRP B 261 -35.14 -47.52 3.99
C TRP B 261 -34.26 -48.20 5.03
N SER B 262 -33.55 -47.43 5.85
CA SER B 262 -32.60 -48.01 6.79
C SER B 262 -33.29 -48.88 7.84
N ASN B 263 -34.54 -48.56 8.18
CA ASN B 263 -35.24 -49.26 9.25
C ASN B 263 -35.76 -50.63 8.84
N ILE B 264 -35.58 -51.04 7.58
CA ILE B 264 -35.90 -52.39 7.15
C ILE B 264 -34.63 -53.18 6.82
N TYR B 265 -33.49 -52.74 7.37
CA TYR B 265 -32.23 -53.45 7.12
C TYR B 265 -32.33 -54.92 7.51
N ASP B 266 -33.09 -55.24 8.55
CA ASP B 266 -33.15 -56.61 9.04
C ASP B 266 -33.76 -57.57 8.03
N MET B 267 -34.46 -57.05 7.02
CA MET B 267 -35.09 -57.90 6.01
C MET B 267 -34.22 -58.11 4.78
N VAL B 268 -33.27 -57.22 4.53
CA VAL B 268 -32.49 -57.25 3.30
C VAL B 268 -31.00 -57.46 3.58
N VAL B 269 -30.65 -57.92 4.78
CA VAL B 269 -29.25 -58.11 5.16
C VAL B 269 -28.61 -59.05 4.16
N PRO B 270 -27.68 -58.58 3.33
CA PRO B 270 -27.05 -59.51 2.36
C PRO B 270 -26.40 -60.72 3.02
N PHE B 271 -25.82 -60.57 4.21
CA PHE B 271 -25.11 -61.67 4.86
C PHE B 271 -25.28 -61.56 6.36
N PRO B 272 -26.36 -62.13 6.90
CA PRO B 272 -26.54 -62.11 8.37
C PRO B 272 -25.51 -62.95 9.12
N ASP B 273 -24.80 -63.85 8.43
CA ASP B 273 -23.76 -64.64 9.09
C ASP B 273 -22.76 -63.74 9.79
N LYS B 274 -22.42 -62.61 9.17
CA LYS B 274 -21.43 -61.69 9.71
C LYS B 274 -22.08 -60.73 10.69
N PRO B 275 -21.38 -60.35 11.76
CA PRO B 275 -22.01 -59.53 12.80
C PRO B 275 -22.22 -58.10 12.34
N ASN B 276 -23.34 -57.52 12.77
CA ASN B 276 -23.66 -56.15 12.40
C ASN B 276 -22.68 -55.17 13.05
N LEU B 277 -22.24 -54.19 12.26
CA LEU B 277 -21.33 -53.16 12.75
C LEU B 277 -22.12 -52.19 13.63
N ASP B 278 -21.98 -52.33 14.94
CA ASP B 278 -22.56 -51.38 15.88
C ASP B 278 -21.66 -51.35 17.11
N VAL B 279 -20.96 -50.24 17.30
CA VAL B 279 -19.98 -50.10 18.37
C VAL B 279 -20.62 -49.38 19.55
N THR B 280 -21.94 -49.48 19.67
CA THR B 280 -22.64 -48.78 20.75
C THR B 280 -22.34 -49.41 22.10
N SER B 281 -22.52 -50.72 22.21
CA SER B 281 -22.22 -51.41 23.47
C SER B 281 -20.78 -51.12 23.92
N THR B 282 -19.85 -51.06 22.97
CA THR B 282 -18.48 -50.69 23.30
C THR B 282 -18.42 -49.27 23.87
N MET B 283 -19.22 -48.36 23.32
CA MET B 283 -19.23 -46.99 23.83
C MET B 283 -19.73 -46.95 25.27
N LEU B 284 -20.88 -47.57 25.53
CA LEU B 284 -21.41 -47.61 26.89
C LEU B 284 -20.44 -48.33 27.82
N GLN B 285 -19.83 -49.41 27.34
CA GLN B 285 -18.90 -50.18 28.17
C GLN B 285 -17.57 -49.48 28.37
N GLN B 286 -17.28 -48.42 27.61
CA GLN B 286 -16.09 -47.61 27.82
C GLN B 286 -16.37 -46.34 28.61
N GLY B 287 -17.62 -46.09 28.99
CA GLY B 287 -17.94 -44.93 29.79
C GLY B 287 -18.09 -43.64 29.02
N TRP B 288 -18.56 -43.70 27.77
CA TRP B 288 -18.75 -42.51 26.98
C TRP B 288 -19.98 -41.73 27.43
N GLN B 289 -19.91 -40.42 27.30
CA GLN B 289 -21.02 -39.52 27.55
C GLN B 289 -21.11 -38.52 26.41
N ALA B 290 -22.09 -37.62 26.49
CA ALA B 290 -22.23 -36.60 25.45
C ALA B 290 -20.95 -35.79 25.29
N THR B 291 -20.41 -35.30 26.40
CA THR B 291 -19.24 -34.42 26.34
C THR B 291 -18.07 -35.09 25.63
N HIS B 292 -17.81 -36.36 25.95
CA HIS B 292 -16.69 -37.06 25.32
C HIS B 292 -16.91 -37.22 23.82
N MET B 293 -18.15 -37.51 23.42
CA MET B 293 -18.45 -37.68 22.00
C MET B 293 -18.17 -36.40 21.22
N PHE B 294 -18.44 -35.25 21.84
CA PHE B 294 -18.13 -33.98 21.18
C PHE B 294 -16.62 -33.72 21.19
N ARG B 295 -15.95 -33.96 22.33
CA ARG B 295 -14.50 -33.85 22.37
C ARG B 295 -13.86 -34.79 21.35
N VAL B 296 -14.36 -36.02 21.26
CA VAL B 296 -13.90 -36.94 20.21
C VAL B 296 -14.11 -36.32 18.84
N ALA B 297 -15.30 -35.74 18.61
CA ALA B 297 -15.57 -35.06 17.35
C ALA B 297 -14.58 -33.92 17.13
N GLU B 298 -14.28 -33.15 18.18
CA GLU B 298 -13.31 -32.07 18.05
C GLU B 298 -11.96 -32.60 17.59
N GLU B 299 -11.50 -33.70 18.20
CA GLU B 299 -10.21 -34.28 17.83
C GLU B 299 -10.19 -34.73 16.38
N PHE B 300 -11.35 -35.01 15.79
CA PHE B 300 -11.38 -35.33 14.36
C PHE B 300 -11.00 -34.11 13.52
N PHE B 301 -11.51 -32.93 13.89
CA PHE B 301 -11.23 -31.73 13.10
C PHE B 301 -9.80 -31.24 13.33
N THR B 302 -9.34 -31.21 14.58
CA THR B 302 -7.97 -30.80 14.84
C THR B 302 -6.98 -31.72 14.12
N SER B 303 -7.30 -33.01 14.05
CA SER B 303 -6.44 -33.92 13.30
C SER B 303 -6.30 -33.51 11.84
N LEU B 304 -7.24 -32.72 11.34
CA LEU B 304 -7.14 -32.10 10.03
C LEU B 304 -6.51 -30.72 10.10
N GLU B 305 -5.99 -30.33 11.25
CA GLU B 305 -5.46 -28.98 11.48
C GLU B 305 -6.53 -27.93 11.24
N LEU B 306 -7.80 -28.30 11.42
CA LEU B 306 -8.92 -27.37 11.38
C LEU B 306 -9.23 -26.88 12.79
N SER B 307 -9.85 -25.70 12.86
CA SER B 307 -10.01 -25.03 14.14
C SER B 307 -10.82 -25.88 15.11
N PRO B 308 -10.50 -25.83 16.40
CA PRO B 308 -11.32 -26.48 17.41
C PRO B 308 -12.44 -25.58 17.91
N MET B 309 -13.34 -26.17 18.69
CA MET B 309 -14.51 -25.46 19.17
C MET B 309 -14.09 -24.40 20.19
N PRO B 310 -14.43 -23.13 19.99
CA PRO B 310 -14.00 -22.09 20.94
C PRO B 310 -14.67 -22.28 22.29
N PRO B 311 -14.23 -21.54 23.31
CA PRO B 311 -14.88 -21.67 24.62
C PRO B 311 -16.37 -21.36 24.58
N GLU B 312 -16.79 -20.33 23.83
CA GLU B 312 -18.19 -19.98 23.79
C GLU B 312 -19.05 -21.15 23.33
N PHE B 313 -18.50 -22.03 22.50
CA PHE B 313 -19.23 -23.22 22.08
C PHE B 313 -19.51 -24.14 23.26
N TRP B 314 -18.50 -24.40 24.08
CA TRP B 314 -18.67 -25.29 25.22
C TRP B 314 -19.50 -24.65 26.33
N GLU B 315 -19.43 -23.33 26.46
CA GLU B 315 -20.12 -22.64 27.55
C GLU B 315 -21.59 -22.38 27.27
N GLY B 316 -22.05 -22.61 26.04
CA GLY B 316 -23.43 -22.28 25.69
C GLY B 316 -24.21 -23.41 25.06
N SER B 317 -23.52 -24.38 24.47
CA SER B 317 -24.20 -25.45 23.75
C SER B 317 -24.99 -26.34 24.69
N MET B 318 -26.07 -26.93 24.17
CA MET B 318 -26.90 -27.89 24.89
C MET B 318 -26.58 -29.26 24.31
N LEU B 319 -25.65 -29.98 24.96
CA LEU B 319 -25.21 -31.28 24.49
C LEU B 319 -25.97 -32.44 25.12
N GLU B 320 -26.88 -32.16 26.06
CA GLU B 320 -27.70 -33.17 26.68
C GLU B 320 -29.09 -32.58 26.93
N LYS B 321 -30.08 -33.45 27.07
CA LYS B 321 -31.40 -32.97 27.45
C LYS B 321 -31.35 -32.47 28.89
N PRO B 322 -31.68 -31.21 29.16
CA PRO B 322 -31.53 -30.71 30.53
C PRO B 322 -32.36 -31.50 31.52
N ALA B 323 -31.81 -31.72 32.71
CA ALA B 323 -32.45 -32.50 33.75
C ALA B 323 -33.40 -31.68 34.61
N ASP B 324 -33.55 -30.38 34.34
CA ASP B 324 -34.47 -29.53 35.07
C ASP B 324 -35.88 -29.58 34.51
N GLY B 325 -36.25 -30.66 33.83
CA GLY B 325 -37.58 -30.80 33.28
C GLY B 325 -37.92 -29.84 32.15
N ARG B 326 -36.96 -29.05 31.68
CA ARG B 326 -37.24 -28.09 30.62
C ARG B 326 -37.74 -28.78 29.37
N GLU B 327 -38.77 -28.21 28.77
CA GLU B 327 -39.24 -28.66 27.47
C GLU B 327 -38.35 -28.03 26.38
N VAL B 328 -37.77 -28.87 25.53
CA VAL B 328 -36.77 -28.42 24.57
C VAL B 328 -36.98 -29.14 23.24
N VAL B 329 -36.19 -28.74 22.25
CA VAL B 329 -36.15 -29.37 20.94
C VAL B 329 -34.93 -30.28 20.91
N CYS B 330 -35.14 -31.57 20.68
CA CYS B 330 -34.06 -32.55 20.77
C CYS B 330 -33.47 -32.93 19.42
N HIS B 331 -34.05 -32.46 18.32
CA HIS B 331 -33.41 -32.68 17.02
C HIS B 331 -32.06 -31.96 16.99
N ALA B 332 -31.08 -32.59 16.36
CA ALA B 332 -29.74 -32.03 16.32
C ALA B 332 -29.65 -30.93 15.27
N SER B 333 -28.94 -29.86 15.61
CA SER B 333 -28.76 -28.74 14.68
C SER B 333 -27.66 -27.83 15.22
N ALA B 334 -27.03 -27.10 14.30
CA ALA B 334 -25.96 -26.17 14.62
C ALA B 334 -26.43 -24.74 14.44
N TRP B 335 -25.90 -23.84 15.25
CA TRP B 335 -26.34 -22.45 15.30
C TRP B 335 -25.16 -21.52 15.06
N ASP B 336 -25.37 -20.52 14.21
CA ASP B 336 -24.42 -19.43 14.00
C ASP B 336 -25.14 -18.13 14.37
N PHE B 337 -24.66 -17.46 15.40
CA PHE B 337 -25.32 -16.27 15.91
C PHE B 337 -24.93 -15.00 15.16
N TYR B 338 -24.14 -15.12 14.09
CA TYR B 338 -23.81 -13.99 13.23
C TYR B 338 -23.16 -12.84 14.00
N ASN B 339 -22.38 -13.18 15.03
CA ASN B 339 -21.57 -12.20 15.75
C ASN B 339 -20.10 -12.57 15.75
N ARG B 340 -19.71 -13.59 14.98
CA ARG B 340 -18.33 -14.06 14.89
C ARG B 340 -17.80 -14.61 16.20
N LYS B 341 -18.66 -14.72 17.23
CA LYS B 341 -18.24 -15.18 18.54
C LYS B 341 -18.97 -16.45 18.95
N ASP B 342 -20.30 -16.42 19.02
CA ASP B 342 -21.07 -17.55 19.54
C ASP B 342 -21.36 -18.55 18.42
N PHE B 343 -21.16 -19.82 18.73
CA PHE B 343 -21.52 -20.93 17.84
C PHE B 343 -21.83 -22.11 18.73
N ARG B 344 -23.02 -22.69 18.58
CA ARG B 344 -23.49 -23.70 19.52
C ARG B 344 -24.18 -24.83 18.77
N ILE B 345 -24.40 -25.93 19.50
CA ILE B 345 -25.10 -27.09 19.00
C ILE B 345 -26.21 -27.44 19.98
N LYS B 346 -27.41 -27.69 19.47
CA LYS B 346 -28.57 -28.11 20.25
C LYS B 346 -28.82 -29.57 19.93
N GLN B 347 -28.64 -30.44 20.93
CA GLN B 347 -28.76 -31.88 20.69
C GLN B 347 -28.92 -32.62 22.01
N CYS B 348 -30.07 -33.28 22.20
CA CYS B 348 -30.26 -34.21 23.30
C CYS B 348 -29.51 -35.50 22.97
N THR B 349 -28.19 -35.41 23.02
CA THR B 349 -27.34 -36.50 22.57
C THR B 349 -27.60 -37.77 23.38
N ARG B 350 -27.47 -38.91 22.70
CA ARG B 350 -27.53 -40.22 23.33
C ARG B 350 -26.26 -40.97 23.00
N VAL B 351 -25.84 -41.87 23.89
CA VAL B 351 -24.58 -42.58 23.69
C VAL B 351 -24.83 -43.77 22.77
N THR B 352 -24.77 -43.54 21.46
CA THR B 352 -24.91 -44.59 20.47
C THR B 352 -23.99 -44.28 19.29
N MET B 353 -23.65 -45.34 18.54
CA MET B 353 -22.83 -45.18 17.35
C MET B 353 -23.38 -44.10 16.43
N GLU B 354 -24.71 -44.05 16.27
CA GLU B 354 -25.31 -43.15 15.30
C GLU B 354 -25.22 -41.70 15.76
N GLN B 355 -25.51 -41.45 17.04
CA GLN B 355 -25.43 -40.08 17.55
C GLN B 355 -24.02 -39.53 17.42
N LEU B 356 -23.00 -40.35 17.66
CA LEU B 356 -21.63 -39.89 17.50
C LEU B 356 -21.39 -39.39 16.08
N VAL B 357 -21.84 -40.16 15.08
CA VAL B 357 -21.75 -39.71 13.70
C VAL B 357 -22.50 -38.40 13.51
N VAL B 358 -23.66 -38.26 14.18
CA VAL B 358 -24.42 -37.01 14.10
C VAL B 358 -23.65 -35.87 14.73
N VAL B 359 -22.86 -36.15 15.77
CA VAL B 359 -22.06 -35.11 16.42
C VAL B 359 -21.01 -34.58 15.47
N HIS B 360 -20.34 -35.48 14.73
CA HIS B 360 -19.38 -35.04 13.73
C HIS B 360 -20.07 -34.23 12.63
N HIS B 361 -21.25 -34.68 12.19
CA HIS B 361 -22.00 -33.95 11.18
C HIS B 361 -22.32 -32.54 11.65
N GLU B 362 -22.95 -32.42 12.81
CA GLU B 362 -23.34 -31.10 13.31
C GLU B 362 -22.11 -30.25 13.62
N MET B 363 -21.05 -30.87 14.17
CA MET B 363 -19.82 -30.12 14.39
C MET B 363 -19.20 -29.68 13.07
N GLY B 364 -19.48 -30.41 11.98
CA GLY B 364 -19.07 -29.95 10.67
C GLY B 364 -19.76 -28.66 10.26
N HIS B 365 -21.06 -28.56 10.54
CA HIS B 365 -21.74 -27.29 10.36
C HIS B 365 -21.07 -26.19 11.17
N ILE B 366 -20.65 -26.52 12.39
CA ILE B 366 -19.97 -25.54 13.23
C ILE B 366 -18.62 -25.16 12.61
N GLN B 367 -17.82 -26.17 12.26
CA GLN B 367 -16.54 -25.91 11.60
C GLN B 367 -16.69 -24.94 10.44
N TYR B 368 -17.74 -25.12 9.62
CA TYR B 368 -18.00 -24.20 8.53
C TYR B 368 -18.17 -22.78 9.04
N PHE B 369 -19.03 -22.61 10.05
CA PHE B 369 -19.23 -21.28 10.63
C PHE B 369 -17.91 -20.63 10.99
N LEU B 370 -17.03 -21.38 11.67
CA LEU B 370 -15.79 -20.80 12.17
C LEU B 370 -14.86 -20.38 11.05
N GLN B 371 -14.93 -21.04 9.89
CA GLN B 371 -13.97 -20.77 8.83
C GLN B 371 -14.32 -19.52 8.03
N TYR B 372 -15.59 -19.14 7.95
CA TYR B 372 -16.00 -17.98 7.17
C TYR B 372 -16.55 -16.85 8.04
N LYS B 373 -16.45 -16.98 9.37
CA LYS B 373 -17.05 -16.00 10.26
C LYS B 373 -16.56 -14.58 9.99
N ASP B 374 -15.31 -14.43 9.54
CA ASP B 374 -14.77 -13.10 9.31
C ASP B 374 -15.28 -12.45 8.03
N LEU B 375 -16.03 -13.19 7.20
CA LEU B 375 -16.63 -12.60 6.02
C LEU B 375 -17.81 -11.71 6.40
N PRO B 376 -18.24 -10.84 5.50
CA PRO B 376 -19.50 -10.12 5.73
C PRO B 376 -20.67 -11.09 5.88
N VAL B 377 -21.62 -10.71 6.75
CA VAL B 377 -22.74 -11.60 7.07
C VAL B 377 -23.33 -12.23 5.82
N SER B 378 -23.66 -11.39 4.82
CA SER B 378 -24.32 -11.88 3.63
C SER B 378 -23.48 -12.88 2.84
N LEU B 379 -22.23 -13.10 3.23
CA LEU B 379 -21.39 -14.13 2.62
C LEU B 379 -21.13 -15.30 3.56
N ARG B 380 -21.66 -15.25 4.78
CA ARG B 380 -21.44 -16.32 5.76
C ARG B 380 -22.49 -17.43 5.58
N GLU B 381 -22.48 -18.02 4.38
CA GLU B 381 -23.35 -19.14 4.06
C GLU B 381 -22.56 -20.11 3.19
N GLY B 382 -23.18 -21.25 2.87
CA GLY B 382 -22.56 -22.20 1.97
C GLY B 382 -22.39 -21.61 0.58
N ALA B 383 -21.64 -22.33 -0.25
CA ALA B 383 -21.47 -21.90 -1.64
C ALA B 383 -22.82 -21.87 -2.35
N ASN B 384 -23.59 -22.95 -2.23
CA ASN B 384 -25.00 -22.97 -2.55
C ASN B 384 -25.71 -23.68 -1.41
N PRO B 385 -27.05 -23.66 -1.40
CA PRO B 385 -27.78 -24.22 -0.24
C PRO B 385 -27.56 -25.70 0.01
N GLY B 386 -26.79 -26.38 -0.85
CA GLY B 386 -26.50 -27.78 -0.68
C GLY B 386 -25.14 -28.12 -0.09
N PHE B 387 -24.30 -27.12 0.19
CA PHE B 387 -22.96 -27.39 0.68
C PHE B 387 -22.96 -27.77 2.16
N HIS B 388 -23.62 -26.96 3.00
CA HIS B 388 -23.60 -27.21 4.44
C HIS B 388 -23.91 -28.67 4.77
N GLU B 389 -24.98 -29.21 4.20
CA GLU B 389 -25.32 -30.60 4.49
C GLU B 389 -24.36 -31.57 3.80
N ALA B 390 -23.80 -31.18 2.66
CA ALA B 390 -22.79 -32.00 2.02
C ALA B 390 -21.52 -32.07 2.87
N ILE B 391 -21.16 -30.95 3.51
CA ILE B 391 -19.99 -30.93 4.39
C ILE B 391 -20.20 -31.88 5.56
N GLY B 392 -21.27 -31.67 6.32
CA GLY B 392 -21.54 -32.54 7.46
C GLY B 392 -21.57 -34.01 7.09
N ASP B 393 -22.06 -34.33 5.90
CA ASP B 393 -22.20 -35.73 5.50
C ASP B 393 -20.89 -36.35 5.07
N VAL B 394 -20.14 -35.66 4.20
CA VAL B 394 -18.87 -36.21 3.73
C VAL B 394 -17.96 -36.50 4.92
N LEU B 395 -18.00 -35.64 5.95
CA LEU B 395 -17.29 -35.95 7.18
C LEU B 395 -17.76 -37.25 7.78
N ALA B 396 -19.09 -37.48 7.78
CA ALA B 396 -19.63 -38.70 8.36
C ALA B 396 -19.34 -39.92 7.49
N LEU B 397 -19.15 -39.71 6.18
CA LEU B 397 -18.85 -40.84 5.31
C LEU B 397 -17.56 -41.53 5.71
N SER B 398 -16.61 -40.77 6.28
CA SER B 398 -15.39 -41.35 6.82
C SER B 398 -15.63 -41.91 8.22
N VAL B 399 -16.20 -41.10 9.11
CA VAL B 399 -16.40 -41.50 10.49
C VAL B 399 -17.24 -42.75 10.60
N SER B 400 -18.07 -43.05 9.60
CA SER B 400 -18.97 -44.20 9.66
C SER B 400 -18.28 -45.51 9.29
N THR B 401 -17.12 -45.45 8.64
CA THR B 401 -16.40 -46.66 8.28
C THR B 401 -15.94 -47.37 9.55
N PRO B 402 -15.82 -48.71 9.51
CA PRO B 402 -15.15 -49.39 10.64
C PRO B 402 -13.68 -49.04 10.76
N GLU B 403 -13.04 -48.61 9.66
CA GLU B 403 -11.65 -48.20 9.72
C GLU B 403 -11.47 -47.06 10.71
N HIS B 404 -12.34 -46.06 10.65
CA HIS B 404 -12.25 -44.96 11.60
C HIS B 404 -12.60 -45.42 13.01
N LEU B 405 -13.69 -46.19 13.14
CA LEU B 405 -14.10 -46.66 14.46
C LEU B 405 -13.00 -47.47 15.13
N HIS B 406 -12.17 -48.16 14.34
CA HIS B 406 -11.02 -48.85 14.89
C HIS B 406 -9.96 -47.86 15.34
N LYS B 407 -9.64 -46.87 14.49
CA LYS B 407 -8.60 -45.91 14.82
C LYS B 407 -8.92 -45.11 16.07
N ILE B 408 -10.21 -44.92 16.37
CA ILE B 408 -10.62 -44.26 17.60
C ILE B 408 -10.96 -45.27 18.70
N GLY B 409 -10.58 -46.53 18.51
CA GLY B 409 -10.67 -47.51 19.58
C GLY B 409 -12.08 -47.90 19.98
N LEU B 410 -13.03 -47.85 19.06
CA LEU B 410 -14.38 -48.34 19.32
C LEU B 410 -14.66 -49.69 18.68
N LEU B 411 -13.82 -50.12 17.74
CA LEU B 411 -13.96 -51.40 17.06
C LEU B 411 -12.63 -52.12 17.12
N ASP B 412 -12.61 -53.28 17.80
CA ASP B 412 -11.34 -53.95 18.07
C ASP B 412 -10.75 -54.57 16.81
N ARG B 413 -11.59 -55.16 15.96
CA ARG B 413 -11.13 -55.91 14.81
C ARG B 413 -11.85 -55.42 13.55
N VAL B 414 -11.09 -55.07 12.53
CA VAL B 414 -11.64 -54.64 11.25
C VAL B 414 -11.50 -55.82 10.29
N THR B 415 -12.60 -56.57 10.13
CA THR B 415 -12.60 -57.69 9.20
C THR B 415 -12.47 -57.18 7.77
N ASN B 416 -11.94 -58.04 6.90
CA ASN B 416 -11.68 -57.69 5.51
C ASN B 416 -12.46 -58.59 4.55
N ASP B 417 -13.39 -59.39 5.04
CA ASP B 417 -14.20 -60.22 4.16
C ASP B 417 -15.09 -59.34 3.29
N THR B 418 -15.25 -59.74 2.03
CA THR B 418 -16.07 -58.98 1.09
C THR B 418 -17.55 -59.06 1.42
N GLU B 419 -17.97 -60.00 2.27
CA GLU B 419 -19.38 -60.07 2.65
C GLU B 419 -19.76 -58.91 3.57
N SER B 420 -18.85 -58.50 4.46
CA SER B 420 -19.12 -57.37 5.34
C SER B 420 -19.02 -56.03 4.62
N ASP B 421 -18.31 -55.97 3.49
CA ASP B 421 -18.32 -54.76 2.67
C ASP B 421 -19.67 -54.56 2.00
N ILE B 422 -20.34 -55.63 1.63
CA ILE B 422 -21.66 -55.51 1.01
C ILE B 422 -22.68 -55.05 2.04
N ASN B 423 -22.67 -55.65 3.23
CA ASN B 423 -23.59 -55.23 4.28
C ASN B 423 -23.46 -53.75 4.58
N TYR B 424 -22.22 -53.25 4.66
CA TYR B 424 -22.01 -51.83 4.93
C TYR B 424 -22.50 -50.97 3.77
N LEU B 425 -22.24 -51.40 2.53
CA LEU B 425 -22.68 -50.62 1.38
C LEU B 425 -24.19 -50.71 1.19
N LEU B 426 -24.78 -51.88 1.40
CA LEU B 426 -26.23 -52.01 1.36
C LEU B 426 -26.87 -51.18 2.46
N LYS B 427 -26.32 -51.25 3.67
CA LYS B 427 -26.80 -50.44 4.78
C LYS B 427 -26.75 -48.95 4.42
N MET B 428 -25.70 -48.54 3.70
CA MET B 428 -25.58 -47.15 3.29
C MET B 428 -26.57 -46.82 2.17
N ALA B 429 -26.72 -47.72 1.20
CA ALA B 429 -27.63 -47.46 0.09
C ALA B 429 -29.04 -47.16 0.58
N LEU B 430 -29.52 -47.93 1.57
CA LEU B 430 -30.87 -47.72 2.09
C LEU B 430 -31.09 -46.29 2.56
N ASP B 431 -30.02 -45.54 2.81
CA ASP B 431 -30.10 -44.12 3.16
C ASP B 431 -29.70 -43.22 2.01
N LYS B 432 -28.54 -43.49 1.40
CA LYS B 432 -28.00 -42.58 0.38
C LYS B 432 -28.71 -42.73 -0.95
N ILE B 433 -29.06 -43.96 -1.34
CA ILE B 433 -29.67 -44.19 -2.65
C ILE B 433 -31.18 -44.04 -2.58
N ALA B 434 -31.82 -44.65 -1.58
CA ALA B 434 -33.28 -44.58 -1.47
C ALA B 434 -33.78 -43.15 -1.44
N PHE B 435 -32.98 -42.23 -0.89
CA PHE B 435 -33.46 -40.86 -0.72
C PHE B 435 -33.53 -40.12 -2.05
N LEU B 436 -32.59 -40.37 -2.96
CA LEU B 436 -32.39 -39.57 -4.16
C LEU B 436 -33.69 -39.17 -4.84
N PRO B 437 -34.54 -40.12 -5.25
CA PRO B 437 -35.78 -39.72 -5.95
C PRO B 437 -36.66 -38.77 -5.14
N PHE B 438 -36.85 -39.06 -3.86
CA PHE B 438 -37.67 -38.18 -3.03
C PHE B 438 -37.08 -36.78 -2.95
N GLY B 439 -35.78 -36.68 -2.65
CA GLY B 439 -35.14 -35.38 -2.60
C GLY B 439 -35.21 -34.64 -3.92
N TYR B 440 -35.34 -35.38 -5.02
CA TYR B 440 -35.49 -34.76 -6.34
C TYR B 440 -36.93 -34.30 -6.57
N LEU B 441 -37.91 -35.10 -6.16
CA LEU B 441 -39.29 -34.87 -6.58
C LEU B 441 -39.99 -33.81 -5.75
N VAL B 442 -39.66 -33.67 -4.46
CA VAL B 442 -40.43 -32.80 -3.59
C VAL B 442 -40.55 -31.41 -4.19
N ASP B 443 -39.43 -30.81 -4.60
CA ASP B 443 -39.47 -29.47 -5.16
C ASP B 443 -39.92 -29.46 -6.61
N GLN B 444 -39.83 -30.59 -7.32
CA GLN B 444 -40.49 -30.67 -8.62
C GLN B 444 -41.99 -30.47 -8.48
N TRP B 445 -42.57 -30.97 -7.40
CA TRP B 445 -43.99 -30.78 -7.15
C TRP B 445 -44.31 -29.31 -6.86
N ARG B 446 -43.49 -28.67 -6.03
CA ARG B 446 -43.74 -27.27 -5.69
C ARG B 446 -43.44 -26.34 -6.87
N TRP B 447 -42.47 -26.70 -7.71
CA TRP B 447 -42.23 -25.92 -8.91
C TRP B 447 -43.46 -25.90 -9.81
N GLY B 448 -44.15 -27.04 -9.91
CA GLY B 448 -45.37 -27.10 -10.69
C GLY B 448 -46.53 -26.40 -10.02
N VAL B 449 -46.55 -26.36 -8.69
CA VAL B 449 -47.61 -25.67 -7.98
C VAL B 449 -47.38 -24.17 -8.00
N PHE B 450 -46.13 -23.72 -7.99
CA PHE B 450 -45.85 -22.29 -8.05
C PHE B 450 -46.10 -21.73 -9.45
N SER B 451 -45.86 -22.53 -10.49
CA SER B 451 -45.97 -22.08 -11.87
C SER B 451 -47.38 -22.25 -12.44
N GLY B 452 -48.33 -22.70 -11.64
CA GLY B 452 -49.69 -22.89 -12.10
C GLY B 452 -49.95 -24.17 -12.87
N ARG B 453 -48.90 -24.94 -13.20
CA ARG B 453 -49.11 -26.19 -13.90
C ARG B 453 -49.88 -27.20 -13.07
N THR B 454 -49.90 -27.03 -11.75
CA THR B 454 -50.58 -27.95 -10.84
C THR B 454 -51.50 -27.13 -9.94
N PRO B 455 -52.70 -26.78 -10.43
CA PRO B 455 -53.64 -26.02 -9.61
C PRO B 455 -54.15 -26.87 -8.47
N PRO B 456 -54.79 -26.25 -7.46
CA PRO B 456 -55.31 -27.04 -6.33
C PRO B 456 -56.17 -28.21 -6.78
N SER B 457 -56.75 -28.11 -7.98
CA SER B 457 -57.60 -29.18 -8.51
C SER B 457 -56.84 -30.49 -8.69
N ARG B 458 -55.51 -30.45 -8.81
CA ARG B 458 -54.72 -31.64 -9.09
C ARG B 458 -53.47 -31.67 -8.22
N TYR B 459 -53.57 -31.21 -6.97
CA TYR B 459 -52.45 -31.30 -6.06
C TYR B 459 -52.05 -32.76 -5.87
N ASN B 460 -52.91 -33.55 -5.22
CA ASN B 460 -52.53 -34.92 -4.87
C ASN B 460 -52.24 -35.75 -6.12
N PHE B 461 -52.96 -35.51 -7.22
CA PHE B 461 -52.71 -36.24 -8.46
C PHE B 461 -51.25 -36.11 -8.87
N ASP B 462 -50.74 -34.87 -8.93
CA ASP B 462 -49.36 -34.65 -9.34
C ASP B 462 -48.36 -35.12 -8.28
N TRP B 463 -48.73 -35.01 -7.01
CA TRP B 463 -47.84 -35.48 -5.95
C TRP B 463 -47.54 -36.96 -6.10
N TRP B 464 -48.55 -37.77 -6.43
CA TRP B 464 -48.34 -39.20 -6.57
C TRP B 464 -47.75 -39.56 -7.92
N TYR B 465 -48.03 -38.78 -8.96
CA TYR B 465 -47.33 -38.97 -10.23
C TYR B 465 -45.83 -38.93 -10.02
N LEU B 466 -45.36 -37.96 -9.24
CA LEU B 466 -43.93 -37.85 -8.95
C LEU B 466 -43.49 -38.94 -7.99
N ARG B 467 -44.31 -39.27 -6.99
CA ARG B 467 -43.96 -40.33 -6.05
C ARG B 467 -43.88 -41.67 -6.76
N THR B 468 -44.80 -41.92 -7.70
CA THR B 468 -44.75 -43.17 -8.44
C THR B 468 -43.73 -43.13 -9.56
N LYS B 469 -43.52 -41.96 -10.17
CA LYS B 469 -42.56 -41.86 -11.27
C LYS B 469 -41.14 -42.15 -10.79
N TYR B 470 -40.76 -41.56 -9.64
CA TYR B 470 -39.38 -41.60 -9.17
C TYR B 470 -39.15 -42.65 -8.09
N GLN B 471 -39.98 -42.69 -7.05
CA GLN B 471 -39.76 -43.61 -5.94
C GLN B 471 -40.28 -45.01 -6.21
N GLY B 472 -41.13 -45.19 -7.21
CA GLY B 472 -41.69 -46.51 -7.47
C GLY B 472 -42.56 -47.01 -6.34
N ILE B 473 -43.39 -46.13 -5.77
CA ILE B 473 -44.29 -46.50 -4.69
C ILE B 473 -45.70 -46.08 -5.08
N CYS B 474 -46.67 -46.56 -4.30
CA CYS B 474 -48.08 -46.25 -4.53
C CYS B 474 -48.77 -46.15 -3.18
N PRO B 475 -49.81 -45.32 -3.08
CA PRO B 475 -50.54 -45.23 -1.81
C PRO B 475 -51.20 -46.56 -1.48
N PRO B 476 -51.14 -47.00 -0.23
CA PRO B 476 -51.81 -48.27 0.14
C PRO B 476 -53.31 -48.15 0.30
N VAL B 477 -53.85 -46.93 0.30
CA VAL B 477 -55.29 -46.69 0.27
C VAL B 477 -55.56 -45.68 -0.83
N THR B 478 -56.69 -45.85 -1.52
CA THR B 478 -57.04 -44.97 -2.62
C THR B 478 -57.04 -43.52 -2.14
N ARG B 479 -56.63 -42.62 -3.03
CA ARG B 479 -56.54 -41.20 -2.74
C ARG B 479 -57.29 -40.41 -3.81
N ASN B 480 -57.88 -39.30 -3.40
CA ASN B 480 -58.54 -38.38 -4.33
C ASN B 480 -58.19 -36.96 -3.93
N GLU B 481 -58.74 -35.99 -4.68
CA GLU B 481 -58.31 -34.61 -4.55
C GLU B 481 -58.81 -33.92 -3.28
N THR B 482 -59.53 -34.63 -2.40
CA THR B 482 -59.73 -34.12 -1.05
C THR B 482 -58.52 -34.33 -0.17
N HIS B 483 -57.52 -35.07 -0.66
CA HIS B 483 -56.31 -35.35 0.10
C HIS B 483 -55.17 -34.46 -0.35
N PHE B 484 -54.27 -34.16 0.58
CA PHE B 484 -53.11 -33.31 0.33
C PHE B 484 -51.87 -34.00 0.88
N ASP B 485 -51.53 -35.15 0.30
CA ASP B 485 -50.43 -35.95 0.82
C ASP B 485 -49.10 -35.20 0.81
N ALA B 486 -48.96 -34.18 -0.04
CA ALA B 486 -47.75 -33.37 -0.02
C ALA B 486 -47.61 -32.61 1.29
N GLY B 487 -48.73 -32.20 1.89
CA GLY B 487 -48.71 -31.45 3.14
C GLY B 487 -48.41 -32.28 4.36
N ALA B 488 -48.39 -33.61 4.24
CA ALA B 488 -48.00 -34.47 5.35
C ALA B 488 -46.49 -34.57 5.50
N LYS B 489 -45.72 -33.89 4.65
CA LYS B 489 -44.28 -33.83 4.75
C LYS B 489 -43.89 -32.48 5.34
N PHE B 490 -43.07 -32.50 6.39
CA PHE B 490 -42.82 -31.31 7.20
C PHE B 490 -42.51 -30.08 6.35
N HIS B 491 -41.66 -30.24 5.33
CA HIS B 491 -41.09 -29.09 4.67
C HIS B 491 -42.09 -28.33 3.80
N VAL B 492 -43.19 -28.96 3.41
CA VAL B 492 -44.16 -28.30 2.54
C VAL B 492 -44.91 -27.24 3.34
N PRO B 493 -45.61 -27.59 4.43
CA PRO B 493 -46.33 -26.55 5.19
C PRO B 493 -45.42 -25.53 5.83
N ASN B 494 -44.21 -25.93 6.25
CA ASN B 494 -43.24 -25.00 6.82
C ASN B 494 -42.45 -24.25 5.76
N VAL B 495 -42.65 -24.57 4.48
CA VAL B 495 -42.04 -23.84 3.38
C VAL B 495 -40.52 -23.86 3.52
N THR B 496 -39.94 -25.05 3.50
CA THR B 496 -38.48 -25.22 3.54
C THR B 496 -38.02 -25.86 2.24
N PRO B 497 -37.29 -25.16 1.38
CA PRO B 497 -36.85 -25.77 0.12
C PRO B 497 -36.16 -27.12 0.35
N TYR B 498 -36.28 -28.01 -0.63
CA TYR B 498 -35.82 -29.38 -0.50
C TYR B 498 -34.77 -29.78 -1.53
N ILE B 499 -34.67 -29.08 -2.66
CA ILE B 499 -33.71 -29.48 -3.69
C ILE B 499 -32.28 -29.42 -3.15
N ARG B 500 -32.05 -28.59 -2.13
CA ARG B 500 -30.72 -28.51 -1.53
C ARG B 500 -30.22 -29.89 -1.11
N TYR B 501 -31.11 -30.75 -0.62
CA TYR B 501 -30.70 -32.03 -0.08
C TYR B 501 -30.33 -33.01 -1.17
N PHE B 502 -31.12 -33.08 -2.25
CA PHE B 502 -30.70 -33.86 -3.41
C PHE B 502 -29.35 -33.38 -3.94
N VAL B 503 -29.07 -32.09 -3.81
CA VAL B 503 -27.77 -31.56 -4.20
C VAL B 503 -26.69 -32.03 -3.23
N SER B 504 -26.96 -31.90 -1.93
CA SER B 504 -25.98 -32.30 -0.93
C SER B 504 -25.69 -33.80 -0.98
N PHE B 505 -26.60 -34.60 -1.53
CA PHE B 505 -26.36 -36.02 -1.64
C PHE B 505 -25.44 -36.36 -2.81
N VAL B 506 -25.37 -35.51 -3.83
CA VAL B 506 -24.41 -35.70 -4.91
C VAL B 506 -23.08 -35.03 -4.59
N LEU B 507 -23.12 -33.85 -3.97
CA LEU B 507 -21.89 -33.17 -3.59
C LEU B 507 -21.06 -34.01 -2.62
N GLN B 508 -21.71 -34.50 -1.56
CA GLN B 508 -20.97 -35.17 -0.49
C GLN B 508 -20.07 -36.29 -1.03
N PHE B 509 -20.50 -36.97 -2.09
CA PHE B 509 -19.67 -37.98 -2.71
C PHE B 509 -18.65 -37.40 -3.68
N GLN B 510 -18.86 -36.16 -4.15
CA GLN B 510 -17.82 -35.46 -4.87
C GLN B 510 -16.76 -34.94 -3.90
N PHE B 511 -17.18 -34.36 -2.77
CA PHE B 511 -16.25 -33.99 -1.72
C PHE B 511 -15.43 -35.19 -1.28
N HIS B 512 -16.09 -36.34 -1.11
CA HIS B 512 -15.40 -37.54 -0.63
C HIS B 512 -14.29 -37.95 -1.58
N GLU B 513 -14.63 -38.17 -2.86
CA GLU B 513 -13.62 -38.57 -3.83
C GLU B 513 -12.45 -37.60 -3.84
N ALA B 514 -12.73 -36.30 -3.78
CA ALA B 514 -11.67 -35.31 -3.84
C ALA B 514 -10.82 -35.33 -2.58
N LEU B 515 -11.45 -35.44 -1.41
CA LEU B 515 -10.68 -35.42 -0.17
C LEU B 515 -9.89 -36.71 0.02
N CYS B 516 -10.42 -37.84 -0.42
CA CYS B 516 -9.70 -39.10 -0.30
C CYS B 516 -8.52 -39.18 -1.26
N LYS B 517 -8.67 -38.59 -2.45
CA LYS B 517 -7.54 -38.52 -3.38
C LYS B 517 -6.46 -37.60 -2.82
N GLU B 518 -6.85 -36.45 -2.26
CA GLU B 518 -5.88 -35.55 -1.68
C GLU B 518 -5.12 -36.19 -0.53
N ALA B 519 -5.78 -37.07 0.22
CA ALA B 519 -5.14 -37.76 1.33
C ALA B 519 -4.35 -38.99 0.90
N GLY B 520 -4.16 -39.17 -0.42
CA GLY B 520 -3.34 -40.26 -0.91
C GLY B 520 -3.88 -41.64 -0.64
N TYR B 521 -5.18 -41.76 -0.37
CA TYR B 521 -5.77 -43.08 -0.15
C TYR B 521 -6.00 -43.78 -1.48
N GLU B 522 -5.77 -45.09 -1.49
CA GLU B 522 -6.03 -45.92 -2.65
C GLU B 522 -6.76 -47.17 -2.20
N GLY B 523 -7.82 -47.53 -2.92
CA GLY B 523 -8.63 -48.68 -2.58
C GLY B 523 -10.10 -48.35 -2.65
N PRO B 524 -10.93 -49.18 -2.02
CA PRO B 524 -12.38 -48.93 -2.02
C PRO B 524 -12.70 -47.57 -1.41
N LEU B 525 -13.30 -46.70 -2.23
CA LEU B 525 -13.64 -45.36 -1.75
C LEU B 525 -14.58 -45.41 -0.55
N HIS B 526 -15.28 -46.52 -0.34
CA HIS B 526 -16.15 -46.65 0.82
C HIS B 526 -15.39 -47.03 2.08
N GLN B 527 -14.12 -47.42 1.97
CA GLN B 527 -13.27 -47.69 3.11
C GLN B 527 -12.32 -46.53 3.42
N CYS B 528 -12.56 -45.36 2.84
CA CYS B 528 -11.68 -44.21 3.04
C CYS B 528 -12.02 -43.48 4.32
N ASP B 529 -10.99 -43.07 5.06
CA ASP B 529 -11.15 -42.24 6.25
C ASP B 529 -10.10 -41.14 6.19
N ILE B 530 -10.56 -39.88 6.02
CA ILE B 530 -9.64 -38.76 5.94
C ILE B 530 -9.05 -38.38 7.30
N TYR B 531 -9.40 -39.13 8.35
CA TYR B 531 -8.89 -38.86 9.69
C TYR B 531 -7.37 -38.70 9.67
N ARG B 532 -6.89 -37.67 10.37
CA ARG B 532 -5.46 -37.39 10.48
C ARG B 532 -4.81 -37.23 9.11
N SER B 533 -5.41 -36.36 8.28
CA SER B 533 -4.88 -36.01 6.97
C SER B 533 -4.89 -34.49 6.86
N THR B 534 -3.74 -33.87 7.09
CA THR B 534 -3.66 -32.41 7.03
C THR B 534 -3.85 -31.89 5.62
N LYS B 535 -3.46 -32.66 4.61
CA LYS B 535 -3.69 -32.25 3.23
C LYS B 535 -5.18 -32.23 2.91
N ALA B 536 -5.92 -33.24 3.37
CA ALA B 536 -7.36 -33.23 3.22
C ALA B 536 -7.97 -31.99 3.89
N GLY B 537 -7.49 -31.66 5.09
CA GLY B 537 -8.01 -30.49 5.78
C GLY B 537 -7.79 -29.22 5.01
N ALA B 538 -6.59 -29.03 4.47
CA ALA B 538 -6.29 -27.83 3.69
C ALA B 538 -7.27 -27.67 2.54
N LYS B 539 -7.56 -28.76 1.84
CA LYS B 539 -8.55 -28.70 0.76
C LYS B 539 -9.92 -28.33 1.30
N LEU B 540 -10.38 -29.03 2.34
CA LEU B 540 -11.62 -28.66 3.01
C LEU B 540 -11.61 -27.18 3.38
N ARG B 541 -10.50 -26.71 3.95
CA ARG B 541 -10.42 -25.33 4.41
C ARG B 541 -10.63 -24.34 3.28
N LYS B 542 -10.03 -24.61 2.11
CA LYS B 542 -10.23 -23.73 0.96
C LYS B 542 -11.70 -23.46 0.72
N VAL B 543 -12.53 -24.51 0.85
CA VAL B 543 -13.96 -24.36 0.64
C VAL B 543 -14.61 -23.64 1.82
N LEU B 544 -14.45 -24.21 3.02
CA LEU B 544 -15.15 -23.68 4.19
C LEU B 544 -14.87 -22.19 4.38
N ARG B 545 -13.65 -21.75 4.12
CA ARG B 545 -13.31 -20.34 4.29
C ARG B 545 -13.88 -19.46 3.17
N ALA B 546 -14.41 -20.06 2.11
CA ALA B 546 -14.95 -19.29 0.99
C ALA B 546 -16.39 -18.85 1.22
N GLY B 547 -17.16 -19.61 1.99
CA GLY B 547 -18.57 -19.29 2.17
C GLY B 547 -19.26 -19.21 0.81
N SER B 548 -20.04 -18.14 0.62
CA SER B 548 -20.63 -17.83 -0.68
C SER B 548 -19.92 -16.67 -1.37
N SER B 549 -18.70 -16.34 -0.91
CA SER B 549 -17.97 -15.21 -1.47
C SER B 549 -17.63 -15.41 -2.94
N ARG B 550 -17.73 -16.63 -3.46
CA ARG B 550 -17.41 -16.91 -4.85
C ARG B 550 -18.48 -17.84 -5.43
N PRO B 551 -18.62 -17.88 -6.75
CA PRO B 551 -19.58 -18.80 -7.35
C PRO B 551 -19.30 -20.23 -6.95
N TRP B 552 -20.35 -20.93 -6.48
CA TRP B 552 -20.16 -22.28 -6.00
C TRP B 552 -19.50 -23.18 -7.04
N GLN B 553 -19.62 -22.85 -8.32
CA GLN B 553 -19.01 -23.68 -9.35
C GLN B 553 -17.49 -23.55 -9.33
N GLU B 554 -16.97 -22.34 -9.12
CA GLU B 554 -15.52 -22.17 -8.97
C GLU B 554 -15.03 -22.84 -7.70
N VAL B 555 -15.67 -22.55 -6.56
CA VAL B 555 -15.31 -23.18 -5.29
C VAL B 555 -15.25 -24.69 -5.46
N LEU B 556 -16.17 -25.26 -6.24
CA LEU B 556 -16.15 -26.69 -6.50
C LEU B 556 -15.07 -27.06 -7.51
N LYS B 557 -14.80 -26.18 -8.48
CA LYS B 557 -13.72 -26.44 -9.44
C LYS B 557 -12.39 -26.59 -8.73
N ASP B 558 -12.05 -25.63 -7.87
CA ASP B 558 -10.78 -25.69 -7.15
C ASP B 558 -10.68 -26.95 -6.31
N MET B 559 -11.80 -27.39 -5.73
CA MET B 559 -11.76 -28.51 -4.79
C MET B 559 -11.70 -29.85 -5.51
N VAL B 560 -12.67 -30.13 -6.38
CA VAL B 560 -12.79 -31.46 -6.99
C VAL B 560 -12.33 -31.47 -8.44
N GLY B 561 -12.01 -30.33 -9.03
CA GLY B 561 -11.54 -30.29 -10.40
C GLY B 561 -12.63 -30.23 -11.46
N LEU B 562 -13.88 -30.01 -11.06
CA LEU B 562 -14.98 -29.90 -12.00
C LEU B 562 -15.89 -28.77 -11.54
N ASP B 563 -16.40 -27.99 -12.50
CA ASP B 563 -17.25 -26.84 -12.20
C ASP B 563 -18.73 -27.19 -12.26
N ALA B 564 -19.10 -28.44 -11.98
CA ALA B 564 -20.49 -28.86 -12.08
C ALA B 564 -20.70 -30.09 -11.21
N LEU B 565 -21.94 -30.28 -10.77
CA LEU B 565 -22.31 -31.47 -10.04
C LEU B 565 -22.01 -32.70 -10.89
N ASP B 566 -21.82 -33.84 -10.23
CA ASP B 566 -21.47 -35.07 -10.92
C ASP B 566 -21.85 -36.26 -10.05
N ALA B 567 -22.61 -37.19 -10.63
CA ALA B 567 -23.03 -38.38 -9.92
C ALA B 567 -22.00 -39.50 -9.96
N GLN B 568 -20.94 -39.36 -10.75
CA GLN B 568 -19.97 -40.44 -10.91
C GLN B 568 -19.31 -40.81 -9.58
N PRO B 569 -18.79 -39.88 -8.79
CA PRO B 569 -18.23 -40.27 -7.49
C PRO B 569 -19.18 -41.08 -6.64
N LEU B 570 -20.48 -40.76 -6.66
CA LEU B 570 -21.46 -41.55 -5.92
C LEU B 570 -21.52 -42.98 -6.45
N LEU B 571 -21.56 -43.13 -7.78
CA LEU B 571 -21.56 -44.47 -8.36
C LEU B 571 -20.28 -45.22 -8.04
N LYS B 572 -19.14 -44.52 -8.06
CA LYS B 572 -17.86 -45.14 -7.73
C LYS B 572 -17.85 -45.64 -6.28
N TYR B 573 -18.56 -44.94 -5.39
CA TYR B 573 -18.64 -45.37 -4.00
C TYR B 573 -19.45 -46.66 -3.89
N PHE B 574 -20.61 -46.72 -4.52
CA PHE B 574 -21.50 -47.87 -4.44
C PHE B 574 -21.24 -48.90 -5.53
N GLN B 575 -20.11 -48.81 -6.22
CA GLN B 575 -19.87 -49.69 -7.38
C GLN B 575 -20.03 -51.16 -7.01
N LEU B 576 -19.47 -51.56 -5.86
CA LEU B 576 -19.52 -52.97 -5.47
C LEU B 576 -20.95 -53.43 -5.25
N VAL B 577 -21.68 -52.77 -4.35
CA VAL B 577 -23.04 -53.20 -4.04
C VAL B 577 -23.95 -53.03 -5.24
N THR B 578 -23.64 -52.09 -6.14
CA THR B 578 -24.40 -51.95 -7.37
C THR B 578 -24.31 -53.23 -8.20
N GLN B 579 -23.10 -53.74 -8.42
CA GLN B 579 -22.91 -54.95 -9.20
C GLN B 579 -23.54 -56.14 -8.50
N TRP B 580 -23.38 -56.25 -7.18
CA TRP B 580 -23.96 -57.37 -6.44
C TRP B 580 -25.47 -57.42 -6.64
N LEU B 581 -26.14 -56.26 -6.49
CA LEU B 581 -27.58 -56.22 -6.66
C LEU B 581 -27.99 -56.64 -8.06
N GLN B 582 -27.22 -56.24 -9.08
CA GLN B 582 -27.53 -56.64 -10.45
C GLN B 582 -27.48 -58.15 -10.59
N GLU B 583 -26.48 -58.80 -10.00
CA GLU B 583 -26.44 -60.26 -10.01
C GLU B 583 -27.68 -60.84 -9.34
N GLN B 584 -27.99 -60.39 -8.12
CA GLN B 584 -29.13 -60.92 -7.39
C GLN B 584 -30.42 -60.70 -8.18
N ASN B 585 -30.62 -59.48 -8.68
CA ASN B 585 -31.85 -59.18 -9.40
C ASN B 585 -31.97 -60.00 -10.68
N GLN B 586 -30.85 -60.36 -11.29
CA GLN B 586 -30.90 -61.21 -12.48
C GLN B 586 -31.12 -62.66 -12.10
N GLN B 587 -30.37 -63.17 -11.12
CA GLN B 587 -30.58 -64.54 -10.66
C GLN B 587 -32.03 -64.80 -10.31
N ASN B 588 -32.73 -63.79 -9.79
CA ASN B 588 -34.16 -63.90 -9.50
C ASN B 588 -35.02 -63.44 -10.66
N GLY B 589 -34.44 -63.25 -11.84
CA GLY B 589 -35.19 -62.80 -13.00
C GLY B 589 -36.13 -61.64 -12.68
N GLU B 590 -35.62 -60.66 -11.95
CA GLU B 590 -36.45 -59.55 -11.51
C GLU B 590 -36.79 -58.63 -12.68
N VAL B 591 -37.68 -57.67 -12.39
CA VAL B 591 -38.05 -56.62 -13.34
C VAL B 591 -37.66 -55.29 -12.71
N LEU B 592 -36.78 -54.55 -13.38
CA LEU B 592 -36.38 -53.23 -12.90
C LEU B 592 -37.46 -52.22 -13.26
N GLY B 593 -38.06 -51.61 -12.25
CA GLY B 593 -39.11 -50.63 -12.44
C GLY B 593 -40.45 -51.12 -11.96
N TRP B 594 -41.51 -50.54 -12.54
CA TRP B 594 -42.89 -50.88 -12.17
C TRP B 594 -43.77 -50.80 -13.41
N PRO B 595 -43.65 -51.79 -14.30
CA PRO B 595 -44.49 -51.78 -15.51
C PRO B 595 -45.97 -51.67 -15.20
N GLU B 596 -46.44 -52.34 -14.15
CA GLU B 596 -47.85 -52.31 -13.76
C GLU B 596 -48.10 -51.10 -12.86
N TYR B 597 -47.96 -49.92 -13.47
CA TYR B 597 -48.00 -48.67 -12.71
C TYR B 597 -49.36 -48.42 -12.08
N GLN B 598 -50.44 -48.86 -12.73
CA GLN B 598 -51.77 -48.63 -12.17
C GLN B 598 -52.00 -49.42 -10.88
N TRP B 599 -51.15 -50.39 -10.56
CA TRP B 599 -51.44 -51.30 -9.47
C TRP B 599 -51.38 -50.62 -8.12
N HIS B 600 -52.39 -50.88 -7.29
CA HIS B 600 -52.41 -50.51 -5.88
C HIS B 600 -52.76 -51.75 -5.08
N PRO B 601 -52.40 -51.80 -3.81
CA PRO B 601 -52.66 -53.00 -3.00
C PRO B 601 -54.10 -53.01 -2.50
N PRO B 602 -54.61 -54.17 -2.08
CA PRO B 602 -55.95 -54.23 -1.50
C PRO B 602 -55.95 -53.91 -0.01
N LEU B 603 -57.11 -53.52 0.47
CA LEU B 603 -57.25 -53.23 1.89
C LEU B 603 -57.31 -54.54 2.69
N PRO B 604 -56.80 -54.53 3.92
CA PRO B 604 -56.80 -55.78 4.70
C PRO B 604 -58.21 -56.26 5.00
N ASP B 605 -58.34 -57.59 5.12
CA ASP B 605 -59.62 -58.21 5.44
C ASP B 605 -60.22 -57.58 6.70
N ASN B 606 -61.38 -56.96 6.55
CA ASN B 606 -62.07 -56.32 7.67
C ASN B 606 -61.15 -55.33 8.36
N TYR B 607 -61.03 -54.13 7.78
CA TYR B 607 -60.18 -53.04 8.22
C TYR B 607 -61.00 -51.77 8.29
N PRO B 608 -60.71 -50.85 9.23
CA PRO B 608 -59.74 -50.82 10.35
C PRO B 608 -59.97 -51.83 11.47
N GLU B 609 -61.16 -52.42 11.54
CA GLU B 609 -61.51 -53.31 12.65
C GLU B 609 -60.47 -54.41 12.84
N GLN C 6 7.49 -13.74 -33.44
CA GLN C 6 6.09 -13.78 -33.83
C GLN C 6 5.31 -14.68 -32.86
N PRO C 7 4.32 -14.13 -32.16
CA PRO C 7 3.58 -14.91 -31.17
C PRO C 7 2.69 -15.96 -31.83
N GLY C 8 2.14 -16.83 -30.98
CA GLY C 8 1.27 -17.90 -31.42
C GLY C 8 -0.18 -17.64 -31.09
N GLN C 9 -0.77 -18.47 -30.23
CA GLN C 9 -2.13 -18.29 -29.75
C GLN C 9 -2.11 -18.21 -28.23
N PHE C 10 -2.68 -17.15 -27.69
CA PHE C 10 -2.76 -16.93 -26.25
C PHE C 10 -4.17 -16.53 -25.88
N SER C 11 -4.68 -17.10 -24.80
CA SER C 11 -6.04 -16.81 -24.38
C SER C 11 -6.12 -15.43 -23.74
N ALA C 12 -7.25 -14.75 -23.96
CA ALA C 12 -7.45 -13.40 -23.45
C ALA C 12 -8.06 -13.45 -22.04
N ASP C 13 -7.29 -14.06 -21.14
CA ASP C 13 -7.67 -14.18 -19.73
C ASP C 13 -6.51 -13.69 -18.87
N GLU C 14 -6.77 -13.55 -17.57
CA GLU C 14 -5.71 -13.19 -16.64
C GLU C 14 -4.51 -14.11 -16.81
N ALA C 15 -4.74 -15.42 -16.67
CA ALA C 15 -3.66 -16.38 -16.86
C ALA C 15 -3.30 -16.54 -18.32
N GLY C 16 -4.25 -16.30 -19.23
CA GLY C 16 -3.95 -16.40 -20.65
C GLY C 16 -2.92 -15.37 -21.08
N ALA C 17 -3.09 -14.12 -20.65
CA ALA C 17 -2.09 -13.10 -20.91
C ALA C 17 -0.79 -13.35 -20.15
N GLN C 18 -0.84 -14.15 -19.07
CA GLN C 18 0.38 -14.43 -18.32
C GLN C 18 1.32 -15.33 -19.10
N LEU C 19 0.79 -16.21 -19.95
CA LEU C 19 1.66 -16.97 -20.84
C LEU C 19 2.18 -16.11 -21.99
N PHE C 20 1.40 -15.11 -22.40
CA PHE C 20 1.88 -14.18 -23.42
C PHE C 20 3.08 -13.39 -22.92
N ALA C 21 3.09 -13.05 -21.63
CA ALA C 21 4.24 -12.35 -21.06
C ALA C 21 5.43 -13.27 -20.90
N GLN C 22 5.20 -14.51 -20.43
CA GLN C 22 6.27 -15.48 -20.31
C GLN C 22 6.99 -15.67 -21.63
N SER C 23 6.25 -15.61 -22.74
CA SER C 23 6.87 -15.76 -24.05
C SER C 23 7.65 -14.51 -24.46
N TYR C 24 7.24 -13.34 -23.96
CA TYR C 24 7.91 -12.10 -24.34
C TYR C 24 9.35 -12.07 -23.85
N GLN C 25 9.63 -12.68 -22.70
CA GLN C 25 10.99 -12.72 -22.19
C GLN C 25 11.91 -13.48 -23.14
N SER C 26 11.62 -14.76 -23.37
CA SER C 26 12.49 -15.59 -24.19
C SER C 26 12.77 -14.95 -25.54
N SER C 27 11.75 -14.35 -26.15
CA SER C 27 11.95 -13.73 -27.45
C SER C 27 12.75 -12.43 -27.33
N ALA C 28 12.43 -11.60 -26.33
CA ALA C 28 13.14 -10.33 -26.18
C ALA C 28 14.63 -10.55 -25.91
N GLU C 29 14.96 -11.53 -25.07
CA GLU C 29 16.37 -11.87 -24.84
C GLU C 29 17.11 -12.05 -26.16
N GLN C 30 16.48 -12.72 -27.12
CA GLN C 30 17.13 -12.98 -28.40
C GLN C 30 17.30 -11.70 -29.20
N VAL C 31 16.25 -10.88 -29.26
CA VAL C 31 16.27 -9.69 -30.10
C VAL C 31 17.18 -8.62 -29.47
N LEU C 32 17.03 -8.41 -28.17
CA LEU C 32 17.89 -7.44 -27.49
C LEU C 32 19.36 -7.82 -27.62
N PHE C 33 19.67 -9.11 -27.38
CA PHE C 33 21.05 -9.56 -27.42
C PHE C 33 21.75 -9.12 -28.71
N GLN C 34 21.11 -9.37 -29.86
CA GLN C 34 21.76 -9.08 -31.14
C GLN C 34 21.93 -7.58 -31.36
N SER C 35 21.14 -6.74 -30.68
CA SER C 35 21.32 -5.30 -30.80
C SER C 35 22.52 -4.83 -29.98
N VAL C 36 22.71 -5.40 -28.79
CA VAL C 36 23.87 -5.06 -27.98
C VAL C 36 25.13 -5.62 -28.62
N ALA C 37 25.04 -6.79 -29.23
CA ALA C 37 26.20 -7.38 -29.90
C ALA C 37 26.60 -6.55 -31.12
N ALA C 38 25.63 -6.12 -31.91
CA ALA C 38 25.94 -5.29 -33.07
C ALA C 38 26.49 -3.94 -32.64
N SER C 39 25.91 -3.34 -31.61
CA SER C 39 26.42 -2.06 -31.11
C SER C 39 27.84 -2.20 -30.58
N TRP C 40 28.13 -3.32 -29.91
CA TRP C 40 29.49 -3.56 -29.44
C TRP C 40 30.45 -3.64 -30.61
N ALA C 41 30.12 -4.44 -31.62
CA ALA C 41 30.98 -4.57 -32.79
C ALA C 41 31.28 -3.21 -33.40
N HIS C 42 30.27 -2.34 -33.46
CA HIS C 42 30.46 -1.02 -34.08
C HIS C 42 31.30 -0.11 -33.19
N ASP C 43 30.91 0.04 -31.93
CA ASP C 43 31.60 0.96 -31.04
C ASP C 43 33.03 0.55 -30.75
N THR C 44 33.36 -0.73 -30.89
CA THR C 44 34.73 -1.21 -30.71
C THR C 44 35.44 -1.43 -32.04
N ASN C 45 34.71 -1.42 -33.17
CA ASN C 45 35.27 -1.59 -34.50
C ASN C 45 34.41 -0.75 -35.44
N ILE C 46 34.58 0.57 -35.37
CA ILE C 46 33.75 1.49 -36.14
C ILE C 46 34.09 1.35 -37.61
N THR C 47 33.16 0.79 -38.37
CA THR C 47 33.27 0.69 -39.82
C THR C 47 31.90 0.94 -40.43
N ALA C 48 31.90 1.48 -41.65
CA ALA C 48 30.63 1.75 -42.32
C ALA C 48 29.75 0.51 -42.37
N GLU C 49 30.35 -0.66 -42.57
CA GLU C 49 29.57 -1.89 -42.63
C GLU C 49 28.93 -2.20 -41.28
N ASN C 50 29.68 -2.06 -40.19
CA ASN C 50 29.13 -2.34 -38.87
C ASN C 50 28.05 -1.34 -38.47
N ALA C 51 28.02 -0.16 -39.08
CA ALA C 51 26.93 0.77 -38.81
C ALA C 51 25.63 0.27 -39.42
N ARG C 52 25.70 -0.42 -40.57
CA ARG C 52 24.50 -1.02 -41.15
C ARG C 52 23.96 -2.13 -40.26
N ARG C 53 24.81 -3.09 -39.88
CA ARG C 53 24.38 -4.17 -39.01
C ARG C 53 23.72 -3.63 -37.75
N GLN C 54 24.13 -2.44 -37.32
CA GLN C 54 23.47 -1.79 -36.19
C GLN C 54 22.03 -1.42 -36.53
N GLU C 55 21.80 -0.89 -37.74
CA GLU C 55 20.45 -0.56 -38.15
C GLU C 55 19.59 -1.80 -38.31
N GLU C 56 20.12 -2.82 -39.00
CA GLU C 56 19.42 -4.10 -39.08
C GLU C 56 19.04 -4.59 -37.70
N ALA C 57 20.03 -4.66 -36.81
CA ALA C 57 19.76 -5.05 -35.42
C ALA C 57 18.72 -4.12 -34.80
N ALA C 58 18.84 -2.81 -35.02
CA ALA C 58 17.89 -1.86 -34.46
C ALA C 58 16.51 -2.04 -35.08
N LEU C 59 16.45 -2.19 -36.40
CA LEU C 59 15.15 -2.35 -37.06
C LEU C 59 14.54 -3.70 -36.73
N LEU C 60 15.36 -4.75 -36.63
CA LEU C 60 14.85 -6.04 -36.14
C LEU C 60 14.19 -5.86 -34.78
N SER C 61 14.84 -5.11 -33.88
CA SER C 61 14.25 -4.81 -32.59
C SER C 61 12.96 -4.03 -32.75
N GLN C 62 12.97 -3.02 -33.61
CA GLN C 62 11.78 -2.18 -33.80
C GLN C 62 10.61 -2.99 -34.34
N GLU C 63 10.87 -3.87 -35.30
CA GLU C 63 9.80 -4.70 -35.85
C GLU C 63 9.30 -5.70 -34.81
N PHE C 64 10.20 -6.23 -33.98
CA PHE C 64 9.80 -7.15 -32.93
C PHE C 64 8.83 -6.49 -31.96
N ALA C 65 9.01 -5.19 -31.71
CA ALA C 65 8.13 -4.48 -30.78
C ALA C 65 6.71 -4.39 -31.33
N GLU C 66 6.58 -3.99 -32.60
CA GLU C 66 5.25 -3.83 -33.20
C GLU C 66 4.50 -5.15 -33.24
N ALA C 67 5.19 -6.22 -33.67
CA ALA C 67 4.54 -7.52 -33.79
C ALA C 67 3.93 -7.97 -32.46
N TRP C 68 4.64 -7.73 -31.36
CA TRP C 68 4.16 -8.15 -30.05
C TRP C 68 3.30 -7.08 -29.38
N GLY C 69 3.51 -5.81 -29.70
CA GLY C 69 2.71 -4.76 -29.11
C GLY C 69 1.28 -4.76 -29.60
N GLN C 70 1.08 -5.09 -30.88
CA GLN C 70 -0.27 -5.14 -31.43
C GLN C 70 -1.01 -6.38 -30.97
N LYS C 71 -0.35 -7.53 -30.98
CA LYS C 71 -1.00 -8.74 -30.49
C LYS C 71 -1.54 -8.53 -29.09
N ALA C 72 -0.72 -7.94 -28.21
CA ALA C 72 -1.17 -7.62 -26.86
C ALA C 72 -2.47 -6.81 -26.89
N LYS C 73 -2.53 -5.78 -27.73
CA LYS C 73 -3.73 -4.97 -27.88
C LYS C 73 -4.94 -5.86 -28.12
N GLU C 74 -4.97 -6.52 -29.28
CA GLU C 74 -6.08 -7.40 -29.62
C GLU C 74 -6.19 -8.58 -28.64
N LEU C 75 -5.17 -8.84 -27.85
CA LEU C 75 -5.20 -9.92 -26.88
C LEU C 75 -5.60 -9.41 -25.50
N THR C 84 -5.68 -8.00 -12.31
CA THR C 84 -5.67 -7.74 -10.88
C THR C 84 -4.30 -8.04 -10.27
N ASP C 85 -3.27 -7.96 -11.11
CA ASP C 85 -1.89 -8.21 -10.69
C ASP C 85 -1.08 -6.95 -10.93
N PRO C 86 -0.47 -6.37 -9.90
CA PRO C 86 0.13 -5.02 -10.08
C PRO C 86 1.19 -4.96 -11.17
N GLN C 87 2.20 -5.84 -11.12
CA GLN C 87 3.31 -5.77 -12.05
C GLN C 87 2.99 -6.49 -13.36
N LEU C 88 2.46 -7.71 -13.27
CA LEU C 88 2.05 -8.43 -14.47
C LEU C 88 1.24 -7.53 -15.40
N ARG C 89 0.43 -6.65 -14.83
CA ARG C 89 -0.27 -5.64 -15.63
C ARG C 89 0.71 -4.60 -16.17
N ARG C 90 1.79 -4.32 -15.44
CA ARG C 90 2.73 -3.30 -15.88
C ARG C 90 3.57 -3.79 -17.06
N ILE C 91 3.93 -5.08 -17.08
CA ILE C 91 4.68 -5.60 -18.22
C ILE C 91 3.78 -5.69 -19.45
N ILE C 92 2.49 -5.95 -19.26
CA ILE C 92 1.57 -5.96 -20.40
C ILE C 92 1.34 -4.54 -20.90
N GLY C 93 1.11 -3.59 -19.98
CA GLY C 93 0.95 -2.20 -20.38
C GLY C 93 2.19 -1.66 -21.06
N ALA C 94 3.36 -2.19 -20.72
CA ALA C 94 4.59 -1.74 -21.37
C ALA C 94 4.69 -2.29 -22.79
N VAL C 95 4.30 -3.55 -22.99
CA VAL C 95 4.36 -4.14 -24.33
C VAL C 95 3.32 -3.49 -25.24
N ARG C 96 2.14 -3.17 -24.70
CA ARG C 96 1.10 -2.55 -25.50
C ARG C 96 1.45 -1.14 -25.94
N THR C 97 2.51 -0.55 -25.40
CA THR C 97 2.94 0.78 -25.80
C THR C 97 3.71 0.66 -27.11
N LEU C 98 3.11 1.14 -28.21
CA LEU C 98 3.70 1.00 -29.53
C LEU C 98 4.60 2.17 -29.89
N GLY C 99 4.24 3.38 -29.47
CA GLY C 99 5.03 4.55 -29.80
C GLY C 99 5.07 4.82 -31.29
N SER C 100 6.26 4.69 -31.89
CA SER C 100 6.40 4.98 -33.31
C SER C 100 5.62 4.01 -34.19
N ALA C 101 5.27 2.83 -33.67
CA ALA C 101 4.47 1.90 -34.46
C ALA C 101 3.03 2.37 -34.61
N ASN C 102 2.57 3.28 -33.76
CA ASN C 102 1.24 3.87 -33.91
C ASN C 102 1.18 4.91 -35.03
N LEU C 103 2.30 5.18 -35.72
CA LEU C 103 2.36 6.13 -36.79
C LEU C 103 2.21 5.44 -38.15
N PRO C 104 1.68 6.13 -39.16
CA PRO C 104 1.73 5.56 -40.51
C PRO C 104 3.16 5.43 -41.00
N LEU C 105 3.39 4.40 -41.81
CA LEU C 105 4.76 3.99 -42.14
C LEU C 105 5.59 5.16 -42.65
N ALA C 106 4.99 6.02 -43.48
CA ALA C 106 5.75 7.15 -44.02
C ALA C 106 6.31 8.03 -42.91
N LYS C 107 5.54 8.22 -41.84
CA LYS C 107 6.04 8.96 -40.69
C LYS C 107 7.04 8.12 -39.90
N ARG C 108 6.73 6.83 -39.71
CA ARG C 108 7.66 5.96 -39.00
C ARG C 108 9.07 6.04 -39.58
N GLN C 109 9.18 6.01 -40.91
CA GLN C 109 10.48 6.11 -41.55
C GLN C 109 11.04 7.52 -41.55
N GLN C 110 10.19 8.53 -41.35
CA GLN C 110 10.68 9.90 -41.17
C GLN C 110 11.09 10.16 -39.73
N TYR C 111 10.28 9.66 -38.78
CA TYR C 111 10.66 9.76 -37.37
C TYR C 111 12.05 9.20 -37.13
N ASN C 112 12.34 8.04 -37.73
CA ASN C 112 13.67 7.46 -37.61
C ASN C 112 14.71 8.27 -38.38
N ALA C 113 14.34 8.75 -39.57
CA ALA C 113 15.26 9.57 -40.35
C ALA C 113 15.62 10.85 -39.61
N LEU C 114 14.71 11.36 -38.78
CA LEU C 114 14.98 12.59 -38.04
C LEU C 114 15.94 12.34 -36.88
N LEU C 115 15.77 11.22 -36.17
CA LEU C 115 16.72 10.86 -35.13
C LEU C 115 18.12 10.66 -35.71
N SER C 116 18.21 10.03 -36.88
CA SER C 116 19.50 9.83 -37.52
C SER C 116 20.10 11.15 -37.98
N GLN C 117 19.29 12.03 -38.56
CA GLN C 117 19.80 13.30 -39.07
C GLN C 117 20.17 14.25 -37.93
N MET C 118 19.31 14.37 -36.93
CA MET C 118 19.62 15.22 -35.78
C MET C 118 20.91 14.77 -35.11
N SER C 119 21.03 13.47 -34.85
CA SER C 119 22.26 12.94 -34.28
C SER C 119 23.45 13.22 -35.20
N ARG C 120 23.28 13.00 -36.50
CA ARG C 120 24.38 13.21 -37.44
C ARG C 120 24.82 14.66 -37.45
N ILE C 121 23.87 15.59 -37.36
CA ILE C 121 24.21 17.02 -37.40
C ILE C 121 25.04 17.40 -36.18
N TYR C 122 24.62 16.96 -34.99
CA TYR C 122 25.34 17.33 -33.77
C TYR C 122 26.80 16.89 -33.84
N SER C 123 27.03 15.60 -34.11
CA SER C 123 28.38 15.05 -34.01
C SER C 123 29.33 15.70 -35.01
N THR C 124 28.84 16.03 -36.20
CA THR C 124 29.68 16.55 -37.28
C THR C 124 29.68 18.07 -37.35
N ALA C 125 29.13 18.75 -36.36
CA ALA C 125 29.14 20.21 -36.36
C ALA C 125 30.55 20.71 -36.05
N LYS C 126 30.98 21.72 -36.80
CA LYS C 126 32.34 22.24 -36.72
C LYS C 126 32.32 23.75 -36.58
N VAL C 127 33.31 24.28 -35.88
CA VAL C 127 33.45 25.72 -35.69
C VAL C 127 34.66 26.19 -36.46
N CYS C 128 34.45 26.62 -37.70
CA CYS C 128 35.56 27.01 -38.57
C CYS C 128 36.00 28.44 -38.27
N LEU C 129 37.25 28.72 -38.61
CA LEU C 129 37.88 30.00 -38.39
C LEU C 129 37.85 30.83 -39.66
N PRO C 130 38.19 32.13 -39.59
CA PRO C 130 38.30 32.93 -40.81
C PRO C 130 39.16 32.28 -41.89
N GLN C 131 40.03 31.36 -41.49
CA GLN C 131 40.84 30.61 -42.44
C GLN C 131 39.96 29.70 -43.30
N THR C 135 40.85 24.99 -41.78
CA THR C 135 40.91 24.25 -40.51
C THR C 135 39.71 24.61 -39.62
N CYS C 136 39.03 23.58 -39.14
CA CYS C 136 37.84 23.75 -38.32
C CYS C 136 37.97 22.91 -37.05
N TRP C 137 37.45 23.43 -35.95
CA TRP C 137 37.44 22.74 -34.68
C TRP C 137 36.21 21.85 -34.56
N SER C 138 36.24 20.95 -33.57
CA SER C 138 35.11 20.10 -33.26
C SER C 138 34.88 20.08 -31.76
N LEU C 139 33.67 19.70 -31.35
CA LEU C 139 33.32 19.68 -29.93
C LEU C 139 34.35 18.88 -29.14
N ASP C 140 34.40 17.58 -29.39
CA ASP C 140 35.37 16.72 -28.74
C ASP C 140 36.60 16.60 -29.63
N PRO C 141 37.80 16.98 -29.16
CA PRO C 141 38.18 17.59 -27.89
C PRO C 141 38.46 19.09 -27.98
N ASP C 142 38.57 19.60 -29.21
CA ASP C 142 39.02 20.97 -29.45
C ASP C 142 38.23 21.99 -28.63
N LEU C 143 36.93 22.12 -28.91
CA LEU C 143 36.13 23.14 -28.23
C LEU C 143 35.96 22.81 -26.75
N THR C 144 35.77 21.53 -26.42
CA THR C 144 35.74 21.13 -25.01
C THR C 144 36.97 21.63 -24.27
N ASN C 145 38.15 21.50 -24.89
CA ASN C 145 39.39 21.92 -24.24
C ASN C 145 39.42 23.44 -24.06
N ILE C 146 39.04 24.19 -25.10
CA ILE C 146 39.03 25.65 -25.00
C ILE C 146 38.14 26.08 -23.83
N LEU C 147 36.90 25.58 -23.81
CA LEU C 147 35.96 25.98 -22.78
C LEU C 147 36.45 25.62 -21.38
N ALA C 148 37.32 24.60 -21.28
CA ALA C 148 37.77 24.12 -19.98
C ALA C 148 39.03 24.82 -19.49
N SER C 149 39.97 25.12 -20.38
CA SER C 149 41.29 25.58 -19.99
C SER C 149 41.57 27.04 -20.32
N SER C 150 41.09 27.54 -21.46
CA SER C 150 41.39 28.90 -21.85
C SER C 150 40.76 29.89 -20.87
N ARG C 151 41.50 30.95 -20.56
CA ARG C 151 41.02 32.03 -19.72
C ARG C 151 41.04 33.35 -20.48
N SER C 152 40.68 33.29 -21.76
CA SER C 152 40.55 34.46 -22.62
C SER C 152 39.07 34.62 -22.95
N TYR C 153 38.46 35.72 -22.48
CA TYR C 153 37.05 35.97 -22.73
C TYR C 153 36.73 35.83 -24.21
N ALA C 154 37.47 36.54 -25.07
CA ALA C 154 37.18 36.52 -26.49
C ALA C 154 37.31 35.10 -27.06
N MET C 155 38.32 34.35 -26.64
CA MET C 155 38.49 32.99 -27.13
C MET C 155 37.37 32.09 -26.63
N LEU C 156 37.07 32.16 -25.33
CA LEU C 156 35.93 31.42 -24.79
C LEU C 156 34.65 31.79 -25.53
N LEU C 157 34.43 33.09 -25.73
CA LEU C 157 33.23 33.54 -26.42
C LEU C 157 33.17 33.00 -27.85
N PHE C 158 34.32 32.95 -28.53
CA PHE C 158 34.33 32.46 -29.90
C PHE C 158 33.96 30.99 -29.96
N ALA C 159 34.47 30.19 -29.03
CA ALA C 159 34.14 28.77 -29.02
C ALA C 159 32.69 28.55 -28.58
N TRP C 160 32.21 29.36 -27.65
CA TRP C 160 30.82 29.23 -27.18
C TRP C 160 29.85 29.62 -28.28
N GLU C 161 29.95 30.85 -28.78
CA GLU C 161 29.04 31.30 -29.84
C GLU C 161 29.19 30.44 -31.09
N GLY C 162 30.42 30.04 -31.42
CA GLY C 162 30.64 29.27 -32.63
C GLY C 162 29.96 27.92 -32.59
N TRP C 163 29.97 27.27 -31.44
CA TRP C 163 29.39 25.93 -31.33
C TRP C 163 27.87 25.99 -31.27
N HIS C 164 27.31 26.91 -30.49
CA HIS C 164 25.86 27.02 -30.40
C HIS C 164 25.24 27.44 -31.72
N ASN C 165 26.00 28.11 -32.60
CA ASN C 165 25.48 28.46 -33.91
C ASN C 165 25.55 27.28 -34.87
N ALA C 166 26.73 26.67 -35.01
CA ALA C 166 26.89 25.58 -35.96
C ALA C 166 26.02 24.38 -35.60
N ALA C 167 25.80 24.13 -34.31
CA ALA C 167 25.06 22.95 -33.89
C ALA C 167 23.57 23.20 -33.73
N GLY C 168 23.17 24.39 -33.28
CA GLY C 168 21.78 24.65 -32.96
C GLY C 168 20.91 25.00 -34.14
N ILE C 169 21.39 25.93 -34.98
CA ILE C 169 20.56 26.43 -36.07
C ILE C 169 20.08 25.32 -37.00
N PRO C 170 20.96 24.48 -37.56
CA PRO C 170 20.48 23.42 -38.47
C PRO C 170 19.56 22.41 -37.80
N LEU C 171 19.47 22.39 -36.47
CA LEU C 171 18.66 21.39 -35.79
C LEU C 171 17.23 21.83 -35.53
N LYS C 172 16.96 23.14 -35.50
CA LYS C 172 15.61 23.60 -35.18
C LYS C 172 14.58 23.12 -36.20
N PRO C 173 14.82 23.21 -37.51
CA PRO C 173 13.82 22.67 -38.45
C PRO C 173 13.52 21.20 -38.21
N LEU C 174 14.55 20.40 -37.91
CA LEU C 174 14.34 18.98 -37.70
C LEU C 174 13.70 18.71 -36.34
N TYR C 175 14.16 19.38 -35.29
CA TYR C 175 13.60 19.14 -33.97
C TYR C 175 12.13 19.51 -33.92
N GLU C 176 11.71 20.49 -34.73
CA GLU C 176 10.30 20.84 -34.79
C GLU C 176 9.47 19.68 -35.33
N ASP C 177 9.91 19.06 -36.43
CA ASP C 177 9.15 17.95 -37.00
C ASP C 177 9.16 16.74 -36.08
N PHE C 178 10.28 16.49 -35.40
CA PHE C 178 10.37 15.35 -34.50
C PHE C 178 9.35 15.48 -33.37
N THR C 179 9.25 16.67 -32.78
CA THR C 179 8.30 16.87 -31.68
C THR C 179 6.88 16.55 -32.12
N ALA C 180 6.49 17.00 -33.31
CA ALA C 180 5.15 16.73 -33.80
C ALA C 180 4.92 15.23 -33.97
N LEU C 181 5.86 14.55 -34.66
CA LEU C 181 5.70 13.11 -34.87
C LEU C 181 5.73 12.35 -33.54
N SER C 182 6.61 12.74 -32.62
CA SER C 182 6.71 12.05 -31.34
C SER C 182 5.40 12.14 -30.57
N ASN C 183 4.75 13.31 -30.58
CA ASN C 183 3.50 13.45 -29.85
C ASN C 183 2.39 12.60 -30.48
N GLU C 184 2.33 12.54 -31.81
N GLU C 184 2.32 12.57 -31.81
CA GLU C 184 1.29 11.76 -32.46
CA GLU C 184 1.32 11.76 -32.49
C GLU C 184 1.47 10.27 -32.16
C GLU C 184 1.48 10.28 -32.11
N ALA C 185 2.71 9.79 -32.10
CA ALA C 185 2.96 8.38 -31.86
C ALA C 185 2.41 7.93 -30.51
N TYR C 186 2.81 8.63 -29.44
CA TYR C 186 2.41 8.22 -28.10
C TYR C 186 0.99 8.63 -27.74
N LYS C 187 0.37 9.54 -28.50
CA LYS C 187 -1.02 9.88 -28.25
C LYS C 187 -1.93 8.68 -28.44
N GLN C 188 -1.55 7.75 -29.33
CA GLN C 188 -2.33 6.53 -29.51
C GLN C 188 -2.16 5.60 -28.31
N ASP C 189 -0.96 5.54 -27.75
CA ASP C 189 -0.74 4.75 -26.55
C ASP C 189 -1.48 5.31 -25.34
N GLY C 190 -1.96 6.56 -25.42
CA GLY C 190 -2.80 7.12 -24.37
C GLY C 190 -2.11 8.15 -23.51
N PHE C 191 -1.18 8.90 -24.08
CA PHE C 191 -0.47 9.96 -23.37
C PHE C 191 -0.72 11.29 -24.07
N THR C 192 -0.96 12.33 -23.27
CA THR C 192 -1.21 13.66 -23.84
C THR C 192 -0.10 14.08 -24.78
N ASP C 193 1.15 13.93 -24.33
CA ASP C 193 2.31 14.25 -25.16
C ASP C 193 3.44 13.33 -24.78
N THR C 194 4.53 13.40 -25.54
CA THR C 194 5.69 12.58 -25.24
C THR C 194 6.19 12.86 -23.82
N GLY C 195 6.16 14.13 -23.41
CA GLY C 195 6.62 14.47 -22.08
C GLY C 195 5.91 13.67 -20.99
N ALA C 196 4.58 13.59 -21.08
CA ALA C 196 3.83 12.81 -20.11
C ALA C 196 4.26 11.34 -20.11
N TYR C 197 4.83 10.86 -21.22
CA TYR C 197 5.27 9.47 -21.27
C TYR C 197 6.59 9.27 -20.52
N TRP C 198 7.52 10.20 -20.67
CA TRP C 198 8.78 10.10 -19.93
C TRP C 198 8.54 10.15 -18.42
N ARG C 199 7.74 11.12 -17.97
CA ARG C 199 7.47 11.24 -16.55
C ARG C 199 6.79 10.01 -15.98
N SER C 200 5.98 9.33 -16.79
CA SER C 200 5.23 8.16 -16.31
C SER C 200 6.14 7.04 -15.82
N TRP C 201 7.43 7.08 -16.14
CA TRP C 201 8.35 6.04 -15.70
C TRP C 201 8.57 6.05 -14.19
N TYR C 202 8.30 7.17 -13.53
CA TYR C 202 8.59 7.31 -12.11
C TYR C 202 7.41 6.99 -11.21
N ASN C 203 6.27 6.61 -11.80
CA ASN C 203 5.11 6.16 -11.01
C ASN C 203 4.77 7.15 -9.90
N SER C 204 4.95 8.43 -10.19
CA SER C 204 4.71 9.47 -9.20
C SER C 204 3.73 10.49 -9.75
N PRO C 205 2.53 10.63 -9.17
CA PRO C 205 1.65 11.74 -9.59
C PRO C 205 2.16 13.09 -9.12
N THR C 206 2.81 13.15 -7.95
CA THR C 206 3.41 14.36 -7.44
C THR C 206 4.85 14.56 -7.92
N PHE C 207 5.22 13.95 -9.05
CA PHE C 207 6.60 13.98 -9.51
C PHE C 207 7.08 15.42 -9.70
N GLU C 208 6.41 16.18 -10.56
CA GLU C 208 6.87 17.55 -10.84
C GLU C 208 6.88 18.40 -9.58
N ASP C 209 5.88 18.25 -8.72
CA ASP C 209 5.86 18.99 -7.46
C ASP C 209 7.05 18.59 -6.58
N ASP C 210 7.29 17.29 -6.45
CA ASP C 210 8.43 16.81 -5.69
C ASP C 210 9.72 17.44 -6.20
N LEU C 211 9.97 17.32 -7.51
CA LEU C 211 11.19 17.87 -8.09
C LEU C 211 11.32 19.37 -7.82
N GLU C 212 10.20 20.09 -7.78
CA GLU C 212 10.27 21.52 -7.49
C GLU C 212 10.56 21.75 -6.01
N HIS C 213 9.99 20.92 -5.13
CA HIS C 213 10.26 21.07 -3.70
C HIS C 213 11.68 20.64 -3.36
N LEU C 214 12.23 19.67 -4.09
CA LEU C 214 13.63 19.29 -3.88
C LEU C 214 14.56 20.45 -4.20
N TYR C 215 14.42 21.05 -5.38
CA TYR C 215 15.34 22.11 -5.76
C TYR C 215 15.20 23.33 -4.86
N GLN C 216 14.01 23.58 -4.33
CA GLN C 216 13.84 24.70 -3.42
C GLN C 216 14.71 24.54 -2.17
N GLN C 217 14.91 23.30 -1.72
CA GLN C 217 15.81 23.04 -0.61
C GLN C 217 17.26 23.07 -1.05
N LEU C 218 17.53 22.75 -2.32
CA LEU C 218 18.90 22.76 -2.83
C LEU C 218 19.33 24.16 -3.27
N GLU C 219 18.37 25.00 -3.69
CA GLU C 219 18.73 26.30 -4.25
C GLU C 219 19.61 27.13 -3.32
N PRO C 220 19.39 27.16 -2.00
CA PRO C 220 20.30 27.96 -1.14
C PRO C 220 21.77 27.67 -1.36
N LEU C 221 22.16 26.39 -1.41
CA LEU C 221 23.56 26.05 -1.68
C LEU C 221 24.01 26.65 -3.01
N TYR C 222 23.23 26.42 -4.07
CA TYR C 222 23.65 26.90 -5.39
C TYR C 222 23.80 28.42 -5.41
N LEU C 223 22.92 29.13 -4.71
CA LEU C 223 23.01 30.59 -4.69
C LEU C 223 24.32 31.02 -4.03
N ASN C 224 24.76 30.30 -3.00
CA ASN C 224 26.04 30.61 -2.38
C ASN C 224 27.19 30.26 -3.31
N LEU C 225 27.24 29.00 -3.78
CA LEU C 225 28.29 28.62 -4.71
C LEU C 225 28.33 29.54 -5.92
N HIS C 226 27.16 29.95 -6.40
CA HIS C 226 27.09 30.85 -7.56
C HIS C 226 27.71 32.20 -7.23
N ALA C 227 27.36 32.76 -6.07
CA ALA C 227 27.87 34.08 -5.70
C ALA C 227 29.37 34.05 -5.47
N PHE C 228 29.84 33.06 -4.70
CA PHE C 228 31.27 32.93 -4.45
C PHE C 228 32.05 32.77 -5.75
N VAL C 229 31.62 31.85 -6.62
CA VAL C 229 32.33 31.65 -7.87
C VAL C 229 32.22 32.87 -8.77
N ARG C 230 31.11 33.61 -8.68
CA ARG C 230 30.99 34.84 -9.45
C ARG C 230 32.01 35.88 -8.99
N ARG C 231 32.21 36.00 -7.68
CA ARG C 231 33.22 36.93 -7.16
C ARG C 231 34.60 36.61 -7.72
N ALA C 232 34.97 35.33 -7.76
CA ALA C 232 36.24 34.94 -8.34
C ALA C 232 36.35 35.40 -9.78
N LEU C 233 35.33 35.11 -10.59
CA LEU C 233 35.34 35.54 -11.98
C LEU C 233 35.39 37.05 -12.12
N HIS C 234 34.95 37.79 -11.09
CA HIS C 234 35.02 39.24 -11.15
C HIS C 234 36.46 39.74 -11.10
N ARG C 235 37.34 39.04 -10.37
CA ARG C 235 38.74 39.42 -10.36
C ARG C 235 39.38 39.19 -11.72
N ARG C 236 39.15 38.01 -12.30
CA ARG C 236 39.81 37.64 -13.55
C ARG C 236 39.34 38.53 -14.69
N TYR C 237 38.02 38.60 -14.92
CA TYR C 237 37.49 39.25 -16.11
C TYR C 237 37.05 40.68 -15.87
N GLY C 238 36.80 41.08 -14.63
CA GLY C 238 36.56 42.46 -14.30
C GLY C 238 35.10 42.86 -14.36
N ASP C 239 34.84 44.08 -13.90
CA ASP C 239 33.46 44.57 -13.77
C ASP C 239 32.78 44.71 -15.12
N ARG C 240 33.55 45.01 -16.18
CA ARG C 240 32.95 45.20 -17.50
C ARG C 240 32.24 43.95 -17.99
N TYR C 241 32.69 42.76 -17.58
CA TYR C 241 32.14 41.51 -18.07
C TYR C 241 31.50 40.65 -16.99
N ILE C 242 31.45 41.12 -15.74
CA ILE C 242 30.83 40.37 -14.65
C ILE C 242 30.02 41.35 -13.82
N ASN C 243 28.74 41.03 -13.60
CA ASN C 243 27.85 41.82 -12.76
C ASN C 243 27.63 41.04 -11.47
N LEU C 244 28.15 41.56 -10.36
CA LEU C 244 28.06 40.88 -9.08
C LEU C 244 26.63 40.77 -8.57
N ARG C 245 25.67 41.41 -9.23
CA ARG C 245 24.26 41.24 -8.91
C ARG C 245 23.47 40.72 -10.10
N GLY C 246 24.15 40.21 -11.12
CA GLY C 246 23.49 39.68 -12.30
C GLY C 246 23.96 38.28 -12.62
N PRO C 247 23.52 37.74 -13.76
CA PRO C 247 23.90 36.38 -14.13
C PRO C 247 25.32 36.31 -14.68
N ILE C 248 25.96 35.17 -14.43
CA ILE C 248 27.31 34.92 -14.92
C ILE C 248 27.23 34.60 -16.41
N PRO C 249 28.09 35.18 -17.25
CA PRO C 249 28.15 34.74 -18.64
C PRO C 249 28.35 33.23 -18.72
N ALA C 250 27.60 32.60 -19.62
CA ALA C 250 27.51 31.14 -19.67
C ALA C 250 28.71 30.47 -20.33
N HIS C 251 29.83 31.20 -20.50
CA HIS C 251 31.03 30.63 -21.13
C HIS C 251 32.27 30.79 -20.26
N LEU C 252 32.12 31.17 -18.99
CA LEU C 252 33.25 31.42 -18.11
C LEU C 252 33.34 30.41 -16.97
N LEU C 253 32.75 29.23 -17.15
CA LEU C 253 32.63 28.26 -16.07
C LEU C 253 33.27 26.92 -16.43
N GLY C 254 34.22 26.93 -17.36
CA GLY C 254 34.99 25.74 -17.66
C GLY C 254 34.26 24.68 -18.44
N ASP C 255 33.02 24.91 -18.85
CA ASP C 255 32.25 23.90 -19.57
C ASP C 255 31.35 24.59 -20.58
N MET C 256 31.16 23.93 -21.72
CA MET C 256 30.36 24.51 -22.80
C MET C 256 28.94 24.84 -22.34
N TRP C 257 28.37 24.04 -21.44
CA TRP C 257 27.00 24.22 -20.98
C TRP C 257 26.93 24.69 -19.53
N ALA C 258 28.05 25.05 -18.91
CA ALA C 258 28.08 25.53 -17.54
C ALA C 258 27.44 24.54 -16.58
N GLN C 259 27.45 23.26 -16.94
CA GLN C 259 26.84 22.23 -16.10
C GLN C 259 27.79 21.72 -15.02
N THR C 260 29.09 21.79 -15.25
CA THR C 260 30.09 21.51 -14.23
C THR C 260 31.13 22.61 -14.26
N TRP C 261 31.52 23.07 -13.08
CA TRP C 261 32.45 24.18 -12.92
C TRP C 261 33.84 23.72 -12.50
N SER C 262 34.05 22.41 -12.35
CA SER C 262 35.29 21.90 -11.77
C SER C 262 36.53 22.29 -12.57
N ASN C 263 36.37 22.73 -13.82
CA ASN C 263 37.53 23.12 -14.62
C ASN C 263 38.01 24.55 -14.34
N ILE C 264 37.35 25.27 -13.44
CA ILE C 264 37.84 26.55 -12.96
C ILE C 264 38.22 26.47 -11.48
N TYR C 265 38.48 25.27 -10.99
CA TYR C 265 38.87 25.10 -9.59
C TYR C 265 40.07 25.94 -9.24
N ASP C 266 41.03 26.06 -10.17
CA ASP C 266 42.23 26.85 -9.92
C ASP C 266 41.91 28.31 -9.64
N MET C 267 40.73 28.78 -10.02
CA MET C 267 40.33 30.16 -9.82
C MET C 267 39.53 30.39 -8.53
N VAL C 268 39.13 29.32 -7.85
CA VAL C 268 38.24 29.43 -6.69
C VAL C 268 38.77 28.67 -5.48
N VAL C 269 39.96 28.08 -5.55
CA VAL C 269 40.48 27.24 -4.49
C VAL C 269 40.34 27.95 -3.14
N PRO C 270 39.58 27.40 -2.18
CA PRO C 270 39.47 28.07 -0.88
C PRO C 270 40.81 28.32 -0.21
N PHE C 271 41.73 27.36 -0.27
CA PHE C 271 43.04 27.48 0.38
C PHE C 271 44.10 26.95 -0.57
N PRO C 272 44.66 27.81 -1.42
CA PRO C 272 45.68 27.33 -2.37
C PRO C 272 46.94 26.83 -1.69
N ASP C 273 47.29 27.35 -0.51
CA ASP C 273 48.51 26.94 0.16
C ASP C 273 48.51 25.44 0.42
N LYS C 274 47.36 24.88 0.79
CA LYS C 274 47.28 23.46 1.05
C LYS C 274 47.53 22.67 -0.24
N PRO C 275 48.08 21.47 -0.14
CA PRO C 275 48.36 20.69 -1.35
C PRO C 275 47.09 20.15 -1.99
N ASN C 276 47.18 19.85 -3.27
CA ASN C 276 46.04 19.31 -3.99
C ASN C 276 45.96 17.80 -3.81
N LEU C 277 44.79 17.25 -4.13
CA LEU C 277 44.54 15.82 -4.01
C LEU C 277 44.60 15.23 -5.41
N ASP C 278 45.78 14.75 -5.79
CA ASP C 278 45.99 14.15 -7.11
C ASP C 278 46.97 13.00 -6.96
N VAL C 279 46.46 11.78 -7.00
CA VAL C 279 47.27 10.58 -6.86
C VAL C 279 47.60 9.95 -8.22
N THR C 280 47.55 10.75 -9.29
CA THR C 280 47.80 10.21 -10.63
C THR C 280 49.26 9.81 -10.79
N SER C 281 50.19 10.65 -10.33
CA SER C 281 51.61 10.31 -10.44
C SER C 281 51.91 9.04 -9.66
N THR C 282 51.38 8.92 -8.44
CA THR C 282 51.62 7.73 -7.64
C THR C 282 51.23 6.46 -8.39
N MET C 283 50.13 6.51 -9.16
CA MET C 283 49.69 5.35 -9.91
C MET C 283 50.68 5.01 -11.04
N LEU C 284 51.20 6.03 -11.72
CA LEU C 284 52.19 5.81 -12.76
C LEU C 284 53.46 5.21 -12.18
N GLN C 285 53.90 5.71 -11.01
CA GLN C 285 55.14 5.21 -10.42
C GLN C 285 55.00 3.75 -9.99
N GLN C 286 53.88 3.40 -9.36
CA GLN C 286 53.67 2.02 -8.94
C GLN C 286 53.41 1.08 -10.11
N GLY C 287 53.29 1.60 -11.32
CA GLY C 287 53.14 0.77 -12.51
C GLY C 287 51.71 0.40 -12.87
N TRP C 288 50.73 1.17 -12.39
CA TRP C 288 49.34 0.84 -12.67
C TRP C 288 49.03 1.01 -14.16
N GLN C 289 48.43 -0.01 -14.75
CA GLN C 289 47.87 0.07 -16.09
C GLN C 289 46.39 -0.31 -16.03
N ALA C 290 45.69 -0.11 -17.15
CA ALA C 290 44.24 -0.27 -17.19
C ALA C 290 43.80 -1.56 -16.50
N THR C 291 44.34 -2.69 -16.95
CA THR C 291 43.92 -3.98 -16.39
C THR C 291 43.97 -3.97 -14.87
N HIS C 292 45.08 -3.49 -14.30
CA HIS C 292 45.21 -3.43 -12.86
C HIS C 292 44.14 -2.51 -12.26
N MET C 293 43.90 -1.36 -12.89
CA MET C 293 42.90 -0.43 -12.38
C MET C 293 41.55 -1.11 -12.21
N PHE C 294 41.19 -2.00 -13.15
CA PHE C 294 39.94 -2.73 -13.01
C PHE C 294 40.02 -3.81 -11.94
N ARG C 295 41.20 -4.43 -11.78
CA ARG C 295 41.35 -5.43 -10.73
C ARG C 295 41.25 -4.81 -9.35
N VAL C 296 41.63 -3.54 -9.21
CA VAL C 296 41.46 -2.86 -7.92
C VAL C 296 39.99 -2.56 -7.68
N ALA C 297 39.27 -2.13 -8.72
CA ALA C 297 37.84 -1.93 -8.59
C ALA C 297 37.12 -3.24 -8.30
N GLU C 298 37.53 -4.31 -8.99
CA GLU C 298 36.99 -5.64 -8.69
C GLU C 298 37.18 -5.96 -7.21
N GLU C 299 38.36 -5.66 -6.66
CA GLU C 299 38.62 -5.89 -5.25
C GLU C 299 37.65 -5.10 -4.38
N PHE C 300 37.34 -3.87 -4.76
CA PHE C 300 36.43 -3.04 -3.98
C PHE C 300 35.09 -3.74 -3.79
N PHE C 301 34.57 -4.39 -4.84
CA PHE C 301 33.28 -5.06 -4.73
C PHE C 301 33.38 -6.36 -3.95
N THR C 302 34.42 -7.16 -4.21
CA THR C 302 34.62 -8.38 -3.44
C THR C 302 34.84 -8.10 -1.97
N SER C 303 35.32 -6.89 -1.62
CA SER C 303 35.44 -6.52 -0.22
C SER C 303 34.09 -6.20 0.40
N LEU C 304 33.08 -5.89 -0.41
CA LEU C 304 31.72 -5.71 0.06
C LEU C 304 30.91 -7.00 -0.04
N GLU C 305 31.56 -8.14 -0.33
CA GLU C 305 30.87 -9.39 -0.61
C GLU C 305 29.90 -9.22 -1.78
N LEU C 306 30.36 -8.51 -2.81
CA LEU C 306 29.65 -8.37 -4.07
C LEU C 306 30.40 -9.17 -5.14
N SER C 307 29.66 -9.58 -6.17
CA SER C 307 30.23 -10.47 -7.18
C SER C 307 31.48 -9.85 -7.79
N PRO C 308 32.51 -10.64 -8.05
CA PRO C 308 33.60 -10.17 -8.92
C PRO C 308 33.18 -10.28 -10.39
N MET C 309 34.03 -9.73 -11.24
CA MET C 309 33.73 -9.75 -12.67
C MET C 309 33.82 -11.19 -13.20
N PRO C 310 32.86 -11.64 -13.98
CA PRO C 310 32.90 -13.02 -14.49
C PRO C 310 33.94 -13.14 -15.58
N PRO C 311 34.33 -14.38 -15.94
CA PRO C 311 35.35 -14.55 -16.98
C PRO C 311 35.01 -13.82 -18.27
N GLU C 312 33.76 -13.91 -18.72
CA GLU C 312 33.37 -13.28 -19.98
C GLU C 312 33.65 -11.79 -19.97
N PHE C 313 33.61 -11.15 -18.81
CA PHE C 313 33.95 -9.74 -18.72
C PHE C 313 35.39 -9.49 -19.13
N TRP C 314 36.33 -10.19 -18.48
CA TRP C 314 37.74 -10.01 -18.81
C TRP C 314 38.06 -10.48 -20.22
N GLU C 315 37.26 -11.41 -20.76
CA GLU C 315 37.58 -11.99 -22.07
C GLU C 315 37.16 -11.09 -23.22
N GLY C 316 36.12 -10.27 -23.03
CA GLY C 316 35.56 -9.50 -24.13
C GLY C 316 35.61 -8.00 -23.95
N SER C 317 35.72 -7.53 -22.71
CA SER C 317 35.70 -6.11 -22.46
C SER C 317 36.86 -5.42 -23.17
N MET C 318 36.65 -4.15 -23.53
CA MET C 318 37.68 -3.30 -24.12
C MET C 318 38.10 -2.30 -23.05
N LEU C 319 39.23 -2.57 -22.40
CA LEU C 319 39.71 -1.73 -21.31
C LEU C 319 40.75 -0.71 -21.75
N GLU C 320 41.22 -0.77 -22.99
CA GLU C 320 42.18 0.18 -23.52
C GLU C 320 41.85 0.46 -24.98
N LYS C 321 42.38 1.56 -25.50
CA LYS C 321 42.23 1.85 -26.91
C LYS C 321 43.07 0.86 -27.71
N PRO C 322 42.47 0.11 -28.64
CA PRO C 322 43.27 -0.88 -29.39
C PRO C 322 44.37 -0.21 -30.18
N ALA C 323 45.55 -0.85 -30.19
CA ALA C 323 46.72 -0.31 -30.86
C ALA C 323 46.77 -0.67 -32.34
N ASP C 324 45.82 -1.46 -32.84
CA ASP C 324 45.78 -1.81 -34.25
C ASP C 324 45.13 -0.73 -35.11
N GLY C 325 45.15 0.53 -34.66
CA GLY C 325 44.60 1.61 -35.44
C GLY C 325 43.09 1.61 -35.60
N ARG C 326 42.38 0.75 -34.87
CA ARG C 326 40.94 0.70 -34.99
C ARG C 326 40.31 2.00 -34.52
N GLU C 327 39.24 2.39 -35.20
CA GLU C 327 38.41 3.51 -34.77
C GLU C 327 37.34 3.00 -33.82
N VAL C 328 37.25 3.62 -32.64
CA VAL C 328 36.36 3.17 -31.58
C VAL C 328 35.79 4.38 -30.85
N VAL C 329 34.89 4.11 -29.92
CA VAL C 329 34.33 5.11 -29.03
C VAL C 329 35.08 5.02 -27.70
N CYS C 330 35.70 6.13 -27.29
CA CYS C 330 36.53 6.13 -26.09
C CYS C 330 35.78 6.50 -24.83
N HIS C 331 34.57 7.06 -24.94
CA HIS C 331 33.78 7.38 -23.76
C HIS C 331 33.42 6.11 -23.01
N ALA C 332 33.57 6.15 -21.69
CA ALA C 332 33.34 4.96 -20.88
C ALA C 332 31.86 4.56 -20.90
N SER C 333 31.62 3.26 -20.88
CA SER C 333 30.25 2.76 -20.90
C SER C 333 30.23 1.31 -20.44
N ALA C 334 29.17 0.94 -19.73
CA ALA C 334 28.94 -0.42 -19.30
C ALA C 334 27.88 -1.07 -20.19
N TRP C 335 28.01 -2.38 -20.37
CA TRP C 335 27.19 -3.11 -21.34
C TRP C 335 26.55 -4.33 -20.69
N ASP C 336 25.26 -4.53 -20.97
CA ASP C 336 24.52 -5.70 -20.52
C ASP C 336 23.91 -6.34 -21.76
N PHE C 337 24.43 -7.50 -22.15
CA PHE C 337 23.98 -8.16 -23.37
C PHE C 337 22.69 -8.95 -23.19
N TYR C 338 22.12 -8.95 -21.98
CA TYR C 338 20.81 -9.53 -21.69
C TYR C 338 20.76 -11.04 -21.91
N ASN C 339 21.88 -11.68 -22.22
CA ASN C 339 21.96 -13.13 -22.26
C ASN C 339 22.35 -13.73 -20.92
N ARG C 340 22.40 -12.92 -19.86
CA ARG C 340 22.73 -13.37 -18.51
C ARG C 340 24.13 -13.97 -18.44
N LYS C 341 25.02 -13.59 -19.35
CA LYS C 341 26.34 -14.20 -19.43
C LYS C 341 27.42 -13.16 -19.71
N ASP C 342 27.31 -12.46 -20.84
CA ASP C 342 28.37 -11.57 -21.31
C ASP C 342 28.06 -10.14 -20.85
N PHE C 343 28.89 -9.63 -19.95
CA PHE C 343 28.86 -8.24 -19.52
C PHE C 343 30.22 -7.63 -19.80
N ARG C 344 30.23 -6.40 -20.32
CA ARG C 344 31.47 -5.80 -20.78
C ARG C 344 31.49 -4.31 -20.48
N ILE C 345 32.70 -3.75 -20.46
CA ILE C 345 32.92 -2.32 -20.37
C ILE C 345 33.80 -1.91 -21.54
N LYS C 346 33.49 -0.75 -22.13
CA LYS C 346 34.27 -0.17 -23.21
C LYS C 346 34.79 1.17 -22.75
N GLN C 347 36.11 1.33 -22.73
CA GLN C 347 36.72 2.54 -22.20
C GLN C 347 38.19 2.65 -22.57
N CYS C 348 38.58 3.75 -23.20
CA CYS C 348 39.99 4.06 -23.47
C CYS C 348 40.63 4.52 -22.17
N THR C 349 40.82 3.56 -21.26
CA THR C 349 41.27 3.85 -19.91
C THR C 349 42.59 4.62 -19.94
N ARG C 350 42.64 5.72 -19.20
CA ARG C 350 43.85 6.49 -18.97
C ARG C 350 44.28 6.33 -17.52
N VAL C 351 45.59 6.26 -17.30
CA VAL C 351 46.13 6.10 -15.95
C VAL C 351 46.05 7.45 -15.24
N THR C 352 44.94 7.72 -14.57
CA THR C 352 44.77 8.96 -13.84
C THR C 352 43.86 8.71 -12.65
N MET C 353 43.89 9.67 -11.71
CA MET C 353 43.02 9.57 -10.53
C MET C 353 41.55 9.53 -10.93
N GLU C 354 41.12 10.49 -11.75
CA GLU C 354 39.74 10.55 -12.18
C GLU C 354 39.30 9.23 -12.83
N GLN C 355 40.12 8.72 -13.75
CA GLN C 355 39.78 7.49 -14.45
C GLN C 355 39.66 6.31 -13.49
N LEU C 356 40.29 6.37 -12.32
CA LEU C 356 40.12 5.32 -11.34
C LEU C 356 38.73 5.39 -10.71
N VAL C 357 38.20 6.60 -10.54
CA VAL C 357 36.84 6.76 -10.05
C VAL C 357 35.84 6.37 -11.13
N VAL C 358 36.17 6.62 -12.40
CA VAL C 358 35.31 6.21 -13.50
C VAL C 358 35.21 4.69 -13.54
N VAL C 359 36.36 4.01 -13.44
CA VAL C 359 36.36 2.55 -13.45
C VAL C 359 35.44 2.00 -12.36
N HIS C 360 35.60 2.49 -11.12
CA HIS C 360 34.74 2.06 -10.04
C HIS C 360 33.28 2.38 -10.35
N HIS C 361 33.03 3.57 -10.88
CA HIS C 361 31.66 3.96 -11.24
C HIS C 361 31.08 3.03 -12.30
N GLU C 362 31.83 2.79 -13.37
CA GLU C 362 31.33 1.99 -14.47
C GLU C 362 31.26 0.51 -14.13
N MET C 363 32.05 0.04 -13.17
CA MET C 363 31.89 -1.33 -12.70
C MET C 363 30.72 -1.47 -11.74
N GLY C 364 30.20 -0.35 -11.21
CA GLY C 364 28.96 -0.40 -10.47
C GLY C 364 27.79 -0.76 -11.36
N HIS C 365 27.78 -0.24 -12.59
CA HIS C 365 26.85 -0.69 -13.61
C HIS C 365 26.93 -2.21 -13.78
N ILE C 366 28.12 -2.71 -14.10
CA ILE C 366 28.32 -4.14 -14.30
C ILE C 366 27.83 -4.92 -13.09
N GLN C 367 28.13 -4.42 -11.89
CA GLN C 367 27.62 -5.06 -10.68
C GLN C 367 26.10 -5.11 -10.69
N TYR C 368 25.46 -3.99 -11.05
CA TYR C 368 24.01 -3.95 -11.18
C TYR C 368 23.52 -5.06 -12.10
N PHE C 369 24.21 -5.26 -13.22
CA PHE C 369 23.82 -6.30 -14.17
C PHE C 369 23.97 -7.68 -13.57
N LEU C 370 25.15 -7.97 -12.99
CA LEU C 370 25.41 -9.29 -12.44
C LEU C 370 24.44 -9.68 -11.34
N GLN C 371 23.76 -8.71 -10.73
CA GLN C 371 22.88 -8.99 -9.61
C GLN C 371 21.45 -9.30 -10.05
N TYR C 372 20.88 -8.52 -10.98
CA TYR C 372 19.53 -8.77 -11.46
C TYR C 372 19.51 -9.52 -12.79
N LYS C 373 20.61 -10.19 -13.14
CA LYS C 373 20.69 -10.90 -14.40
C LYS C 373 19.71 -12.07 -14.47
N ASP C 374 19.20 -12.53 -13.32
CA ASP C 374 18.29 -13.67 -13.27
C ASP C 374 16.83 -13.24 -13.23
N LEU C 375 16.53 -12.01 -13.61
CA LEU C 375 15.16 -11.53 -13.70
C LEU C 375 14.70 -11.53 -15.15
N PRO C 376 13.39 -11.43 -15.40
CA PRO C 376 12.92 -11.24 -16.78
C PRO C 376 13.45 -9.93 -17.36
N VAL C 377 13.82 -9.99 -18.64
CA VAL C 377 14.47 -8.85 -19.29
C VAL C 377 13.71 -7.56 -19.06
N SER C 378 12.38 -7.64 -18.93
CA SER C 378 11.60 -6.44 -18.65
C SER C 378 11.93 -5.84 -17.28
N LEU C 379 12.68 -6.54 -16.44
CA LEU C 379 13.02 -6.06 -15.11
C LEU C 379 14.52 -5.93 -14.90
N ARG C 380 15.34 -6.10 -15.94
CA ARG C 380 16.78 -5.86 -15.85
C ARG C 380 17.08 -4.39 -16.13
N GLU C 381 16.49 -3.54 -15.29
CA GLU C 381 16.71 -2.10 -15.35
C GLU C 381 16.66 -1.55 -13.94
N GLY C 382 17.20 -0.34 -13.77
CA GLY C 382 17.12 0.31 -12.48
C GLY C 382 15.68 0.53 -12.06
N ALA C 383 15.47 0.58 -10.74
CA ALA C 383 14.13 0.78 -10.22
C ALA C 383 13.45 1.97 -10.89
N ASN C 384 14.20 3.04 -11.15
CA ASN C 384 13.76 4.10 -12.04
C ASN C 384 14.96 4.55 -12.85
N PRO C 385 14.76 5.35 -13.91
CA PRO C 385 15.88 5.65 -14.83
C PRO C 385 17.05 6.36 -14.17
N GLY C 386 16.94 6.77 -12.91
CA GLY C 386 18.01 7.45 -12.21
C GLY C 386 18.80 6.61 -11.23
N PHE C 387 18.50 5.31 -11.12
CA PHE C 387 19.19 4.46 -10.16
C PHE C 387 20.57 4.04 -10.63
N HIS C 388 20.77 3.86 -11.94
CA HIS C 388 22.04 3.35 -12.42
C HIS C 388 23.17 4.36 -12.22
N GLU C 389 22.90 5.64 -12.50
CA GLU C 389 23.90 6.66 -12.22
C GLU C 389 24.03 6.93 -10.73
N ALA C 390 22.95 6.71 -9.96
CA ALA C 390 23.04 6.84 -8.52
C ALA C 390 23.91 5.76 -7.92
N ILE C 391 23.92 4.56 -8.51
CA ILE C 391 24.73 3.47 -7.99
C ILE C 391 26.18 3.63 -8.42
N GLY C 392 26.41 4.13 -9.64
CA GLY C 392 27.77 4.38 -10.07
C GLY C 392 28.42 5.50 -9.27
N ASP C 393 27.67 6.56 -8.99
CA ASP C 393 28.25 7.73 -8.34
C ASP C 393 28.37 7.55 -6.82
N VAL C 394 27.51 6.74 -6.20
CA VAL C 394 27.61 6.52 -4.77
C VAL C 394 28.91 5.80 -4.44
N LEU C 395 29.26 4.78 -5.22
CA LEU C 395 30.56 4.14 -5.07
C LEU C 395 31.68 5.14 -5.28
N ALA C 396 31.55 5.98 -6.31
CA ALA C 396 32.56 7.00 -6.58
C ALA C 396 32.77 7.92 -5.38
N LEU C 397 31.71 8.19 -4.62
CA LEU C 397 31.84 9.09 -3.47
C LEU C 397 32.84 8.56 -2.46
N SER C 398 32.79 7.26 -2.17
CA SER C 398 33.73 6.68 -1.22
C SER C 398 35.13 6.59 -1.81
N VAL C 399 35.23 6.11 -3.06
CA VAL C 399 36.52 5.90 -3.69
C VAL C 399 37.29 7.21 -3.82
N SER C 400 36.59 8.32 -4.03
CA SER C 400 37.24 9.61 -4.23
C SER C 400 37.79 10.22 -2.94
N THR C 401 37.42 9.68 -1.78
CA THR C 401 37.90 10.26 -0.53
C THR C 401 39.38 9.93 -0.32
N PRO C 402 40.13 10.84 0.31
CA PRO C 402 41.53 10.51 0.62
C PRO C 402 41.67 9.28 1.49
N GLU C 403 40.74 9.08 2.43
CA GLU C 403 40.78 7.89 3.27
C GLU C 403 40.93 6.62 2.44
N HIS C 404 40.12 6.49 1.38
CA HIS C 404 40.15 5.28 0.57
C HIS C 404 41.45 5.19 -0.23
N LEU C 405 41.87 6.30 -0.83
CA LEU C 405 43.12 6.30 -1.59
C LEU C 405 44.30 5.91 -0.71
N HIS C 406 44.32 6.41 0.53
CA HIS C 406 45.34 5.99 1.48
C HIS C 406 45.24 4.50 1.76
N LYS C 407 44.03 3.97 1.86
CA LYS C 407 43.83 2.56 2.18
C LYS C 407 44.27 1.64 1.04
N ILE C 408 44.35 2.14 -0.19
CA ILE C 408 44.79 1.32 -1.32
C ILE C 408 46.19 1.74 -1.78
N GLY C 409 46.96 2.37 -0.90
CA GLY C 409 48.35 2.65 -1.20
C GLY C 409 48.59 3.70 -2.25
N LEU C 410 47.72 4.71 -2.32
CA LEU C 410 47.89 5.84 -3.24
C LEU C 410 48.11 7.15 -2.53
N LEU C 411 48.06 7.18 -1.20
CA LEU C 411 48.26 8.41 -0.43
C LEU C 411 49.03 8.06 0.83
N ASP C 412 50.18 8.72 1.02
CA ASP C 412 51.03 8.41 2.16
C ASP C 412 50.34 8.76 3.48
N ARG C 413 49.98 10.02 3.65
CA ARG C 413 49.33 10.49 4.87
C ARG C 413 47.99 11.11 4.53
N VAL C 414 47.00 10.88 5.40
CA VAL C 414 45.68 11.47 5.27
C VAL C 414 45.65 12.69 6.19
N THR C 415 45.83 13.87 5.60
CA THR C 415 45.87 15.11 6.38
C THR C 415 44.51 15.36 7.02
N ASN C 416 44.50 15.69 8.31
CA ASN C 416 43.28 15.85 9.08
C ASN C 416 42.98 17.32 9.41
N ASP C 417 43.39 18.23 8.52
CA ASP C 417 43.09 19.65 8.69
C ASP C 417 41.82 20.01 7.93
N THR C 418 41.01 20.89 8.54
CA THR C 418 39.74 21.27 7.93
C THR C 418 39.95 22.02 6.62
N GLU C 419 41.03 22.79 6.52
CA GLU C 419 41.29 23.55 5.29
C GLU C 419 41.34 22.63 4.08
N SER C 420 41.93 21.44 4.25
CA SER C 420 41.94 20.46 3.16
C SER C 420 40.58 19.83 2.94
N ASP C 421 39.70 19.87 3.94
CA ASP C 421 38.34 19.37 3.75
C ASP C 421 37.51 20.35 2.94
N ILE C 422 37.60 21.64 3.23
CA ILE C 422 36.88 22.65 2.46
C ILE C 422 37.30 22.57 0.99
N ASN C 423 38.61 22.40 0.73
CA ASN C 423 39.07 22.22 -0.64
C ASN C 423 38.39 21.03 -1.29
N TYR C 424 38.32 19.90 -0.58
CA TYR C 424 37.68 18.71 -1.12
C TYR C 424 36.21 18.96 -1.39
N LEU C 425 35.48 19.45 -0.39
CA LEU C 425 34.06 19.71 -0.56
C LEU C 425 33.80 20.72 -1.66
N LEU C 426 34.62 21.78 -1.71
CA LEU C 426 34.44 22.81 -2.74
C LEU C 426 34.58 22.20 -4.14
N LYS C 427 35.68 21.47 -4.37
CA LYS C 427 35.86 20.86 -5.69
C LYS C 427 34.74 19.88 -5.99
N MET C 428 34.23 19.18 -4.97
CA MET C 428 33.08 18.31 -5.16
C MET C 428 31.83 19.13 -5.46
N ALA C 429 31.70 20.30 -4.85
CA ALA C 429 30.55 21.16 -5.12
C ALA C 429 30.57 21.67 -6.56
N LEU C 430 31.76 21.89 -7.13
CA LEU C 430 31.84 22.35 -8.51
C LEU C 430 31.31 21.34 -9.50
N ASP C 431 31.06 20.10 -9.08
CA ASP C 431 30.46 19.08 -9.93
C ASP C 431 29.06 18.73 -9.49
N LYS C 432 28.87 18.33 -8.24
CA LYS C 432 27.59 17.80 -7.80
C LYS C 432 26.57 18.88 -7.43
N ILE C 433 26.98 20.13 -7.28
CA ILE C 433 26.08 21.21 -6.90
C ILE C 433 25.77 22.12 -8.08
N ALA C 434 26.77 22.45 -8.90
CA ALA C 434 26.52 23.33 -10.04
C ALA C 434 25.63 22.67 -11.09
N PHE C 435 25.60 21.33 -11.13
CA PHE C 435 24.83 20.62 -12.12
C PHE C 435 23.34 20.58 -11.79
N LEU C 436 23.00 20.67 -10.51
CA LEU C 436 21.61 20.53 -10.08
C LEU C 436 20.64 21.39 -10.88
N PRO C 437 20.81 22.70 -11.01
CA PRO C 437 19.85 23.48 -11.80
C PRO C 437 19.79 23.04 -13.26
N PHE C 438 20.94 22.81 -13.88
CA PHE C 438 20.94 22.38 -15.27
C PHE C 438 20.29 21.00 -15.42
N GLY C 439 20.76 20.03 -14.63
CA GLY C 439 20.17 18.71 -14.64
C GLY C 439 18.68 18.72 -14.37
N TYR C 440 18.19 19.79 -13.78
CA TYR C 440 16.78 19.96 -13.48
C TYR C 440 16.02 20.66 -14.60
N LEU C 441 16.65 21.67 -15.22
CA LEU C 441 15.93 22.55 -16.15
C LEU C 441 15.81 21.97 -17.56
N VAL C 442 16.67 21.03 -17.94
CA VAL C 442 16.65 20.52 -19.31
C VAL C 442 15.28 19.96 -19.66
N ASP C 443 14.84 18.92 -18.93
CA ASP C 443 13.56 18.29 -19.26
C ASP C 443 12.39 19.21 -18.99
N GLN C 444 12.55 20.26 -18.18
CA GLN C 444 11.50 21.26 -18.08
C GLN C 444 11.27 21.94 -19.42
N TRP C 445 12.36 22.24 -20.14
CA TRP C 445 12.22 22.80 -21.48
C TRP C 445 11.54 21.80 -22.41
N ARG C 446 12.00 20.54 -22.41
CA ARG C 446 11.43 19.55 -23.32
C ARG C 446 10.00 19.17 -22.92
N TRP C 447 9.69 19.17 -21.61
CA TRP C 447 8.30 18.99 -21.21
C TRP C 447 7.42 20.09 -21.79
N GLY C 448 7.92 21.33 -21.76
CA GLY C 448 7.15 22.43 -22.33
C GLY C 448 6.94 22.30 -23.82
N VAL C 449 7.97 21.84 -24.55
CA VAL C 449 7.87 21.71 -26.00
C VAL C 449 6.88 20.61 -26.36
N PHE C 450 7.08 19.41 -25.80
CA PHE C 450 6.15 18.31 -26.07
C PHE C 450 4.72 18.71 -25.77
N SER C 451 4.49 19.37 -24.62
CA SER C 451 3.13 19.72 -24.23
C SER C 451 2.52 20.75 -25.16
N GLY C 452 3.34 21.62 -25.75
CA GLY C 452 2.87 22.68 -26.61
C GLY C 452 2.97 24.06 -26.02
N ARG C 453 3.28 24.18 -24.71
CA ARG C 453 3.41 25.48 -24.09
C ARG C 453 4.62 26.24 -24.63
N THR C 454 5.60 25.54 -25.18
CA THR C 454 6.73 26.18 -25.87
C THR C 454 6.65 25.84 -27.35
N PRO C 455 6.10 26.71 -28.19
CA PRO C 455 6.08 26.43 -29.63
C PRO C 455 7.44 26.71 -30.25
N PRO C 456 7.66 26.28 -31.49
CA PRO C 456 8.93 26.58 -32.14
C PRO C 456 9.30 28.05 -32.11
N SER C 457 8.30 28.94 -32.09
CA SER C 457 8.56 30.37 -32.07
C SER C 457 9.12 30.86 -30.73
N ARG C 458 9.15 29.99 -29.71
CA ARG C 458 9.65 30.38 -28.40
C ARG C 458 10.65 29.37 -27.83
N TYR C 459 11.30 28.58 -28.69
CA TYR C 459 12.28 27.60 -28.23
C TYR C 459 13.36 28.27 -27.39
N ASN C 460 14.09 29.21 -28.00
CA ASN C 460 15.23 29.83 -27.34
C ASN C 460 14.82 30.84 -26.27
N PHE C 461 13.62 31.39 -26.38
CA PHE C 461 13.12 32.30 -25.34
C PHE C 461 12.88 31.55 -24.02
N ASP C 462 12.23 30.39 -24.09
CA ASP C 462 11.99 29.60 -22.89
C ASP C 462 13.22 28.82 -22.44
N TRP C 463 14.20 28.62 -23.32
CA TRP C 463 15.43 27.95 -22.92
C TRP C 463 16.26 28.85 -22.00
N TRP C 464 16.47 30.10 -22.41
CA TRP C 464 17.26 31.02 -21.61
C TRP C 464 16.50 31.54 -20.40
N TYR C 465 15.17 31.51 -20.42
CA TYR C 465 14.42 31.75 -19.19
C TYR C 465 14.78 30.71 -18.14
N LEU C 466 14.75 29.43 -18.51
CA LEU C 466 15.10 28.37 -17.58
C LEU C 466 16.57 28.46 -17.16
N ARG C 467 17.45 28.78 -18.11
CA ARG C 467 18.87 28.89 -17.80
C ARG C 467 19.12 30.00 -16.78
N THR C 468 18.60 31.19 -17.04
CA THR C 468 18.79 32.29 -16.10
C THR C 468 18.03 32.03 -14.80
N LYS C 469 16.84 31.44 -14.88
CA LYS C 469 16.04 31.23 -13.67
C LYS C 469 16.76 30.30 -12.69
N TYR C 470 17.39 29.25 -13.20
CA TYR C 470 17.94 28.19 -12.35
C TYR C 470 19.46 28.30 -12.20
N GLN C 471 20.21 28.25 -13.30
CA GLN C 471 21.66 28.32 -13.22
C GLN C 471 22.14 29.72 -12.83
N GLY C 472 21.36 30.75 -13.14
CA GLY C 472 21.82 32.11 -12.94
C GLY C 472 22.86 32.54 -13.94
N ILE C 473 22.72 32.10 -15.18
CA ILE C 473 23.66 32.43 -16.25
C ILE C 473 22.90 33.16 -17.36
N CYS C 474 23.65 33.93 -18.14
CA CYS C 474 23.13 34.66 -19.27
C CYS C 474 24.04 34.48 -20.47
N PRO C 475 23.49 34.49 -21.68
CA PRO C 475 24.32 34.28 -22.86
C PRO C 475 25.30 35.43 -23.05
N PRO C 476 26.51 35.16 -23.54
CA PRO C 476 27.48 36.26 -23.71
C PRO C 476 27.18 37.13 -24.91
N VAL C 477 26.58 36.55 -25.95
CA VAL C 477 26.14 37.29 -27.11
C VAL C 477 24.62 37.25 -27.17
N THR C 478 24.05 38.28 -27.79
CA THR C 478 22.59 38.36 -27.93
C THR C 478 22.08 37.18 -28.75
N ARG C 479 20.93 36.64 -28.33
CA ARG C 479 20.31 35.51 -28.99
C ARG C 479 18.87 35.85 -29.35
N ASN C 480 18.35 35.14 -30.35
CA ASN C 480 16.97 35.34 -30.79
C ASN C 480 16.44 34.02 -31.32
N GLU C 481 15.16 34.04 -31.74
CA GLU C 481 14.46 32.81 -32.09
C GLU C 481 14.98 32.14 -33.34
N THR C 482 15.98 32.71 -34.01
CA THR C 482 16.68 31.97 -35.05
C THR C 482 17.74 31.06 -34.47
N HIS C 483 18.14 31.28 -33.22
CA HIS C 483 19.07 30.40 -32.53
C HIS C 483 18.29 29.32 -31.78
N PHE C 484 18.86 28.11 -31.78
CA PHE C 484 18.27 26.95 -31.11
C PHE C 484 19.32 26.38 -30.16
N ASP C 485 19.61 27.14 -29.10
CA ASP C 485 20.71 26.79 -28.20
C ASP C 485 20.44 25.48 -27.47
N ALA C 486 19.18 25.16 -27.19
CA ALA C 486 18.87 23.89 -26.56
C ALA C 486 19.41 22.72 -27.37
N GLY C 487 19.45 22.86 -28.70
CA GLY C 487 19.95 21.80 -29.55
C GLY C 487 21.46 21.64 -29.55
N ALA C 488 22.19 22.59 -28.95
CA ALA C 488 23.64 22.48 -28.85
C ALA C 488 24.10 21.50 -27.78
N LYS C 489 23.19 21.05 -26.92
CA LYS C 489 23.50 20.03 -25.92
C LYS C 489 23.16 18.66 -26.48
N PHE C 490 24.03 17.69 -26.23
CA PHE C 490 23.93 16.39 -26.88
C PHE C 490 22.54 15.77 -26.74
N HIS C 491 22.03 15.70 -25.51
CA HIS C 491 20.86 14.87 -25.23
C HIS C 491 19.58 15.37 -25.92
N VAL C 492 19.61 16.54 -26.55
CA VAL C 492 18.41 17.07 -27.18
C VAL C 492 18.26 16.46 -28.58
N PRO C 493 19.20 16.68 -29.51
CA PRO C 493 19.04 16.05 -30.84
C PRO C 493 19.10 14.54 -30.80
N ASN C 494 19.67 13.94 -29.75
CA ASN C 494 19.72 12.49 -29.62
C ASN C 494 18.57 11.95 -28.75
N VAL C 495 17.65 12.81 -28.34
CA VAL C 495 16.45 12.40 -27.63
C VAL C 495 16.78 11.41 -26.52
N THR C 496 17.58 11.85 -25.55
CA THR C 496 17.86 11.07 -24.37
C THR C 496 17.27 11.78 -23.16
N PRO C 497 16.37 11.15 -22.39
CA PRO C 497 15.82 11.84 -21.22
C PRO C 497 16.92 12.28 -20.26
N TYR C 498 16.66 13.38 -19.56
CA TYR C 498 17.68 14.03 -18.75
C TYR C 498 17.32 14.16 -17.27
N ILE C 499 16.03 14.26 -16.93
CA ILE C 499 15.65 14.45 -15.53
C ILE C 499 16.22 13.35 -14.64
N ARG C 500 16.44 12.16 -15.20
CA ARG C 500 17.03 11.07 -14.43
C ARG C 500 18.33 11.49 -13.77
N TYR C 501 19.05 12.44 -14.37
CA TYR C 501 20.36 12.84 -13.85
C TYR C 501 20.21 13.76 -12.65
N PHE C 502 19.22 14.66 -12.65
CA PHE C 502 18.90 15.39 -11.43
C PHE C 502 18.45 14.43 -10.34
N VAL C 503 17.63 13.43 -10.70
CA VAL C 503 17.21 12.42 -9.74
C VAL C 503 18.41 11.61 -9.27
N SER C 504 19.42 11.45 -10.12
CA SER C 504 20.60 10.66 -9.74
C SER C 504 21.49 11.40 -8.75
N PHE C 505 21.58 12.73 -8.86
CA PHE C 505 22.42 13.49 -7.94
C PHE C 505 21.84 13.54 -6.54
N VAL C 506 20.51 13.65 -6.44
CA VAL C 506 19.86 13.57 -5.14
C VAL C 506 19.92 12.15 -4.60
N LEU C 507 19.64 11.16 -5.46
CA LEU C 507 19.58 9.77 -5.00
C LEU C 507 20.91 9.32 -4.40
N GLN C 508 22.03 9.67 -5.04
CA GLN C 508 23.31 9.10 -4.65
C GLN C 508 23.70 9.51 -3.23
N PHE C 509 23.29 10.70 -2.79
CA PHE C 509 23.61 11.11 -1.43
C PHE C 509 22.68 10.47 -0.41
N GLN C 510 21.42 10.21 -0.78
CA GLN C 510 20.58 9.34 0.04
C GLN C 510 21.20 7.95 0.15
N PHE C 511 21.63 7.39 -0.98
CA PHE C 511 22.35 6.12 -0.97
C PHE C 511 23.55 6.17 -0.04
N HIS C 512 24.31 7.27 -0.12
CA HIS C 512 25.55 7.38 0.67
C HIS C 512 25.25 7.32 2.16
N GLU C 513 24.38 8.21 2.64
CA GLU C 513 24.07 8.27 4.06
C GLU C 513 23.63 6.91 4.59
N ALA C 514 22.86 6.17 3.80
CA ALA C 514 22.36 4.88 4.28
C ALA C 514 23.51 3.88 4.43
N LEU C 515 24.44 3.87 3.47
CA LEU C 515 25.50 2.88 3.47
C LEU C 515 26.60 3.21 4.47
N CYS C 516 26.82 4.50 4.75
CA CYS C 516 27.80 4.88 5.77
C CYS C 516 27.27 4.56 7.16
N LYS C 517 25.97 4.77 7.39
CA LYS C 517 25.36 4.39 8.66
C LYS C 517 25.41 2.88 8.84
N GLU C 518 24.96 2.12 7.84
CA GLU C 518 24.97 0.67 7.93
C GLU C 518 26.37 0.13 8.18
N ALA C 519 27.39 0.86 7.72
CA ALA C 519 28.78 0.47 7.94
C ALA C 519 29.32 0.93 9.29
N GLY C 520 28.45 1.40 10.18
CA GLY C 520 28.86 1.86 11.49
C GLY C 520 29.67 3.14 11.50
N TYR C 521 30.08 3.66 10.34
CA TYR C 521 30.92 4.84 10.31
C TYR C 521 30.22 6.02 10.98
N GLU C 522 31.01 6.84 11.67
CA GLU C 522 30.54 8.09 12.23
C GLU C 522 31.53 9.20 11.87
N GLY C 523 31.07 10.44 11.99
CA GLY C 523 31.87 11.59 11.64
C GLY C 523 31.32 12.30 10.42
N PRO C 524 32.09 13.25 9.88
CA PRO C 524 31.64 13.94 8.67
C PRO C 524 31.41 12.97 7.53
N LEU C 525 30.31 13.19 6.80
CA LEU C 525 29.87 12.23 5.79
C LEU C 525 30.78 12.24 4.57
N HIS C 526 31.40 13.37 4.25
CA HIS C 526 32.29 13.44 3.09
C HIS C 526 33.58 12.65 3.28
N GLN C 527 33.89 12.22 4.50
CA GLN C 527 35.07 11.40 4.77
C GLN C 527 34.72 9.92 4.89
N CYS C 528 33.52 9.52 4.49
CA CYS C 528 33.09 8.13 4.62
C CYS C 528 33.62 7.29 3.47
N ASP C 529 33.99 6.05 3.79
CA ASP C 529 34.44 5.09 2.79
C ASP C 529 33.87 3.73 3.16
N ILE C 530 32.93 3.24 2.36
CA ILE C 530 32.26 1.96 2.63
C ILE C 530 33.17 0.79 2.33
N TYR C 531 34.41 1.07 1.91
CA TYR C 531 35.36 0.03 1.56
C TYR C 531 35.40 -1.06 2.62
N ARG C 532 35.27 -2.30 2.17
CA ARG C 532 35.38 -3.49 3.04
C ARG C 532 34.28 -3.56 4.09
N SER C 533 33.13 -2.93 3.84
CA SER C 533 31.99 -2.97 4.75
C SER C 533 30.92 -3.85 4.12
N THR C 534 30.89 -5.14 4.51
CA THR C 534 29.92 -6.06 3.97
C THR C 534 28.51 -5.72 4.43
N LYS C 535 28.37 -5.11 5.62
CA LYS C 535 27.05 -4.68 6.07
C LYS C 535 26.44 -3.69 5.10
N ALA C 536 27.27 -2.84 4.49
CA ALA C 536 26.78 -1.95 3.44
C ALA C 536 26.61 -2.69 2.12
N GLY C 537 27.54 -3.59 1.80
CA GLY C 537 27.39 -4.37 0.58
C GLY C 537 26.11 -5.18 0.55
N ALA C 538 25.73 -5.76 1.70
CA ALA C 538 24.48 -6.51 1.77
C ALA C 538 23.29 -5.61 1.44
N LYS C 539 23.26 -4.41 2.01
CA LYS C 539 22.18 -3.49 1.71
C LYS C 539 22.21 -3.06 0.25
N LEU C 540 23.41 -2.88 -0.30
CA LEU C 540 23.52 -2.54 -1.71
C LEU C 540 22.98 -3.66 -2.59
N ARG C 541 23.39 -4.90 -2.31
CA ARG C 541 23.00 -6.01 -3.17
C ARG C 541 21.50 -6.18 -3.24
N LYS C 542 20.78 -5.87 -2.16
CA LYS C 542 19.33 -5.97 -2.17
C LYS C 542 18.74 -5.01 -3.19
N VAL C 543 19.29 -3.80 -3.28
CA VAL C 543 18.83 -2.84 -4.28
C VAL C 543 19.17 -3.33 -5.68
N LEU C 544 20.41 -3.77 -5.89
CA LEU C 544 20.82 -4.21 -7.22
C LEU C 544 19.96 -5.39 -7.69
N ARG C 545 19.82 -6.41 -6.85
CA ARG C 545 19.14 -7.65 -7.23
C ARG C 545 17.69 -7.44 -7.65
N ALA C 546 17.10 -6.27 -7.36
CA ALA C 546 15.67 -6.08 -7.56
C ALA C 546 15.31 -5.53 -8.93
N GLY C 547 16.22 -4.78 -9.57
CA GLY C 547 15.88 -4.17 -10.85
C GLY C 547 14.66 -3.27 -10.71
N SER C 548 13.71 -3.42 -11.64
CA SER C 548 12.44 -2.72 -11.58
C SER C 548 11.30 -3.65 -11.17
N SER C 549 11.62 -4.84 -10.64
CA SER C 549 10.57 -5.78 -10.26
C SER C 549 9.62 -5.18 -9.22
N ARG C 550 10.09 -4.23 -8.43
CA ARG C 550 9.28 -3.59 -7.41
C ARG C 550 9.33 -2.08 -7.60
N PRO C 551 8.34 -1.36 -7.07
CA PRO C 551 8.33 0.10 -7.23
C PRO C 551 9.58 0.71 -6.62
N TRP C 552 10.11 1.74 -7.28
CA TRP C 552 11.33 2.37 -6.79
C TRP C 552 11.11 3.03 -5.43
N GLN C 553 9.87 3.40 -5.09
CA GLN C 553 9.61 3.98 -3.78
C GLN C 553 9.72 2.93 -2.67
N GLU C 554 9.43 1.67 -2.97
CA GLU C 554 9.58 0.60 -1.98
C GLU C 554 11.05 0.22 -1.80
N VAL C 555 11.78 0.08 -2.90
CA VAL C 555 13.20 -0.25 -2.81
C VAL C 555 13.94 0.81 -2.01
N LEU C 556 13.80 2.07 -2.42
CA LEU C 556 14.41 3.17 -1.67
C LEU C 556 14.02 3.12 -0.20
N LYS C 557 12.74 2.85 0.09
CA LYS C 557 12.28 2.70 1.46
C LYS C 557 13.13 1.69 2.22
N ASP C 558 13.27 0.47 1.66
CA ASP C 558 14.04 -0.56 2.33
C ASP C 558 15.49 -0.15 2.51
N MET C 559 16.02 0.66 1.60
CA MET C 559 17.43 1.03 1.67
C MET C 559 17.67 2.17 2.64
N VAL C 560 17.00 3.32 2.42
CA VAL C 560 17.28 4.53 3.17
C VAL C 560 16.20 4.84 4.20
N GLY C 561 15.21 3.97 4.36
CA GLY C 561 14.14 4.20 5.30
C GLY C 561 13.13 5.24 4.86
N LEU C 562 13.20 5.70 3.61
CA LEU C 562 12.28 6.70 3.09
C LEU C 562 11.80 6.27 1.71
N ASP C 563 10.54 6.57 1.41
CA ASP C 563 9.93 6.21 0.14
C ASP C 563 9.82 7.39 -0.82
N ALA C 564 10.74 8.34 -0.72
CA ALA C 564 10.68 9.54 -1.54
C ALA C 564 12.09 10.09 -1.74
N LEU C 565 12.19 11.07 -2.64
CA LEU C 565 13.45 11.77 -2.85
C LEU C 565 13.60 12.84 -1.77
N ASP C 566 14.77 12.86 -1.13
CA ASP C 566 15.04 13.82 -0.06
C ASP C 566 16.36 14.51 -0.35
N ALA C 567 16.37 15.84 -0.23
CA ALA C 567 17.56 16.62 -0.50
C ALA C 567 18.47 16.78 0.71
N GLN C 568 18.04 16.32 1.90
CA GLN C 568 18.84 16.56 3.09
C GLN C 568 20.13 15.77 3.09
N PRO C 569 20.15 14.48 2.75
CA PRO C 569 21.43 13.76 2.72
C PRO C 569 22.48 14.40 1.83
N LEU C 570 22.07 15.28 0.91
CA LEU C 570 23.04 16.03 0.12
C LEU C 570 23.50 17.27 0.87
N LEU C 571 22.59 17.91 1.62
CA LEU C 571 22.96 19.10 2.40
C LEU C 571 23.89 18.73 3.54
N LYS C 572 23.56 17.65 4.28
CA LYS C 572 24.41 17.22 5.38
C LYS C 572 25.83 16.93 4.91
N TYR C 573 25.96 16.25 3.77
CA TYR C 573 27.27 16.01 3.16
C TYR C 573 28.05 17.32 3.03
N PHE C 574 27.48 18.31 2.34
CA PHE C 574 28.12 19.59 2.10
C PHE C 574 27.92 20.58 3.25
N GLN C 575 27.55 20.10 4.44
CA GLN C 575 27.22 21.01 5.53
C GLN C 575 28.36 21.98 5.82
N LEU C 576 29.60 21.47 5.88
CA LEU C 576 30.73 22.31 6.23
C LEU C 576 30.96 23.40 5.18
N VAL C 577 31.02 23.02 3.91
CA VAL C 577 31.34 23.98 2.87
C VAL C 577 30.18 24.94 2.62
N THR C 578 28.95 24.55 2.95
CA THR C 578 27.83 25.49 2.85
C THR C 578 27.98 26.60 3.88
N GLN C 579 28.38 26.25 5.11
CA GLN C 579 28.62 27.25 6.14
C GLN C 579 29.81 28.14 5.76
N TRP C 580 30.87 27.55 5.21
CA TRP C 580 32.04 28.33 4.83
C TRP C 580 31.72 29.27 3.67
N LEU C 581 30.84 28.86 2.76
CA LEU C 581 30.46 29.73 1.65
C LEU C 581 29.56 30.85 2.12
N GLN C 582 28.65 30.56 3.07
CA GLN C 582 27.83 31.62 3.65
C GLN C 582 28.69 32.66 4.36
N GLU C 583 29.71 32.20 5.10
CA GLU C 583 30.60 33.13 5.78
C GLU C 583 31.33 34.02 4.79
N GLN C 584 32.00 33.42 3.81
CA GLN C 584 32.71 34.21 2.80
C GLN C 584 31.78 35.23 2.15
N ASN C 585 30.65 34.76 1.61
CA ASN C 585 29.73 35.67 0.94
C ASN C 585 29.28 36.79 1.86
N GLN C 586 28.97 36.47 3.12
CA GLN C 586 28.55 37.50 4.06
C GLN C 586 29.64 38.55 4.24
N GLN C 587 30.87 38.12 4.51
CA GLN C 587 31.96 39.06 4.73
C GLN C 587 32.17 39.96 3.52
N ASN C 588 32.12 39.38 2.32
CA ASN C 588 32.22 40.16 1.09
C ASN C 588 30.94 40.92 0.77
N GLY C 589 29.92 40.84 1.62
CA GLY C 589 28.67 41.53 1.38
C GLY C 589 28.06 41.18 0.04
N GLU C 590 27.99 39.89 -0.26
CA GLU C 590 27.50 39.44 -1.55
C GLU C 590 25.99 39.60 -1.66
N VAL C 591 25.53 39.70 -2.89
CA VAL C 591 24.11 39.60 -3.22
C VAL C 591 23.88 38.19 -3.75
N LEU C 592 23.18 37.36 -2.99
CA LEU C 592 22.85 36.02 -3.46
C LEU C 592 21.78 36.12 -4.55
N GLY C 593 21.93 35.27 -5.56
CA GLY C 593 21.05 35.35 -6.71
C GLY C 593 21.49 36.45 -7.66
N TRP C 594 20.60 36.77 -8.59
CA TRP C 594 20.88 37.70 -9.68
C TRP C 594 19.67 38.62 -9.86
N PRO C 595 19.47 39.56 -8.93
CA PRO C 595 18.33 40.48 -9.07
C PRO C 595 18.30 41.22 -10.40
N GLU C 596 19.46 41.53 -10.98
CA GLU C 596 19.52 42.22 -12.26
C GLU C 596 19.46 41.19 -13.39
N TYR C 597 18.25 40.65 -13.59
CA TYR C 597 18.08 39.55 -14.53
C TYR C 597 18.30 39.98 -15.97
N GLN C 598 18.08 41.25 -16.29
CA GLN C 598 18.23 41.70 -17.67
C GLN C 598 19.68 41.81 -18.10
N TRP C 599 20.61 41.93 -17.16
CA TRP C 599 21.98 42.28 -17.53
C TRP C 599 22.61 41.21 -18.43
N HIS C 600 23.29 41.68 -19.47
CA HIS C 600 24.13 40.87 -20.33
C HIS C 600 25.49 41.52 -20.46
N PRO C 601 26.54 40.75 -20.69
CA PRO C 601 27.86 41.34 -20.88
C PRO C 601 27.96 42.01 -22.24
N PRO C 602 28.84 43.00 -22.39
CA PRO C 602 29.08 43.59 -23.71
C PRO C 602 30.03 42.72 -24.53
N LEU C 603 30.19 43.11 -25.79
CA LEU C 603 31.12 42.42 -26.67
C LEU C 603 32.53 42.97 -26.49
N PRO C 604 33.55 42.15 -26.71
CA PRO C 604 34.93 42.67 -26.68
C PRO C 604 35.19 43.64 -27.82
N ASP C 605 36.24 44.44 -27.64
CA ASP C 605 36.58 45.46 -28.63
C ASP C 605 36.89 44.81 -29.97
N ASN C 606 36.28 45.34 -31.03
CA ASN C 606 36.42 44.81 -32.38
C ASN C 606 36.56 43.30 -32.40
N TYR C 607 35.49 42.62 -32.01
CA TYR C 607 35.25 41.19 -32.08
C TYR C 607 34.14 40.94 -33.09
N PRO C 608 34.19 39.85 -33.88
CA PRO C 608 34.88 38.54 -33.83
C PRO C 608 36.35 38.53 -34.21
N GLU C 609 36.95 39.68 -34.51
CA GLU C 609 38.32 39.71 -35.00
C GLU C 609 39.26 40.36 -34.00
N GLY D 4 -27.17 37.26 17.30
CA GLY D 4 -28.15 36.18 17.38
C GLY D 4 -28.22 35.34 16.12
N LEU D 5 -27.17 35.43 15.30
CA LEU D 5 -27.10 34.68 14.04
C LEU D 5 -26.30 33.39 14.18
N GLN D 6 -25.92 33.01 15.39
CA GLN D 6 -25.16 31.77 15.57
C GLN D 6 -26.07 30.57 15.34
N PRO D 7 -25.52 29.46 14.82
CA PRO D 7 -26.37 28.30 14.49
C PRO D 7 -26.87 27.57 15.73
N GLY D 8 -27.61 26.49 15.52
CA GLY D 8 -28.16 25.71 16.61
C GLY D 8 -28.12 24.21 16.36
N GLN D 9 -29.01 23.47 17.02
CA GLN D 9 -29.05 22.02 16.84
C GLN D 9 -29.38 21.67 15.40
N PHE D 10 -28.53 20.85 14.79
CA PHE D 10 -28.77 20.34 13.44
C PHE D 10 -28.27 18.90 13.36
N SER D 11 -29.16 18.01 12.91
CA SER D 11 -28.81 16.60 12.81
C SER D 11 -27.55 16.42 11.98
N ALA D 12 -26.70 15.48 12.42
CA ALA D 12 -25.40 15.26 11.79
C ALA D 12 -25.53 14.16 10.74
N ASP D 13 -26.08 14.54 9.58
CA ASP D 13 -26.23 13.62 8.47
C ASP D 13 -26.67 14.42 7.24
N GLU D 14 -26.58 13.78 6.08
CA GLU D 14 -26.94 14.45 4.83
C GLU D 14 -28.36 15.03 4.90
N ALA D 15 -29.30 14.26 5.45
CA ALA D 15 -30.65 14.78 5.64
C ALA D 15 -30.63 15.99 6.56
N GLY D 16 -29.82 15.94 7.62
CA GLY D 16 -29.65 17.07 8.51
C GLY D 16 -28.80 18.18 7.96
N ALA D 17 -28.08 17.93 6.86
CA ALA D 17 -27.31 18.98 6.21
C ALA D 17 -28.20 19.88 5.36
N GLN D 18 -29.23 19.31 4.73
CA GLN D 18 -30.22 20.12 4.03
C GLN D 18 -30.87 21.12 4.98
N LEU D 19 -31.18 20.67 6.19
CA LEU D 19 -31.72 21.58 7.20
C LEU D 19 -30.69 22.63 7.59
N PHE D 20 -29.42 22.22 7.72
CA PHE D 20 -28.36 23.15 8.07
C PHE D 20 -28.18 24.22 7.00
N ALA D 21 -28.44 23.87 5.74
CA ALA D 21 -28.26 24.84 4.66
C ALA D 21 -29.35 25.91 4.69
N GLN D 22 -30.59 25.52 5.00
CA GLN D 22 -31.69 26.47 5.00
C GLN D 22 -31.47 27.59 6.01
N SER D 23 -31.26 27.24 7.28
CA SER D 23 -31.04 28.24 8.30
C SER D 23 -29.84 29.12 7.96
N TYR D 24 -28.83 28.57 7.28
CA TYR D 24 -27.68 29.36 6.87
C TYR D 24 -28.07 30.43 5.87
N GLN D 25 -28.75 30.03 4.80
CA GLN D 25 -29.06 30.97 3.73
C GLN D 25 -30.02 32.05 4.19
N SER D 26 -30.99 31.70 5.04
CA SER D 26 -31.91 32.69 5.57
C SER D 26 -31.21 33.65 6.51
N SER D 27 -30.13 33.20 7.17
CA SER D 27 -29.34 34.08 8.02
C SER D 27 -28.27 34.84 7.24
N ALA D 28 -27.76 34.26 6.16
CA ALA D 28 -26.77 34.96 5.34
C ALA D 28 -27.36 36.21 4.70
N GLU D 29 -28.65 36.20 4.39
CA GLU D 29 -29.28 37.36 3.78
C GLU D 29 -29.06 38.62 4.62
N GLN D 30 -29.37 38.53 5.92
CA GLN D 30 -29.12 39.66 6.81
C GLN D 30 -27.66 40.08 6.75
N VAL D 31 -26.75 39.13 6.88
CA VAL D 31 -25.32 39.44 6.88
C VAL D 31 -24.91 40.12 5.59
N LEU D 32 -25.33 39.54 4.46
CA LEU D 32 -24.94 40.10 3.16
C LEU D 32 -25.55 41.47 2.94
N PHE D 33 -26.83 41.64 3.27
CA PHE D 33 -27.46 42.96 3.12
C PHE D 33 -26.74 44.00 3.97
N GLN D 34 -26.35 43.63 5.19
CA GLN D 34 -25.63 44.55 6.07
C GLN D 34 -24.46 45.19 5.34
N SER D 35 -23.67 44.39 4.62
CA SER D 35 -22.49 44.91 3.95
C SER D 35 -22.85 45.83 2.79
N VAL D 36 -23.71 45.36 1.89
CA VAL D 36 -24.02 46.13 0.69
C VAL D 36 -24.68 47.45 1.06
N ALA D 37 -25.57 47.42 2.06
CA ALA D 37 -26.19 48.66 2.52
C ALA D 37 -25.14 49.64 3.01
N ALA D 38 -24.29 49.21 3.95
CA ALA D 38 -23.24 50.08 4.45
C ALA D 38 -22.30 50.49 3.33
N SER D 39 -21.91 49.54 2.47
CA SER D 39 -21.04 49.88 1.35
C SER D 39 -21.68 50.94 0.46
N TRP D 40 -22.98 50.80 0.16
CA TRP D 40 -23.67 51.83 -0.59
C TRP D 40 -23.65 53.15 0.14
N ALA D 41 -23.87 53.14 1.46
CA ALA D 41 -23.78 54.35 2.25
C ALA D 41 -22.42 55.02 2.10
N HIS D 42 -21.36 54.23 1.91
CA HIS D 42 -20.03 54.80 1.78
C HIS D 42 -19.77 55.32 0.38
N ASP D 43 -19.78 54.43 -0.62
CA ASP D 43 -19.42 54.84 -1.97
C ASP D 43 -20.33 55.94 -2.50
N THR D 44 -21.56 56.03 -2.00
CA THR D 44 -22.47 57.09 -2.38
C THR D 44 -22.38 58.31 -1.48
N ASN D 45 -21.75 58.17 -0.30
CA ASN D 45 -21.54 59.30 0.61
C ASN D 45 -20.28 58.97 1.41
N ILE D 46 -19.12 59.35 0.86
CA ILE D 46 -17.84 58.95 1.42
C ILE D 46 -17.51 59.79 2.64
N THR D 47 -18.05 59.41 3.79
CA THR D 47 -17.66 59.99 5.07
C THR D 47 -16.71 59.04 5.79
N ALA D 48 -15.86 59.60 6.65
CA ALA D 48 -15.05 58.77 7.52
C ALA D 48 -15.91 57.89 8.42
N GLU D 49 -17.11 58.37 8.76
CA GLU D 49 -18.04 57.58 9.56
C GLU D 49 -18.56 56.39 8.75
N ASN D 50 -19.12 56.65 7.56
CA ASN D 50 -19.61 55.56 6.73
C ASN D 50 -18.48 54.61 6.32
N ALA D 51 -17.25 55.13 6.21
CA ALA D 51 -16.11 54.25 5.98
C ALA D 51 -15.91 53.30 7.16
N ARG D 52 -16.18 53.76 8.38
CA ARG D 52 -16.10 52.90 9.55
C ARG D 52 -17.22 51.89 9.55
N ARG D 53 -18.46 52.34 9.32
CA ARG D 53 -19.60 51.42 9.28
C ARG D 53 -19.38 50.31 8.27
N GLN D 54 -18.72 50.64 7.14
CA GLN D 54 -18.40 49.62 6.14
C GLN D 54 -17.52 48.54 6.74
N GLU D 55 -16.49 48.93 7.51
CA GLU D 55 -15.61 47.95 8.14
C GLU D 55 -16.29 47.24 9.30
N GLU D 56 -17.24 47.90 9.96
CA GLU D 56 -18.04 47.22 10.97
C GLU D 56 -18.85 46.08 10.36
N ALA D 57 -19.60 46.38 9.30
CA ALA D 57 -20.38 45.36 8.62
C ALA D 57 -19.47 44.28 8.04
N ALA D 58 -18.33 44.67 7.48
CA ALA D 58 -17.40 43.70 6.91
C ALA D 58 -16.98 42.67 7.94
N LEU D 59 -16.65 43.13 9.15
CA LEU D 59 -16.20 42.21 10.19
C LEU D 59 -17.34 41.32 10.67
N LEU D 60 -18.58 41.81 10.61
CA LEU D 60 -19.72 41.00 11.05
C LEU D 60 -19.89 39.76 10.17
N SER D 61 -19.66 39.92 8.86
CA SER D 61 -19.75 38.77 7.96
C SER D 61 -18.60 37.79 8.18
N GLN D 62 -17.46 38.29 8.64
CA GLN D 62 -16.34 37.40 8.95
C GLN D 62 -16.67 36.48 10.13
N GLU D 63 -17.26 37.04 11.19
CA GLU D 63 -17.62 36.23 12.35
C GLU D 63 -18.77 35.28 12.02
N PHE D 64 -19.81 35.80 11.36
CA PHE D 64 -20.90 34.94 10.92
C PHE D 64 -20.38 33.79 10.06
N ALA D 65 -19.41 34.09 9.19
CA ALA D 65 -18.80 33.03 8.39
C ALA D 65 -18.04 32.05 9.28
N GLU D 66 -17.25 32.57 10.22
CA GLU D 66 -16.52 31.74 11.17
C GLU D 66 -17.48 30.84 11.93
N ALA D 67 -18.33 31.43 12.76
CA ALA D 67 -19.23 30.65 13.62
C ALA D 67 -19.94 29.56 12.83
N TRP D 68 -20.60 29.93 11.73
CA TRP D 68 -21.25 28.93 10.89
C TRP D 68 -20.23 27.99 10.26
N GLY D 69 -19.10 28.53 9.81
CA GLY D 69 -18.07 27.68 9.24
C GLY D 69 -17.58 26.63 10.21
N GLN D 70 -17.38 27.02 11.47
CA GLN D 70 -16.91 26.06 12.47
C GLN D 70 -17.90 24.92 12.65
N LYS D 71 -19.20 25.23 12.70
CA LYS D 71 -20.21 24.20 12.86
C LYS D 71 -20.41 23.37 11.60
N ALA D 72 -19.90 23.83 10.45
CA ALA D 72 -20.05 23.06 9.22
C ALA D 72 -19.20 21.80 9.25
N LYS D 73 -17.89 21.96 9.43
CA LYS D 73 -16.99 20.80 9.46
C LYS D 73 -17.05 20.05 10.78
N GLU D 74 -17.81 20.54 11.76
CA GLU D 74 -17.96 19.80 13.01
C GLU D 74 -18.80 18.55 12.83
N LEU D 75 -19.81 18.60 11.96
CA LEU D 75 -20.75 17.51 11.79
C LEU D 75 -20.65 16.80 10.45
N TYR D 76 -20.17 17.47 9.41
CA TYR D 76 -20.22 16.94 8.06
C TYR D 76 -18.86 16.73 7.41
N GLU D 77 -17.81 17.39 7.89
CA GLU D 77 -16.49 17.23 7.28
C GLU D 77 -16.10 15.77 7.12
N PRO D 78 -16.33 14.87 8.08
CA PRO D 78 -16.00 13.45 7.85
C PRO D 78 -16.59 12.86 6.57
N ILE D 79 -17.78 13.29 6.16
CA ILE D 79 -18.49 12.62 5.08
C ILE D 79 -19.30 13.59 4.23
N TRP D 80 -18.93 14.87 4.23
CA TRP D 80 -19.66 15.82 3.40
C TRP D 80 -19.39 15.59 1.92
N GLN D 81 -18.24 15.00 1.58
CA GLN D 81 -17.95 14.66 0.19
C GLN D 81 -18.77 13.47 -0.28
N GLN D 82 -19.26 12.65 0.65
CA GLN D 82 -20.13 11.53 0.31
C GLN D 82 -21.58 11.95 0.11
N PHE D 83 -21.90 13.23 0.33
CA PHE D 83 -23.25 13.71 0.06
C PHE D 83 -23.56 13.53 -1.42
N THR D 84 -24.76 12.98 -1.69
CA THR D 84 -25.14 12.66 -3.06
C THR D 84 -25.50 13.92 -3.84
N ASP D 85 -26.46 14.69 -3.32
CA ASP D 85 -26.93 15.90 -3.97
C ASP D 85 -25.75 16.81 -4.30
N PRO D 86 -25.51 17.13 -5.58
CA PRO D 86 -24.41 18.05 -5.90
C PRO D 86 -24.59 19.43 -5.30
N GLN D 87 -25.79 20.01 -5.42
CA GLN D 87 -26.06 21.33 -4.86
C GLN D 87 -26.14 21.32 -3.34
N LEU D 88 -25.90 20.18 -2.70
CA LEU D 88 -25.71 20.12 -1.25
C LEU D 88 -24.23 20.11 -0.87
N ARG D 89 -23.38 19.48 -1.69
CA ARG D 89 -21.95 19.52 -1.44
C ARG D 89 -21.39 20.92 -1.68
N ARG D 90 -21.53 21.43 -2.89
CA ARG D 90 -20.96 22.73 -3.22
C ARG D 90 -21.50 23.82 -2.30
N ILE D 91 -22.75 23.72 -1.87
CA ILE D 91 -23.27 24.64 -0.88
C ILE D 91 -22.53 24.48 0.44
N ILE D 92 -22.50 23.25 0.97
CA ILE D 92 -21.83 22.99 2.24
C ILE D 92 -20.34 23.26 2.13
N GLY D 93 -19.74 22.87 0.99
CA GLY D 93 -18.31 23.03 0.83
C GLY D 93 -17.86 24.47 1.00
N ALA D 94 -18.64 25.42 0.49
CA ALA D 94 -18.28 26.83 0.66
C ALA D 94 -18.35 27.25 2.12
N VAL D 95 -19.29 26.69 2.89
CA VAL D 95 -19.49 27.13 4.26
C VAL D 95 -18.36 26.63 5.15
N ARG D 96 -17.90 25.40 4.93
CA ARG D 96 -16.83 24.81 5.72
C ARG D 96 -15.44 25.25 5.25
N THR D 97 -15.35 26.07 4.20
CA THR D 97 -14.08 26.65 3.78
C THR D 97 -13.91 27.97 4.52
N LEU D 98 -12.96 28.01 5.46
CA LEU D 98 -12.88 29.10 6.43
C LEU D 98 -11.93 30.21 6.04
N GLY D 99 -10.96 29.95 5.16
CA GLY D 99 -10.07 31.01 4.73
C GLY D 99 -9.31 31.58 5.90
N SER D 100 -9.23 32.92 5.96
CA SER D 100 -8.41 33.59 6.96
C SER D 100 -8.83 33.24 8.38
N ALA D 101 -10.06 32.72 8.58
CA ALA D 101 -10.47 32.27 9.90
C ALA D 101 -9.68 31.06 10.37
N ASN D 102 -9.05 30.32 9.44
CA ASN D 102 -8.21 29.19 9.84
C ASN D 102 -6.97 29.65 10.59
N LEU D 103 -6.48 30.85 10.29
CA LEU D 103 -5.24 31.33 10.89
C LEU D 103 -5.44 31.59 12.38
N PRO D 104 -4.35 31.64 13.15
CA PRO D 104 -4.45 32.09 14.54
C PRO D 104 -4.88 33.54 14.62
N LEU D 105 -5.42 33.91 15.78
CA LEU D 105 -6.13 35.18 15.91
C LEU D 105 -5.29 36.36 15.43
N ALA D 106 -4.01 36.40 15.82
CA ALA D 106 -3.18 37.54 15.44
C ALA D 106 -2.82 37.52 13.95
N LYS D 107 -2.63 36.33 13.39
CA LYS D 107 -2.34 36.24 11.96
C LYS D 107 -3.55 36.65 11.13
N ARG D 108 -4.75 36.31 11.61
CA ARG D 108 -5.96 36.79 10.95
C ARG D 108 -5.96 38.31 10.87
N GLN D 109 -5.54 38.99 11.94
CA GLN D 109 -5.55 40.44 11.96
C GLN D 109 -4.53 41.02 10.98
N GLN D 110 -3.31 40.48 10.97
CA GLN D 110 -2.30 40.98 10.05
C GLN D 110 -2.69 40.70 8.60
N TYR D 111 -3.38 39.59 8.36
CA TYR D 111 -3.97 39.35 7.04
C TYR D 111 -4.85 40.52 6.64
N ASN D 112 -5.86 40.83 7.47
CA ASN D 112 -6.76 41.94 7.19
C ASN D 112 -6.00 43.25 7.09
N ALA D 113 -5.05 43.49 8.00
CA ALA D 113 -4.28 44.72 7.97
C ALA D 113 -3.48 44.85 6.67
N LEU D 114 -2.95 43.72 6.18
CA LEU D 114 -2.20 43.75 4.92
C LEU D 114 -3.11 44.11 3.75
N LEU D 115 -4.29 43.47 3.68
CA LEU D 115 -5.24 43.81 2.62
C LEU D 115 -5.55 45.29 2.61
N SER D 116 -5.74 45.87 3.80
CA SER D 116 -6.09 47.29 3.89
C SER D 116 -4.91 48.17 3.47
N GLN D 117 -3.71 47.84 3.94
CA GLN D 117 -2.54 48.66 3.63
C GLN D 117 -2.23 48.64 2.14
N MET D 118 -2.16 47.45 1.55
CA MET D 118 -1.86 47.34 0.12
C MET D 118 -2.83 48.18 -0.70
N SER D 119 -4.12 48.14 -0.36
CA SER D 119 -5.10 48.96 -1.09
C SER D 119 -4.81 50.45 -0.90
N ARG D 120 -4.57 50.87 0.35
CA ARG D 120 -4.33 52.28 0.61
C ARG D 120 -3.05 52.76 -0.06
N ILE D 121 -2.06 51.89 -0.19
CA ILE D 121 -0.84 52.26 -0.90
C ILE D 121 -1.13 52.52 -2.37
N TYR D 122 -1.85 51.58 -3.02
CA TYR D 122 -2.13 51.71 -4.43
C TYR D 122 -3.01 52.92 -4.72
N SER D 123 -4.02 53.16 -3.90
CA SER D 123 -4.93 54.27 -4.14
C SER D 123 -4.29 55.63 -3.87
N THR D 124 -3.17 55.66 -3.14
CA THR D 124 -2.56 56.90 -2.71
C THR D 124 -1.26 57.25 -3.43
N ALA D 125 -0.65 56.29 -4.13
CA ALA D 125 0.61 56.55 -4.82
C ALA D 125 0.50 57.80 -5.68
N LYS D 126 1.59 58.57 -5.74
CA LYS D 126 1.65 59.80 -6.51
C LYS D 126 3.01 59.88 -7.19
N VAL D 127 3.01 60.38 -8.42
CA VAL D 127 4.24 60.60 -9.17
C VAL D 127 4.52 62.10 -9.12
N CYS D 128 5.46 62.49 -8.28
CA CYS D 128 5.80 63.90 -8.10
C CYS D 128 6.88 64.31 -9.09
N LEU D 129 7.05 65.62 -9.22
CA LEU D 129 7.93 66.22 -10.22
C LEU D 129 9.05 66.99 -9.55
N PRO D 130 10.14 67.31 -10.29
CA PRO D 130 11.21 68.14 -9.74
C PRO D 130 10.72 69.52 -9.30
N THR D 135 4.12 69.96 -6.81
CA THR D 135 2.91 69.34 -7.34
C THR D 135 3.16 67.87 -7.71
N CYS D 136 2.12 67.06 -7.56
CA CYS D 136 2.20 65.63 -7.85
C CYS D 136 0.95 65.20 -8.60
N TRP D 137 1.10 64.19 -9.45
CA TRP D 137 0.00 63.62 -10.20
C TRP D 137 -0.50 62.34 -9.51
N SER D 138 -1.67 61.89 -9.96
CA SER D 138 -2.26 60.65 -9.47
C SER D 138 -2.69 59.81 -10.66
N LEU D 139 -2.81 58.50 -10.42
CA LEU D 139 -3.21 57.58 -11.47
C LEU D 139 -4.47 58.08 -12.18
N ASP D 140 -5.55 58.25 -11.41
CA ASP D 140 -6.78 58.81 -11.92
C ASP D 140 -6.85 60.28 -11.55
N PRO D 141 -6.97 61.22 -12.50
CA PRO D 141 -7.02 61.09 -13.96
C PRO D 141 -5.73 61.53 -14.65
N ASP D 142 -4.81 62.12 -13.90
CA ASP D 142 -3.61 62.72 -14.47
C ASP D 142 -2.81 61.70 -15.27
N LEU D 143 -2.27 60.68 -14.60
CA LEU D 143 -1.43 59.70 -15.30
C LEU D 143 -2.22 58.93 -16.34
N THR D 144 -3.46 58.56 -16.01
CA THR D 144 -4.31 57.87 -16.99
C THR D 144 -4.41 58.68 -18.28
N ASN D 145 -4.73 59.97 -18.16
CA ASN D 145 -4.86 60.80 -19.36
C ASN D 145 -3.53 60.95 -20.09
N ILE D 146 -2.43 61.06 -19.36
CA ILE D 146 -1.12 61.21 -19.99
C ILE D 146 -0.84 60.01 -20.90
N LEU D 147 -1.00 58.80 -20.37
CA LEU D 147 -0.79 57.60 -21.18
C LEU D 147 -1.68 57.60 -22.42
N ALA D 148 -2.96 57.95 -22.24
CA ALA D 148 -3.92 57.84 -23.34
C ALA D 148 -3.71 58.95 -24.37
N SER D 149 -3.59 60.20 -23.92
CA SER D 149 -3.59 61.34 -24.81
C SER D 149 -2.19 61.75 -25.26
N SER D 150 -1.25 61.85 -24.32
CA SER D 150 0.09 62.31 -24.67
C SER D 150 0.74 61.36 -25.68
N ARG D 151 1.54 61.96 -26.56
CA ARG D 151 2.25 61.19 -27.58
C ARG D 151 3.75 61.50 -27.58
N SER D 152 4.25 62.12 -26.51
CA SER D 152 5.68 62.37 -26.37
C SER D 152 6.31 61.15 -25.69
N TYR D 153 7.27 60.53 -26.38
CA TYR D 153 7.91 59.32 -25.86
C TYR D 153 8.46 59.55 -24.45
N ALA D 154 9.20 60.63 -24.26
CA ALA D 154 9.79 60.90 -22.95
C ALA D 154 8.73 61.18 -21.90
N MET D 155 7.63 61.83 -22.29
CA MET D 155 6.57 62.13 -21.34
C MET D 155 5.86 60.85 -20.90
N LEU D 156 5.50 60.00 -21.87
CA LEU D 156 4.90 58.71 -21.53
C LEU D 156 5.84 57.88 -20.66
N LEU D 157 7.13 57.89 -21.00
CA LEU D 157 8.11 57.14 -20.21
C LEU D 157 8.15 57.64 -18.78
N PHE D 158 8.01 58.95 -18.58
CA PHE D 158 8.00 59.49 -17.22
C PHE D 158 6.77 59.00 -16.45
N ALA D 159 5.59 59.12 -17.05
CA ALA D 159 4.37 58.67 -16.39
C ALA D 159 4.37 57.17 -16.17
N TRP D 160 4.97 56.40 -17.09
CA TRP D 160 5.01 54.95 -16.94
C TRP D 160 5.95 54.54 -15.82
N GLU D 161 7.24 54.85 -15.96
CA GLU D 161 8.20 54.50 -14.92
C GLU D 161 7.82 55.12 -13.59
N GLY D 162 7.32 56.36 -13.62
CA GLY D 162 6.91 57.00 -12.38
C GLY D 162 5.87 56.20 -11.63
N TRP D 163 4.80 55.79 -12.32
CA TRP D 163 3.72 55.08 -11.65
C TRP D 163 4.16 53.69 -11.18
N HIS D 164 4.90 52.96 -12.02
CA HIS D 164 5.34 51.62 -11.64
C HIS D 164 6.33 51.64 -10.49
N ASN D 165 7.04 52.76 -10.28
CA ASN D 165 7.91 52.87 -9.11
C ASN D 165 7.11 53.28 -7.87
N ALA D 166 6.27 54.31 -8.00
CA ALA D 166 5.57 54.86 -6.85
C ALA D 166 4.69 53.83 -6.17
N ALA D 167 4.19 52.84 -6.92
CA ALA D 167 3.27 51.86 -6.40
C ALA D 167 3.90 50.49 -6.17
N GLY D 168 4.68 50.01 -7.14
CA GLY D 168 5.19 48.65 -7.05
C GLY D 168 6.10 48.44 -5.84
N ILE D 169 7.11 49.29 -5.70
CA ILE D 169 8.16 49.09 -4.70
C ILE D 169 7.57 48.99 -3.29
N PRO D 170 6.86 50.01 -2.80
CA PRO D 170 6.35 49.92 -1.43
C PRO D 170 5.47 48.70 -1.17
N LEU D 171 4.87 48.13 -2.22
CA LEU D 171 3.94 47.02 -2.04
C LEU D 171 4.64 45.68 -1.84
N LYS D 172 5.82 45.49 -2.43
CA LYS D 172 6.42 44.16 -2.49
C LYS D 172 6.51 43.49 -1.11
N PRO D 173 7.07 44.14 -0.08
CA PRO D 173 7.10 43.46 1.23
C PRO D 173 5.73 43.04 1.72
N LEU D 174 4.72 43.90 1.58
CA LEU D 174 3.38 43.55 2.04
C LEU D 174 2.79 42.40 1.24
N TYR D 175 3.13 42.29 -0.05
CA TYR D 175 2.58 41.19 -0.83
C TYR D 175 3.19 39.86 -0.41
N GLU D 176 4.46 39.85 -0.01
N GLU D 176 4.46 39.84 -0.02
CA GLU D 176 5.09 38.61 0.44
CA GLU D 176 5.08 38.59 0.44
C GLU D 176 4.39 38.06 1.67
C GLU D 176 4.36 38.06 1.67
N ASP D 177 4.08 38.92 2.64
CA ASP D 177 3.38 38.48 3.84
C ASP D 177 1.97 38.00 3.51
N PHE D 178 1.24 38.76 2.69
CA PHE D 178 -0.10 38.35 2.30
C PHE D 178 -0.10 36.96 1.69
N THR D 179 0.79 36.73 0.72
CA THR D 179 0.88 35.41 0.08
C THR D 179 1.04 34.31 1.12
N ALA D 180 1.99 34.49 2.05
CA ALA D 180 2.28 33.45 3.03
C ALA D 180 1.10 33.22 3.96
N LEU D 181 0.40 34.29 4.35
CA LEU D 181 -0.75 34.13 5.24
C LEU D 181 -1.92 33.51 4.50
N SER D 182 -2.19 33.96 3.28
CA SER D 182 -3.31 33.41 2.52
C SER D 182 -3.18 31.91 2.33
N ASN D 183 -1.97 31.45 1.97
CA ASN D 183 -1.76 30.02 1.75
C ASN D 183 -2.00 29.23 3.03
N GLU D 184 -1.39 29.66 4.14
N GLU D 184 -1.38 29.65 4.14
CA GLU D 184 -1.62 28.98 5.41
CA GLU D 184 -1.61 29.01 5.42
C GLU D 184 -3.10 28.94 5.76
C GLU D 184 -3.10 28.92 5.72
N ALA D 185 -3.85 29.99 5.39
CA ALA D 185 -5.28 30.01 5.69
C ALA D 185 -6.02 28.92 4.93
N TYR D 186 -5.76 28.80 3.62
CA TYR D 186 -6.48 27.86 2.79
C TYR D 186 -5.86 26.47 2.76
N LYS D 187 -4.62 26.31 3.26
CA LYS D 187 -4.04 24.98 3.38
C LYS D 187 -4.84 24.15 4.37
N GLN D 188 -5.30 24.75 5.46
CA GLN D 188 -6.17 24.05 6.40
C GLN D 188 -7.47 23.61 5.71
N ASP D 189 -7.97 24.43 4.79
CA ASP D 189 -9.20 24.10 4.07
C ASP D 189 -9.01 22.98 3.05
N GLY D 190 -7.78 22.46 2.89
CA GLY D 190 -7.53 21.33 2.03
C GLY D 190 -6.98 21.67 0.65
N PHE D 191 -6.70 22.95 0.38
CA PHE D 191 -6.18 23.36 -0.91
C PHE D 191 -4.66 23.48 -0.86
N THR D 192 -4.00 22.98 -1.91
CA THR D 192 -2.54 23.05 -1.97
C THR D 192 -2.03 24.48 -1.79
N ASP D 193 -2.70 25.45 -2.40
CA ASP D 193 -2.34 26.85 -2.26
C ASP D 193 -3.55 27.69 -2.61
N THR D 194 -3.44 28.99 -2.33
CA THR D 194 -4.56 29.89 -2.60
C THR D 194 -4.96 29.83 -4.08
N GLY D 195 -3.98 29.76 -4.97
CA GLY D 195 -4.29 29.65 -6.39
C GLY D 195 -5.18 28.47 -6.70
N ALA D 196 -4.95 27.35 -6.03
CA ALA D 196 -5.79 26.17 -6.25
C ALA D 196 -7.22 26.41 -5.77
N TYR D 197 -7.40 27.23 -4.74
CA TYR D 197 -8.74 27.56 -4.28
C TYR D 197 -9.45 28.49 -5.27
N TRP D 198 -8.71 29.44 -5.83
CA TRP D 198 -9.29 30.31 -6.86
C TRP D 198 -9.73 29.51 -8.07
N ARG D 199 -8.93 28.52 -8.48
CA ARG D 199 -9.25 27.74 -9.66
C ARG D 199 -10.37 26.74 -9.42
N SER D 200 -10.55 26.31 -8.16
CA SER D 200 -11.61 25.37 -7.83
C SER D 200 -13.00 25.91 -8.14
N TRP D 201 -13.13 27.22 -8.41
CA TRP D 201 -14.42 27.83 -8.68
C TRP D 201 -14.97 27.48 -10.05
N TYR D 202 -14.21 26.80 -10.90
CA TYR D 202 -14.65 26.46 -12.25
C TYR D 202 -14.93 24.97 -12.43
N ASN D 203 -14.65 24.13 -11.43
CA ASN D 203 -14.90 22.70 -11.50
C ASN D 203 -14.45 22.13 -12.85
N SER D 204 -13.16 22.28 -13.12
CA SER D 204 -12.57 21.84 -14.39
C SER D 204 -11.18 21.25 -14.12
N PRO D 205 -11.06 19.92 -14.08
CA PRO D 205 -9.73 19.33 -13.86
C PRO D 205 -8.70 19.78 -14.88
N THR D 206 -9.11 20.17 -16.08
CA THR D 206 -8.21 20.62 -17.13
C THR D 206 -8.34 22.13 -17.37
N PHE D 207 -8.68 22.88 -16.33
CA PHE D 207 -8.93 24.32 -16.49
C PHE D 207 -7.72 25.02 -17.09
N GLU D 208 -6.53 24.74 -16.56
CA GLU D 208 -5.33 25.41 -17.06
C GLU D 208 -4.97 24.95 -18.47
N ASP D 209 -5.09 23.65 -18.73
CA ASP D 209 -4.79 23.14 -20.07
C ASP D 209 -5.76 23.68 -21.10
N ASP D 210 -7.02 23.88 -20.71
CA ASP D 210 -8.01 24.42 -21.65
C ASP D 210 -7.74 25.89 -21.96
N LEU D 211 -7.35 26.67 -20.94
CA LEU D 211 -7.06 28.07 -21.17
C LEU D 211 -5.89 28.24 -22.12
N GLU D 212 -4.84 27.43 -21.97
CA GLU D 212 -3.71 27.49 -22.89
C GLU D 212 -4.14 27.17 -24.31
N HIS D 213 -5.11 26.26 -24.46
CA HIS D 213 -5.61 25.92 -25.80
C HIS D 213 -6.48 27.03 -26.35
N LEU D 214 -7.31 27.65 -25.50
CA LEU D 214 -8.08 28.81 -25.94
C LEU D 214 -7.17 29.89 -26.51
N TYR D 215 -6.03 30.14 -25.86
CA TYR D 215 -5.16 31.23 -26.31
C TYR D 215 -4.37 30.83 -27.56
N GLN D 216 -4.09 29.54 -27.75
CA GLN D 216 -3.39 29.12 -28.96
C GLN D 216 -4.24 29.39 -30.20
N GLN D 217 -5.56 29.36 -30.06
CA GLN D 217 -6.45 29.70 -31.16
C GLN D 217 -6.67 31.20 -31.30
N LEU D 218 -6.44 31.96 -30.23
CA LEU D 218 -6.58 33.41 -30.26
C LEU D 218 -5.29 34.12 -30.62
N GLU D 219 -4.15 33.51 -30.33
CA GLU D 219 -2.86 34.19 -30.49
C GLU D 219 -2.66 34.72 -31.90
N PRO D 220 -2.91 33.95 -32.97
CA PRO D 220 -2.61 34.46 -34.32
C PRO D 220 -3.31 35.77 -34.62
N LEU D 221 -4.49 36.00 -34.06
CA LEU D 221 -5.16 37.29 -34.25
C LEU D 221 -4.44 38.39 -33.49
N TYR D 222 -3.97 38.11 -32.28
CA TYR D 222 -3.21 39.10 -31.53
C TYR D 222 -1.89 39.40 -32.21
N LEU D 223 -1.21 38.37 -32.74
CA LEU D 223 0.05 38.60 -33.42
C LEU D 223 -0.11 39.51 -34.62
N ASN D 224 -1.20 39.33 -35.39
CA ASN D 224 -1.43 40.18 -36.55
C ASN D 224 -1.85 41.58 -36.14
N LEU D 225 -2.67 41.69 -35.09
CA LEU D 225 -2.97 43.00 -34.52
C LEU D 225 -1.74 43.62 -33.88
N HIS D 226 -0.84 42.79 -33.35
CA HIS D 226 0.39 43.29 -32.75
C HIS D 226 1.35 43.82 -33.81
N ALA D 227 1.54 43.05 -34.88
CA ALA D 227 2.46 43.48 -35.94
C ALA D 227 1.96 44.74 -36.63
N PHE D 228 0.64 44.84 -36.83
CA PHE D 228 0.07 46.01 -37.49
C PHE D 228 0.29 47.26 -36.65
N VAL D 229 -0.07 47.21 -35.36
CA VAL D 229 0.10 48.37 -34.50
C VAL D 229 1.57 48.67 -34.26
N ARG D 230 2.42 47.63 -34.26
CA ARG D 230 3.86 47.86 -34.11
C ARG D 230 4.40 48.70 -35.26
N ARG D 231 3.99 48.40 -36.49
CA ARG D 231 4.43 49.19 -37.64
C ARG D 231 3.98 50.65 -37.52
N ALA D 232 2.81 50.89 -36.91
CA ALA D 232 2.34 52.25 -36.75
C ALA D 232 3.20 53.02 -35.75
N LEU D 233 3.62 52.36 -34.66
CA LEU D 233 4.50 53.01 -33.69
C LEU D 233 5.88 53.23 -34.28
N HIS D 234 6.31 52.37 -35.21
CA HIS D 234 7.61 52.57 -35.85
C HIS D 234 7.66 53.90 -36.59
N ARG D 235 6.57 54.24 -37.30
CA ARG D 235 6.51 55.52 -37.99
C ARG D 235 6.46 56.67 -36.99
N ARG D 236 5.73 56.49 -35.89
CA ARG D 236 5.49 57.60 -34.96
C ARG D 236 6.72 57.94 -34.14
N TYR D 237 7.53 56.95 -33.79
CA TYR D 237 8.64 57.15 -32.86
C TYR D 237 10.01 56.80 -33.43
N GLY D 238 10.07 56.15 -34.58
CA GLY D 238 11.34 55.88 -35.24
C GLY D 238 11.88 54.50 -34.95
N ASP D 239 12.91 54.13 -35.73
CA ASP D 239 13.53 52.83 -35.57
C ASP D 239 14.36 52.73 -34.29
N ARG D 240 14.75 53.87 -33.71
CA ARG D 240 15.51 53.84 -32.46
C ARG D 240 14.70 53.18 -31.35
N TYR D 241 13.50 53.71 -31.10
CA TYR D 241 12.67 53.26 -29.98
C TYR D 241 11.70 52.14 -30.35
N ILE D 242 11.72 51.67 -31.60
CA ILE D 242 10.83 50.62 -32.06
C ILE D 242 11.63 49.59 -32.83
N ASN D 243 11.48 48.32 -32.46
CA ASN D 243 12.11 47.20 -33.13
C ASN D 243 11.02 46.38 -33.81
N LEU D 244 11.05 46.36 -35.14
CA LEU D 244 10.00 45.69 -35.91
C LEU D 244 10.05 44.17 -35.79
N ARG D 245 11.08 43.62 -35.13
CA ARG D 245 11.14 42.19 -34.86
C ARG D 245 11.19 41.89 -33.37
N GLY D 246 11.04 42.91 -32.52
CA GLY D 246 11.05 42.72 -31.08
C GLY D 246 9.77 43.23 -30.44
N PRO D 247 9.71 43.17 -29.11
CA PRO D 247 8.51 43.61 -28.40
C PRO D 247 8.22 45.09 -28.63
N ILE D 248 7.07 45.52 -28.13
CA ILE D 248 6.67 46.92 -28.18
C ILE D 248 6.94 47.56 -26.82
N PRO D 249 7.49 48.77 -26.76
CA PRO D 249 7.64 49.43 -25.46
C PRO D 249 6.28 49.62 -24.80
N ALA D 250 6.15 49.12 -23.58
CA ALA D 250 4.87 49.01 -22.90
C ALA D 250 4.31 50.33 -22.40
N HIS D 251 4.78 51.47 -22.94
CA HIS D 251 4.26 52.78 -22.56
C HIS D 251 3.71 53.53 -23.76
N LEU D 252 3.50 52.86 -24.90
CA LEU D 252 3.15 53.51 -26.15
C LEU D 252 1.78 53.08 -26.68
N LEU D 253 0.91 52.54 -25.82
CA LEU D 253 -0.34 51.95 -26.29
C LEU D 253 -1.56 52.58 -25.62
N GLY D 254 -1.44 53.82 -25.13
CA GLY D 254 -2.58 54.54 -24.58
C GLY D 254 -3.03 54.10 -23.21
N ASP D 255 -2.54 52.97 -22.70
CA ASP D 255 -2.97 52.43 -21.43
C ASP D 255 -1.75 52.10 -20.58
N MET D 256 -1.80 52.49 -19.30
CA MET D 256 -0.68 52.26 -18.38
C MET D 256 -0.23 50.81 -18.40
N TRP D 257 -1.16 49.88 -18.63
CA TRP D 257 -0.85 48.45 -18.62
C TRP D 257 -0.94 47.84 -20.01
N ALA D 258 -1.12 48.66 -21.06
CA ALA D 258 -1.22 48.16 -22.42
C ALA D 258 -2.29 47.08 -22.55
N GLN D 259 -3.33 47.16 -21.71
CA GLN D 259 -4.41 46.19 -21.76
C GLN D 259 -5.53 46.58 -22.72
N THR D 260 -5.59 47.87 -23.11
CA THR D 260 -6.56 48.32 -24.11
C THR D 260 -5.86 49.36 -24.98
N TRP D 261 -5.62 49.00 -26.23
CA TRP D 261 -4.95 49.88 -27.18
C TRP D 261 -5.89 50.91 -27.80
N SER D 262 -7.14 50.96 -27.34
CA SER D 262 -8.17 51.74 -28.02
C SER D 262 -7.84 53.23 -28.11
N ASN D 263 -6.97 53.74 -27.24
CA ASN D 263 -6.69 55.18 -27.24
C ASN D 263 -5.75 55.61 -28.36
N ILE D 264 -5.15 54.66 -29.09
CA ILE D 264 -4.32 54.98 -30.23
C ILE D 264 -5.09 54.81 -31.55
N TYR D 265 -6.43 54.75 -31.48
CA TYR D 265 -7.22 54.49 -32.68
C TYR D 265 -7.05 55.58 -33.71
N ASP D 266 -7.13 56.85 -33.28
CA ASP D 266 -7.00 57.97 -34.20
C ASP D 266 -5.83 57.81 -35.15
N MET D 267 -4.75 57.15 -34.71
CA MET D 267 -3.61 56.90 -35.58
C MET D 267 -3.90 55.76 -36.57
N VAL D 268 -4.33 54.61 -36.05
CA VAL D 268 -4.39 53.39 -36.84
C VAL D 268 -5.81 53.15 -37.35
N VAL D 269 -6.46 54.19 -37.83
CA VAL D 269 -7.79 54.03 -38.43
C VAL D 269 -7.61 53.47 -39.83
N PRO D 270 -8.03 52.23 -40.10
CA PRO D 270 -7.81 51.65 -41.44
C PRO D 270 -8.21 52.58 -42.58
N PHE D 271 -9.35 53.25 -42.47
CA PHE D 271 -9.87 54.12 -43.52
C PHE D 271 -10.27 55.45 -42.89
N PRO D 272 -9.34 56.41 -42.81
CA PRO D 272 -9.64 57.66 -42.11
C PRO D 272 -10.69 58.52 -42.81
N ASP D 273 -10.77 58.47 -44.14
CA ASP D 273 -11.68 59.33 -44.88
C ASP D 273 -13.15 58.90 -44.76
N LYS D 274 -13.46 57.89 -43.95
CA LYS D 274 -14.85 57.56 -43.65
C LYS D 274 -15.22 58.11 -42.28
N PRO D 275 -16.41 58.71 -42.13
CA PRO D 275 -16.75 59.36 -40.86
C PRO D 275 -16.67 58.39 -39.70
N ASN D 276 -16.11 58.87 -38.59
CA ASN D 276 -16.05 58.05 -37.38
C ASN D 276 -17.44 57.89 -36.78
N LEU D 277 -17.72 56.69 -36.29
CA LEU D 277 -19.02 56.39 -35.68
C LEU D 277 -19.03 56.98 -34.28
N ASP D 278 -19.60 58.19 -34.15
CA ASP D 278 -19.71 58.84 -32.85
C ASP D 278 -21.01 59.64 -32.85
N VAL D 279 -21.97 59.21 -32.03
CA VAL D 279 -23.27 59.87 -31.94
C VAL D 279 -23.37 60.77 -30.71
N THR D 280 -22.27 60.97 -29.99
CA THR D 280 -22.29 61.83 -28.82
C THR D 280 -22.84 63.21 -29.16
N SER D 281 -22.47 63.73 -30.34
CA SER D 281 -23.02 65.01 -30.80
C SER D 281 -24.53 64.91 -30.93
N THR D 282 -25.01 63.96 -31.75
CA THR D 282 -26.44 63.81 -31.96
C THR D 282 -27.18 63.65 -30.63
N MET D 283 -26.60 62.88 -29.70
CA MET D 283 -27.25 62.70 -28.39
C MET D 283 -27.48 64.04 -27.71
N LEU D 284 -26.53 64.96 -27.80
CA LEU D 284 -26.67 66.25 -27.15
C LEU D 284 -27.70 67.13 -27.86
N GLN D 285 -27.72 67.08 -29.20
CA GLN D 285 -28.69 67.89 -29.94
C GLN D 285 -30.12 67.56 -29.51
N GLN D 286 -30.39 66.29 -29.23
CA GLN D 286 -31.73 65.83 -28.88
C GLN D 286 -32.04 65.97 -27.39
N GLY D 287 -31.11 66.53 -26.61
CA GLY D 287 -31.38 66.81 -25.21
C GLY D 287 -31.21 65.65 -24.27
N TRP D 288 -30.53 64.59 -24.69
CA TRP D 288 -30.35 63.42 -23.83
C TRP D 288 -29.70 63.82 -22.51
N GLN D 289 -30.16 63.17 -21.43
CA GLN D 289 -29.58 63.35 -20.11
C GLN D 289 -29.42 61.98 -19.47
N ALA D 290 -28.87 61.98 -18.25
CA ALA D 290 -28.60 60.71 -17.57
C ALA D 290 -29.86 59.87 -17.45
N THR D 291 -30.96 60.47 -17.00
CA THR D 291 -32.18 59.71 -16.78
C THR D 291 -32.68 59.07 -18.07
N HIS D 292 -32.61 59.79 -19.18
CA HIS D 292 -33.10 59.24 -20.44
C HIS D 292 -32.26 58.06 -20.89
N MET D 293 -30.93 58.16 -20.73
CA MET D 293 -30.05 57.08 -21.15
C MET D 293 -30.39 55.77 -20.45
N PHE D 294 -30.88 55.85 -19.21
CA PHE D 294 -31.25 54.63 -18.48
C PHE D 294 -32.61 54.10 -18.91
N ARG D 295 -33.55 55.00 -19.24
CA ARG D 295 -34.83 54.55 -19.78
C ARG D 295 -34.64 53.86 -21.13
N VAL D 296 -33.81 54.44 -22.00
CA VAL D 296 -33.50 53.82 -23.28
C VAL D 296 -32.92 52.43 -23.07
N ALA D 297 -31.99 52.30 -22.11
CA ALA D 297 -31.42 51.00 -21.79
C ALA D 297 -32.50 50.05 -21.27
N GLU D 298 -33.38 50.55 -20.39
CA GLU D 298 -34.50 49.74 -19.93
C GLU D 298 -35.34 49.26 -21.10
N GLU D 299 -35.63 50.16 -22.05
CA GLU D 299 -36.44 49.78 -23.20
C GLU D 299 -35.74 48.72 -24.04
N PHE D 300 -34.42 48.58 -23.93
CA PHE D 300 -33.73 47.49 -24.61
C PHE D 300 -34.09 46.15 -24.01
N PHE D 301 -34.11 46.05 -22.68
CA PHE D 301 -34.42 44.78 -22.03
C PHE D 301 -35.89 44.41 -22.21
N THR D 302 -36.79 45.40 -22.09
CA THR D 302 -38.21 45.11 -22.25
C THR D 302 -38.53 44.67 -23.67
N SER D 303 -37.83 45.23 -24.67
CA SER D 303 -37.98 44.77 -26.04
C SER D 303 -37.61 43.30 -26.19
N LEU D 304 -36.79 42.77 -25.28
CA LEU D 304 -36.48 41.35 -25.24
C LEU D 304 -37.45 40.57 -24.37
N GLU D 305 -38.51 41.21 -23.90
CA GLU D 305 -39.44 40.61 -22.92
C GLU D 305 -38.72 40.21 -21.65
N LEU D 306 -37.69 40.96 -21.27
CA LEU D 306 -37.04 40.82 -19.98
C LEU D 306 -37.61 41.85 -19.01
N SER D 307 -37.26 41.69 -17.73
CA SER D 307 -37.84 42.51 -16.69
C SER D 307 -37.37 43.97 -16.82
N PRO D 308 -38.23 44.92 -16.49
CA PRO D 308 -37.80 46.32 -16.39
C PRO D 308 -37.21 46.62 -15.02
N MET D 309 -36.69 47.84 -14.89
CA MET D 309 -36.07 48.25 -13.63
C MET D 309 -37.15 48.56 -12.61
N PRO D 310 -37.20 47.86 -11.48
CA PRO D 310 -38.29 48.07 -10.51
C PRO D 310 -38.24 49.48 -9.94
N PRO D 311 -39.26 49.90 -9.19
CA PRO D 311 -39.20 51.23 -8.58
C PRO D 311 -38.03 51.41 -7.62
N GLU D 312 -37.73 50.39 -6.82
CA GLU D 312 -36.61 50.47 -5.89
C GLU D 312 -35.34 50.93 -6.61
N PHE D 313 -35.16 50.47 -7.85
CA PHE D 313 -34.00 50.89 -8.64
C PHE D 313 -34.00 52.40 -8.85
N TRP D 314 -35.09 52.93 -9.39
CA TRP D 314 -35.15 54.35 -9.70
C TRP D 314 -35.12 55.21 -8.43
N GLU D 315 -35.58 54.66 -7.30
CA GLU D 315 -35.65 55.43 -6.08
C GLU D 315 -34.29 55.55 -5.40
N GLY D 316 -33.48 54.49 -5.44
CA GLY D 316 -32.24 54.47 -4.70
C GLY D 316 -30.97 54.63 -5.52
N SER D 317 -31.05 54.38 -6.82
CA SER D 317 -29.87 54.40 -7.66
C SER D 317 -29.28 55.80 -7.73
N MET D 318 -27.96 55.86 -7.99
CA MET D 318 -27.24 57.11 -8.19
C MET D 318 -26.85 57.15 -9.67
N LEU D 319 -27.62 57.89 -10.45
CA LEU D 319 -27.41 57.97 -11.90
C LEU D 319 -26.71 59.25 -12.33
N GLU D 320 -26.38 60.13 -11.38
CA GLU D 320 -25.71 61.38 -11.69
C GLU D 320 -24.76 61.73 -10.55
N LYS D 321 -23.74 62.50 -10.87
CA LYS D 321 -22.84 63.00 -9.84
C LYS D 321 -23.59 63.97 -8.95
N PRO D 322 -23.83 63.66 -7.67
CA PRO D 322 -24.69 64.53 -6.86
C PRO D 322 -24.21 65.96 -6.83
N ALA D 323 -25.16 66.89 -6.77
CA ALA D 323 -24.88 68.32 -6.79
C ALA D 323 -24.87 68.93 -5.41
N ASP D 324 -24.34 68.20 -4.43
CA ASP D 324 -24.23 68.69 -3.05
C ASP D 324 -22.78 68.64 -2.57
N GLY D 325 -21.83 68.72 -3.49
CA GLY D 325 -20.42 68.65 -3.14
C GLY D 325 -20.02 67.37 -2.45
N ARG D 326 -20.84 66.32 -2.56
CA ARG D 326 -20.62 65.08 -1.83
C ARG D 326 -19.64 64.21 -2.60
N GLU D 327 -18.52 63.88 -1.97
CA GLU D 327 -17.54 62.99 -2.58
C GLU D 327 -18.13 61.60 -2.75
N VAL D 328 -17.90 60.99 -3.91
CA VAL D 328 -18.48 59.70 -4.25
C VAL D 328 -17.55 59.00 -5.24
N VAL D 329 -17.86 57.73 -5.51
CA VAL D 329 -17.13 56.93 -6.49
C VAL D 329 -17.84 57.06 -7.83
N CYS D 330 -17.11 57.53 -8.84
CA CYS D 330 -17.71 57.75 -10.16
C CYS D 330 -17.57 56.55 -11.09
N HIS D 331 -16.79 55.55 -10.74
CA HIS D 331 -16.73 54.34 -11.55
C HIS D 331 -18.10 53.66 -11.57
N ALA D 332 -18.50 53.18 -12.74
CA ALA D 332 -19.81 52.57 -12.92
C ALA D 332 -19.82 51.17 -12.33
N SER D 333 -20.83 50.87 -11.51
CA SER D 333 -20.97 49.57 -10.88
C SER D 333 -22.43 49.32 -10.57
N ALA D 334 -22.81 48.04 -10.52
CA ALA D 334 -24.18 47.62 -10.27
C ALA D 334 -24.24 46.83 -8.97
N TRP D 335 -25.33 47.00 -8.23
CA TRP D 335 -25.41 46.53 -6.85
C TRP D 335 -26.63 45.64 -6.65
N ASP D 336 -26.42 44.51 -5.99
CA ASP D 336 -27.49 43.62 -5.54
C ASP D 336 -27.40 43.51 -4.03
N PHE D 337 -28.50 43.82 -3.34
CA PHE D 337 -28.51 43.90 -1.88
C PHE D 337 -28.98 42.61 -1.23
N TYR D 338 -29.09 41.52 -1.98
CA TYR D 338 -29.40 40.21 -1.41
C TYR D 338 -30.62 40.25 -0.51
N ASN D 339 -31.59 41.09 -0.84
CA ASN D 339 -32.88 41.13 -0.17
C ASN D 339 -34.04 40.86 -1.12
N ARG D 340 -33.76 40.55 -2.38
CA ARG D 340 -34.79 40.28 -3.38
C ARG D 340 -35.67 41.48 -3.65
N LYS D 341 -35.20 42.68 -3.30
CA LYS D 341 -36.02 43.89 -3.42
C LYS D 341 -35.23 45.02 -4.06
N ASP D 342 -34.13 45.43 -3.44
CA ASP D 342 -33.38 46.60 -3.87
C ASP D 342 -32.27 46.21 -4.82
N PHE D 343 -32.22 46.89 -5.97
CA PHE D 343 -31.18 46.71 -6.98
C PHE D 343 -30.87 48.06 -7.58
N ARG D 344 -29.63 48.52 -7.44
CA ARG D 344 -29.29 49.90 -7.79
C ARG D 344 -28.01 49.94 -8.62
N ILE D 345 -27.81 51.07 -9.28
CA ILE D 345 -26.61 51.34 -10.07
C ILE D 345 -26.00 52.63 -9.58
N LYS D 346 -24.67 52.68 -9.54
CA LYS D 346 -23.92 53.87 -9.17
C LYS D 346 -23.04 54.27 -10.34
N GLN D 347 -23.18 55.52 -10.78
CA GLN D 347 -22.43 55.99 -11.94
C GLN D 347 -22.57 57.49 -12.14
N CYS D 348 -21.44 58.19 -12.31
CA CYS D 348 -21.44 59.61 -12.68
C CYS D 348 -21.65 59.68 -14.18
N THR D 349 -22.90 59.51 -14.59
CA THR D 349 -23.22 59.34 -16.01
C THR D 349 -22.99 60.64 -16.77
N ARG D 350 -22.33 60.52 -17.92
CA ARG D 350 -22.10 61.64 -18.84
C ARG D 350 -22.73 61.30 -20.19
N VAL D 351 -23.34 62.30 -20.81
CA VAL D 351 -24.07 62.10 -22.06
C VAL D 351 -23.10 61.91 -23.20
N THR D 352 -22.66 60.67 -23.41
CA THR D 352 -21.75 60.34 -24.51
C THR D 352 -22.13 58.98 -25.09
N MET D 353 -21.66 58.74 -26.31
CA MET D 353 -21.91 57.45 -26.95
C MET D 353 -21.39 56.30 -26.11
N GLU D 354 -20.10 56.35 -25.75
CA GLU D 354 -19.49 55.26 -25.00
C GLU D 354 -20.08 55.15 -23.59
N GLN D 355 -20.62 56.24 -23.05
CA GLN D 355 -21.31 56.15 -21.77
C GLN D 355 -22.65 55.45 -21.91
N LEU D 356 -23.33 55.62 -23.04
CA LEU D 356 -24.61 54.95 -23.25
C LEU D 356 -24.47 53.44 -23.26
N VAL D 357 -23.42 52.94 -23.93
CA VAL D 357 -23.17 51.50 -23.92
C VAL D 357 -22.92 51.00 -22.50
N VAL D 358 -22.23 51.81 -21.69
CA VAL D 358 -21.96 51.42 -20.31
C VAL D 358 -23.27 51.19 -19.56
N VAL D 359 -24.26 52.07 -19.78
CA VAL D 359 -25.55 51.93 -19.12
C VAL D 359 -26.15 50.56 -19.43
N HIS D 360 -26.12 50.16 -20.71
CA HIS D 360 -26.60 48.83 -21.06
C HIS D 360 -25.76 47.74 -20.40
N HIS D 361 -24.44 47.93 -20.36
CA HIS D 361 -23.58 46.97 -19.69
C HIS D 361 -23.93 46.86 -18.21
N GLU D 362 -23.95 48.00 -17.51
CA GLU D 362 -24.22 47.96 -16.07
C GLU D 362 -25.64 47.49 -15.79
N MET D 363 -26.60 47.89 -16.62
CA MET D 363 -27.97 47.39 -16.44
C MET D 363 -28.04 45.89 -16.66
N GLY D 364 -27.23 45.36 -17.57
CA GLY D 364 -27.16 43.91 -17.74
C GLY D 364 -26.91 43.19 -16.44
N HIS D 365 -25.98 43.70 -15.62
CA HIS D 365 -25.78 43.15 -14.29
C HIS D 365 -27.08 43.17 -13.50
N ILE D 366 -27.79 44.30 -13.52
CA ILE D 366 -29.06 44.40 -12.81
C ILE D 366 -30.01 43.31 -13.32
N GLN D 367 -30.16 43.21 -14.63
CA GLN D 367 -31.02 42.18 -15.21
C GLN D 367 -30.66 40.80 -14.66
N TYR D 368 -29.36 40.48 -14.64
CA TYR D 368 -28.91 39.21 -14.08
C TYR D 368 -29.37 39.07 -12.64
N PHE D 369 -29.32 40.17 -11.87
CA PHE D 369 -29.74 40.12 -10.48
C PHE D 369 -31.23 39.78 -10.37
N LEU D 370 -32.06 40.50 -11.12
CA LEU D 370 -33.52 40.32 -11.00
C LEU D 370 -33.93 38.91 -11.36
N GLN D 371 -33.18 38.24 -12.23
CA GLN D 371 -33.63 36.94 -12.74
C GLN D 371 -33.36 35.80 -11.76
N TYR D 372 -32.38 35.94 -10.86
CA TYR D 372 -32.12 34.88 -9.88
C TYR D 372 -32.38 35.35 -8.45
N LYS D 373 -33.20 36.39 -8.26
CA LYS D 373 -33.44 36.89 -6.91
C LYS D 373 -34.19 35.87 -6.05
N ASP D 374 -35.07 35.08 -6.64
CA ASP D 374 -35.87 34.12 -5.89
C ASP D 374 -35.12 32.82 -5.59
N LEU D 375 -33.82 32.76 -5.89
CA LEU D 375 -33.03 31.60 -5.52
C LEU D 375 -32.45 31.76 -4.13
N PRO D 376 -31.97 30.68 -3.52
CA PRO D 376 -31.21 30.83 -2.26
C PRO D 376 -30.05 31.79 -2.47
N VAL D 377 -29.83 32.65 -1.47
CA VAL D 377 -28.80 33.68 -1.59
C VAL D 377 -27.47 33.10 -2.04
N SER D 378 -27.18 31.86 -1.64
CA SER D 378 -25.91 31.23 -2.00
C SER D 378 -25.76 31.05 -3.50
N LEU D 379 -26.86 31.06 -4.26
CA LEU D 379 -26.82 30.82 -5.70
C LEU D 379 -27.11 32.08 -6.51
N ARG D 380 -27.00 33.26 -5.89
CA ARG D 380 -27.20 34.52 -6.60
C ARG D 380 -25.90 35.07 -7.17
N GLU D 381 -25.10 34.20 -7.78
CA GLU D 381 -23.90 34.59 -8.51
C GLU D 381 -23.96 33.99 -9.90
N GLY D 382 -23.10 34.52 -10.79
CA GLY D 382 -23.02 33.98 -12.13
C GLY D 382 -22.63 32.51 -12.13
N ALA D 383 -22.86 31.86 -13.28
CA ALA D 383 -22.51 30.46 -13.41
C ALA D 383 -21.07 30.21 -13.00
N ASN D 384 -20.15 31.01 -13.53
CA ASN D 384 -18.78 31.10 -13.05
C ASN D 384 -18.42 32.57 -12.94
N PRO D 385 -17.33 32.90 -12.25
CA PRO D 385 -17.01 34.30 -11.97
C PRO D 385 -16.83 35.19 -13.19
N GLY D 386 -16.89 34.61 -14.39
CA GLY D 386 -16.77 35.40 -15.61
C GLY D 386 -18.09 35.67 -16.30
N PHE D 387 -19.15 34.96 -15.90
CA PHE D 387 -20.43 35.08 -16.59
C PHE D 387 -20.99 36.50 -16.52
N HIS D 388 -20.88 37.15 -15.36
CA HIS D 388 -21.53 38.44 -15.16
C HIS D 388 -21.01 39.48 -16.13
N GLU D 389 -19.70 39.52 -16.36
CA GLU D 389 -19.15 40.52 -17.28
C GLU D 389 -19.38 40.13 -18.73
N ALA D 390 -19.48 38.84 -19.03
CA ALA D 390 -19.86 38.42 -20.37
C ALA D 390 -21.30 38.79 -20.67
N ILE D 391 -22.17 38.76 -19.66
CA ILE D 391 -23.57 39.14 -19.86
C ILE D 391 -23.69 40.63 -20.16
N GLY D 392 -22.93 41.45 -19.44
CA GLY D 392 -22.96 42.89 -19.69
C GLY D 392 -22.28 43.29 -20.99
N ASP D 393 -21.35 42.48 -21.49
CA ASP D 393 -20.63 42.80 -22.71
C ASP D 393 -21.33 42.29 -23.95
N VAL D 394 -22.00 41.13 -23.87
CA VAL D 394 -22.77 40.65 -25.02
C VAL D 394 -23.86 41.65 -25.38
N LEU D 395 -24.51 42.24 -24.37
CA LEU D 395 -25.50 43.28 -24.62
C LEU D 395 -24.85 44.47 -25.33
N ALA D 396 -23.76 44.98 -24.77
CA ALA D 396 -23.07 46.11 -25.38
C ALA D 396 -22.68 45.81 -26.82
N LEU D 397 -22.31 44.56 -27.12
CA LEU D 397 -21.90 44.20 -28.47
C LEU D 397 -22.96 44.60 -29.49
N SER D 398 -24.24 44.51 -29.12
CA SER D 398 -25.34 44.88 -30.00
C SER D 398 -25.68 46.37 -29.89
N VAL D 399 -25.63 46.92 -28.68
CA VAL D 399 -25.95 48.33 -28.48
C VAL D 399 -24.94 49.23 -29.19
N SER D 400 -23.76 48.70 -29.51
CA SER D 400 -22.70 49.50 -30.13
C SER D 400 -22.82 49.55 -31.65
N THR D 401 -23.38 48.51 -32.26
CA THR D 401 -23.48 48.47 -33.70
C THR D 401 -24.23 49.70 -34.21
N PRO D 402 -23.80 50.30 -35.33
CA PRO D 402 -24.59 51.39 -35.91
C PRO D 402 -26.00 50.98 -36.25
N GLU D 403 -26.25 49.68 -36.40
CA GLU D 403 -27.61 49.19 -36.64
C GLU D 403 -28.52 49.55 -35.48
N HIS D 404 -28.07 49.32 -34.24
CA HIS D 404 -28.89 49.65 -33.09
C HIS D 404 -28.97 51.16 -32.90
N LEU D 405 -27.84 51.86 -33.03
CA LEU D 405 -27.84 53.30 -32.86
C LEU D 405 -28.78 53.96 -33.85
N HIS D 406 -28.87 53.41 -35.07
CA HIS D 406 -29.84 53.90 -36.04
C HIS D 406 -31.26 53.62 -35.58
N LYS D 407 -31.50 52.44 -35.01
CA LYS D 407 -32.85 52.08 -34.60
C LYS D 407 -33.36 52.94 -33.45
N ILE D 408 -32.46 53.41 -32.59
CA ILE D 408 -32.87 54.27 -31.47
C ILE D 408 -32.73 55.73 -31.84
N GLY D 409 -32.56 56.01 -33.14
CA GLY D 409 -32.64 57.37 -33.62
C GLY D 409 -31.48 58.26 -33.23
N LEU D 410 -30.25 57.72 -33.22
CA LEU D 410 -29.06 58.51 -32.99
C LEU D 410 -28.12 58.52 -34.20
N LEU D 411 -28.46 57.79 -35.25
CA LEU D 411 -27.69 57.76 -36.49
C LEU D 411 -28.65 57.67 -37.65
N ASP D 412 -28.52 58.58 -38.61
CA ASP D 412 -29.48 58.68 -39.71
C ASP D 412 -29.25 57.59 -40.75
N ARG D 413 -28.24 57.76 -41.60
CA ARG D 413 -27.95 56.81 -42.66
C ARG D 413 -26.90 55.80 -42.19
N VAL D 414 -27.17 54.52 -42.42
CA VAL D 414 -26.29 53.44 -42.02
C VAL D 414 -25.68 52.85 -43.29
N THR D 415 -24.49 53.32 -43.65
CA THR D 415 -23.82 52.82 -44.85
C THR D 415 -23.49 51.34 -44.70
N ASN D 416 -23.32 50.69 -45.86
CA ASN D 416 -23.01 49.26 -45.90
C ASN D 416 -21.61 48.97 -46.43
N ASP D 417 -20.81 50.00 -46.68
CA ASP D 417 -19.47 49.80 -47.21
C ASP D 417 -18.63 48.98 -46.24
N THR D 418 -17.88 48.03 -46.78
CA THR D 418 -17.00 47.20 -45.95
C THR D 418 -15.86 48.01 -45.32
N GLU D 419 -15.58 49.19 -45.85
CA GLU D 419 -14.55 50.03 -45.25
C GLU D 419 -14.97 50.50 -43.86
N SER D 420 -16.23 50.93 -43.70
CA SER D 420 -16.74 51.28 -42.39
C SER D 420 -16.87 50.07 -41.48
N ASP D 421 -16.98 48.86 -42.04
CA ASP D 421 -17.00 47.66 -41.23
C ASP D 421 -15.61 47.31 -40.70
N ILE D 422 -14.55 47.60 -41.47
CA ILE D 422 -13.20 47.38 -40.98
C ILE D 422 -12.87 48.37 -39.87
N ASN D 423 -13.30 49.63 -40.03
CA ASN D 423 -13.07 50.63 -38.98
C ASN D 423 -13.72 50.20 -37.67
N TYR D 424 -14.94 49.65 -37.75
CA TYR D 424 -15.66 49.25 -36.54
C TYR D 424 -14.99 48.05 -35.89
N LEU D 425 -14.64 47.03 -36.68
CA LEU D 425 -14.01 45.84 -36.10
C LEU D 425 -12.62 46.14 -35.56
N LEU D 426 -11.90 47.09 -36.17
CA LEU D 426 -10.57 47.45 -35.68
C LEU D 426 -10.67 48.20 -34.37
N LYS D 427 -11.56 49.21 -34.31
CA LYS D 427 -11.79 49.92 -33.06
C LYS D 427 -12.17 48.95 -31.95
N MET D 428 -12.88 47.87 -32.29
CA MET D 428 -13.21 46.85 -31.32
C MET D 428 -12.01 45.97 -30.99
N ALA D 429 -11.19 45.67 -31.99
CA ALA D 429 -10.05 44.77 -31.77
C ALA D 429 -9.06 45.36 -30.78
N LEU D 430 -8.82 46.66 -30.85
CA LEU D 430 -7.92 47.30 -29.90
C LEU D 430 -8.40 47.18 -28.46
N ASP D 431 -9.66 46.78 -28.24
CA ASP D 431 -10.20 46.61 -26.91
C ASP D 431 -10.47 45.16 -26.54
N LYS D 432 -10.78 44.31 -27.51
CA LYS D 432 -11.10 42.91 -27.23
C LYS D 432 -9.94 41.97 -27.49
N ILE D 433 -9.02 42.33 -28.38
CA ILE D 433 -7.89 41.49 -28.73
C ILE D 433 -6.64 41.87 -27.95
N ALA D 434 -6.37 43.17 -27.82
CA ALA D 434 -5.22 43.61 -27.04
C ALA D 434 -5.27 43.08 -25.62
N PHE D 435 -6.48 42.83 -25.10
CA PHE D 435 -6.66 42.43 -23.71
C PHE D 435 -6.53 40.93 -23.49
N LEU D 436 -6.74 40.12 -24.53
CA LEU D 436 -6.69 38.66 -24.34
C LEU D 436 -5.41 38.19 -23.67
N PRO D 437 -4.21 38.57 -24.13
CA PRO D 437 -3.00 38.11 -23.41
C PRO D 437 -2.90 38.64 -21.99
N PHE D 438 -3.21 39.92 -21.77
CA PHE D 438 -3.08 40.49 -20.43
C PHE D 438 -4.05 39.82 -19.45
N GLY D 439 -5.33 39.79 -19.79
CA GLY D 439 -6.30 39.13 -18.93
C GLY D 439 -5.98 37.67 -18.66
N TYR D 440 -5.15 37.06 -19.50
CA TYR D 440 -4.74 35.68 -19.31
C TYR D 440 -3.51 35.56 -18.40
N LEU D 441 -2.58 36.53 -18.49
CA LEU D 441 -1.29 36.38 -17.82
C LEU D 441 -1.33 36.81 -16.35
N VAL D 442 -2.18 37.78 -15.99
CA VAL D 442 -2.19 38.30 -14.63
C VAL D 442 -2.29 37.16 -13.63
N ASP D 443 -3.39 36.41 -13.68
CA ASP D 443 -3.56 35.31 -12.74
C ASP D 443 -2.60 34.15 -13.01
N GLN D 444 -1.90 34.15 -14.15
CA GLN D 444 -0.83 33.18 -14.33
C GLN D 444 0.38 33.55 -13.48
N TRP D 445 0.64 34.84 -13.31
CA TRP D 445 1.69 35.28 -12.40
C TRP D 445 1.34 34.93 -10.96
N ARG D 446 0.10 35.18 -10.55
CA ARG D 446 -0.31 34.93 -9.17
C ARG D 446 -0.52 33.46 -8.87
N TRP D 447 -0.78 32.63 -9.90
CA TRP D 447 -0.83 31.19 -9.66
C TRP D 447 0.55 30.66 -9.27
N GLY D 448 1.61 31.19 -9.89
CA GLY D 448 2.95 30.76 -9.54
C GLY D 448 3.42 31.31 -8.21
N VAL D 449 2.99 32.53 -7.85
CA VAL D 449 3.36 33.10 -6.57
C VAL D 449 2.74 32.29 -5.43
N PHE D 450 1.45 31.96 -5.55
CA PHE D 450 0.80 31.18 -4.50
C PHE D 450 1.41 29.80 -4.37
N SER D 451 1.77 29.17 -5.49
CA SER D 451 2.32 27.83 -5.46
C SER D 451 3.77 27.79 -5.00
N GLY D 452 4.46 28.92 -4.99
CA GLY D 452 5.84 28.99 -4.57
C GLY D 452 6.85 28.94 -5.71
N ARG D 453 6.42 28.58 -6.93
CA ARG D 453 7.33 28.57 -8.06
C ARG D 453 7.88 29.96 -8.38
N THR D 454 7.29 31.01 -7.82
CA THR D 454 7.77 32.39 -8.00
C THR D 454 7.98 33.01 -6.63
N PRO D 455 9.18 32.89 -6.06
CA PRO D 455 9.44 33.52 -4.77
C PRO D 455 9.67 35.01 -4.94
N PRO D 456 9.69 35.78 -3.85
CA PRO D 456 9.89 37.23 -3.95
C PRO D 456 11.13 37.63 -4.73
N SER D 457 12.08 36.70 -4.87
CA SER D 457 13.29 36.97 -5.63
C SER D 457 13.07 36.93 -7.14
N ARG D 458 11.87 36.56 -7.60
CA ARG D 458 11.60 36.46 -9.03
C ARG D 458 10.24 37.05 -9.39
N TYR D 459 9.74 37.98 -8.57
CA TYR D 459 8.47 38.65 -8.88
C TYR D 459 8.54 39.33 -10.23
N ASN D 460 9.44 40.30 -10.38
CA ASN D 460 9.49 41.07 -11.62
C ASN D 460 10.08 40.26 -12.76
N PHE D 461 11.00 39.34 -12.47
CA PHE D 461 11.58 38.52 -13.52
C PHE D 461 10.52 37.67 -14.20
N ASP D 462 9.59 37.13 -13.41
CA ASP D 462 8.52 36.30 -13.98
C ASP D 462 7.38 37.15 -14.52
N TRP D 463 7.08 38.27 -13.85
CA TRP D 463 6.05 39.18 -14.35
C TRP D 463 6.37 39.66 -15.75
N TRP D 464 7.64 40.00 -16.00
CA TRP D 464 8.07 40.46 -17.32
C TRP D 464 8.44 39.32 -18.24
N TYR D 465 8.42 38.07 -17.77
CA TYR D 465 8.49 36.93 -18.68
C TYR D 465 7.13 36.66 -19.30
N LEU D 466 6.07 36.84 -18.52
CA LEU D 466 4.71 36.68 -19.03
C LEU D 466 4.33 37.87 -19.91
N ARG D 467 4.55 39.08 -19.42
CA ARG D 467 4.17 40.27 -20.17
C ARG D 467 4.80 40.29 -21.56
N THR D 468 6.05 39.84 -21.67
CA THR D 468 6.68 39.75 -22.98
C THR D 468 6.15 38.56 -23.78
N LYS D 469 5.95 37.43 -23.11
CA LYS D 469 5.61 36.19 -23.81
C LYS D 469 4.24 36.29 -24.48
N TYR D 470 3.27 36.91 -23.80
CA TYR D 470 1.90 36.96 -24.30
C TYR D 470 1.57 38.29 -24.98
N GLN D 471 1.78 39.41 -24.28
CA GLN D 471 1.46 40.71 -24.88
C GLN D 471 2.48 41.11 -25.95
N GLY D 472 3.73 40.68 -25.82
CA GLY D 472 4.76 41.09 -26.75
C GLY D 472 5.20 42.52 -26.49
N ILE D 473 5.47 42.82 -25.22
CA ILE D 473 5.92 44.13 -24.80
C ILE D 473 7.15 43.95 -23.93
N CYS D 474 7.87 45.04 -23.75
CA CYS D 474 9.08 45.08 -22.93
C CYS D 474 9.10 46.39 -22.17
N PRO D 475 9.67 46.40 -20.97
CA PRO D 475 9.75 47.64 -20.21
C PRO D 475 10.64 48.64 -20.91
N PRO D 476 10.23 49.91 -20.99
CA PRO D 476 11.08 50.90 -21.64
C PRO D 476 12.34 51.23 -20.85
N VAL D 477 12.26 51.17 -19.52
CA VAL D 477 13.41 51.37 -18.65
C VAL D 477 13.78 50.02 -18.03
N THR D 478 15.08 49.81 -17.84
CA THR D 478 15.53 48.55 -17.27
C THR D 478 14.97 48.35 -15.87
N ARG D 479 14.67 47.11 -15.54
CA ARG D 479 14.03 46.76 -14.27
C ARG D 479 14.79 45.62 -13.62
N ASN D 480 14.81 45.62 -12.29
CA ASN D 480 15.43 44.55 -11.51
C ASN D 480 14.48 44.18 -10.37
N GLU D 481 14.94 43.26 -9.52
CA GLU D 481 14.07 42.69 -8.49
C GLU D 481 13.76 43.64 -7.34
N THR D 482 14.35 44.84 -7.31
CA THR D 482 13.87 45.84 -6.37
C THR D 482 12.53 46.41 -6.82
N HIS D 483 12.20 46.23 -8.10
CA HIS D 483 10.92 46.65 -8.64
C HIS D 483 9.88 45.55 -8.48
N PHE D 484 8.60 45.96 -8.45
CA PHE D 484 7.47 45.07 -8.23
C PHE D 484 6.33 45.59 -9.11
N ASP D 485 6.44 45.35 -10.41
CA ASP D 485 5.53 45.94 -11.38
C ASP D 485 4.16 45.26 -11.40
N ALA D 486 4.06 44.02 -10.94
CA ALA D 486 2.76 43.39 -10.79
C ALA D 486 1.86 44.21 -9.88
N GLY D 487 2.42 44.70 -8.77
CA GLY D 487 1.65 45.51 -7.83
C GLY D 487 1.22 46.85 -8.38
N ALA D 488 1.79 47.29 -9.49
CA ALA D 488 1.35 48.52 -10.13
C ALA D 488 0.00 48.37 -10.80
N LYS D 489 -0.60 47.18 -10.78
CA LYS D 489 -1.91 46.94 -11.35
C LYS D 489 -2.91 46.70 -10.23
N PHE D 490 -4.01 47.46 -10.26
CA PHE D 490 -4.99 47.49 -9.17
C PHE D 490 -5.23 46.13 -8.52
N HIS D 491 -5.56 45.12 -9.32
CA HIS D 491 -6.09 43.88 -8.77
C HIS D 491 -5.04 43.04 -8.05
N VAL D 492 -3.78 43.45 -8.06
CA VAL D 492 -2.75 42.71 -7.34
C VAL D 492 -2.77 43.09 -5.86
N PRO D 493 -2.63 44.37 -5.51
CA PRO D 493 -2.75 44.73 -4.08
C PRO D 493 -4.15 44.51 -3.53
N ASN D 494 -5.19 44.67 -4.34
CA ASN D 494 -6.56 44.53 -3.85
C ASN D 494 -7.08 43.11 -3.97
N VAL D 495 -6.25 42.16 -4.40
CA VAL D 495 -6.59 40.74 -4.37
C VAL D 495 -7.95 40.51 -5.03
N THR D 496 -8.07 40.90 -6.29
CA THR D 496 -9.28 40.65 -7.08
C THR D 496 -8.91 39.69 -8.21
N PRO D 497 -9.42 38.45 -8.22
CA PRO D 497 -9.07 37.53 -9.31
C PRO D 497 -9.23 38.17 -10.68
N TYR D 498 -8.52 37.66 -11.68
CA TYR D 498 -8.49 38.28 -13.00
C TYR D 498 -8.79 37.33 -14.14
N ILE D 499 -8.57 36.02 -13.99
CA ILE D 499 -8.81 35.08 -15.08
C ILE D 499 -10.27 35.08 -15.49
N ARG D 500 -11.16 35.58 -14.63
CA ARG D 500 -12.56 35.73 -15.01
C ARG D 500 -12.71 36.60 -16.24
N TYR D 501 -11.96 37.70 -16.31
CA TYR D 501 -12.13 38.65 -17.41
C TYR D 501 -11.68 38.05 -18.73
N PHE D 502 -10.61 37.25 -18.70
CA PHE D 502 -10.27 36.44 -19.87
C PHE D 502 -11.47 35.60 -20.29
N VAL D 503 -12.04 34.84 -19.35
CA VAL D 503 -13.21 34.02 -19.64
C VAL D 503 -14.35 34.91 -20.14
N SER D 504 -14.61 36.01 -19.43
CA SER D 504 -15.64 36.95 -19.87
C SER D 504 -15.40 37.40 -21.31
N PHE D 505 -14.14 37.67 -21.66
CA PHE D 505 -13.84 38.15 -23.01
C PHE D 505 -13.98 37.05 -24.06
N VAL D 506 -13.99 35.78 -23.66
CA VAL D 506 -14.24 34.69 -24.58
C VAL D 506 -15.70 34.25 -24.57
N LEU D 507 -16.35 34.32 -23.40
CA LEU D 507 -17.76 33.95 -23.29
C LEU D 507 -18.64 34.90 -24.07
N GLN D 508 -18.36 36.21 -23.98
CA GLN D 508 -19.30 37.20 -24.52
C GLN D 508 -19.55 37.00 -26.01
N PHE D 509 -18.58 36.44 -26.73
CA PHE D 509 -18.79 36.14 -28.15
C PHE D 509 -19.45 34.79 -28.37
N GLN D 510 -19.23 33.83 -27.47
CA GLN D 510 -20.06 32.63 -27.47
C GLN D 510 -21.52 32.98 -27.25
N PHE D 511 -21.79 33.88 -26.29
CA PHE D 511 -23.15 34.37 -26.09
C PHE D 511 -23.68 35.04 -27.36
N HIS D 512 -22.84 35.84 -28.02
CA HIS D 512 -23.29 36.64 -29.16
C HIS D 512 -23.72 35.75 -30.32
N GLU D 513 -22.83 34.85 -30.75
CA GLU D 513 -23.15 33.94 -31.85
C GLU D 513 -24.47 33.22 -31.58
N ALA D 514 -24.68 32.78 -30.34
CA ALA D 514 -25.88 32.01 -30.02
C ALA D 514 -27.13 32.90 -30.03
N LEU D 515 -27.04 34.07 -29.41
CA LEU D 515 -28.22 34.95 -29.33
C LEU D 515 -28.60 35.49 -30.70
N CYS D 516 -27.61 35.78 -31.55
CA CYS D 516 -27.92 36.26 -32.90
C CYS D 516 -28.49 35.14 -33.76
N LYS D 517 -28.06 33.90 -33.54
CA LYS D 517 -28.68 32.78 -34.24
C LYS D 517 -30.13 32.61 -33.83
N GLU D 518 -30.40 32.63 -32.52
CA GLU D 518 -31.76 32.46 -32.02
C GLU D 518 -32.66 33.61 -32.46
N ALA D 519 -32.09 34.80 -32.67
CA ALA D 519 -32.85 35.93 -33.17
C ALA D 519 -33.06 35.88 -34.68
N GLY D 520 -32.77 34.75 -35.32
CA GLY D 520 -32.93 34.61 -36.74
C GLY D 520 -32.01 35.48 -37.59
N TYR D 521 -31.13 36.25 -36.97
CA TYR D 521 -30.25 37.13 -37.73
C TYR D 521 -29.38 36.32 -38.69
N GLU D 522 -29.05 36.93 -39.82
CA GLU D 522 -28.20 36.33 -40.83
C GLU D 522 -27.29 37.39 -41.41
N GLY D 523 -26.01 37.04 -41.57
CA GLY D 523 -25.04 37.96 -42.11
C GLY D 523 -23.89 38.21 -41.15
N PRO D 524 -23.17 39.30 -41.35
CA PRO D 524 -21.98 39.58 -40.52
C PRO D 524 -22.32 39.58 -39.04
N LEU D 525 -21.64 38.72 -38.29
CA LEU D 525 -21.91 38.58 -36.86
C LEU D 525 -21.58 39.85 -36.08
N HIS D 526 -20.84 40.78 -36.66
CA HIS D 526 -20.52 42.03 -35.99
C HIS D 526 -21.57 43.12 -36.21
N GLN D 527 -22.46 42.94 -37.18
CA GLN D 527 -23.57 43.87 -37.39
C GLN D 527 -24.85 43.41 -36.71
N CYS D 528 -24.83 42.26 -36.04
CA CYS D 528 -26.02 41.75 -35.37
C CYS D 528 -26.45 42.68 -34.24
N ASP D 529 -27.76 42.74 -34.02
CA ASP D 529 -28.34 43.51 -32.93
C ASP D 529 -29.56 42.75 -32.43
N ILE D 530 -29.51 42.29 -31.18
CA ILE D 530 -30.58 41.45 -30.65
C ILE D 530 -31.75 42.30 -30.19
N TYR D 531 -31.70 43.61 -30.47
CA TYR D 531 -32.79 44.50 -30.14
C TYR D 531 -34.11 43.95 -30.65
N ARG D 532 -35.16 44.10 -29.85
CA ARG D 532 -36.51 43.68 -30.23
C ARG D 532 -36.51 42.24 -30.75
N SER D 533 -36.06 41.33 -29.89
CA SER D 533 -36.06 39.90 -30.19
C SER D 533 -36.43 39.14 -28.94
N THR D 534 -37.59 38.46 -28.97
CA THR D 534 -38.03 37.72 -27.79
C THR D 534 -37.41 36.33 -27.73
N LYS D 535 -37.10 35.73 -28.88
CA LYS D 535 -36.48 34.41 -28.86
C LYS D 535 -35.07 34.47 -28.29
N ALA D 536 -34.36 35.58 -28.50
CA ALA D 536 -33.05 35.76 -27.89
C ALA D 536 -33.18 35.99 -26.39
N GLY D 537 -33.91 37.03 -25.99
CA GLY D 537 -34.15 37.28 -24.58
C GLY D 537 -34.61 36.06 -23.83
N ALA D 538 -35.31 35.15 -24.52
CA ALA D 538 -35.68 33.88 -23.90
C ALA D 538 -34.47 33.00 -23.65
N LYS D 539 -33.46 33.09 -24.53
CA LYS D 539 -32.25 32.31 -24.35
C LYS D 539 -31.40 32.90 -23.23
N LEU D 540 -31.19 34.22 -23.24
CA LEU D 540 -30.60 34.90 -22.10
C LEU D 540 -31.25 34.45 -20.80
N ARG D 541 -32.58 34.54 -20.73
CA ARG D 541 -33.29 34.30 -19.48
C ARG D 541 -32.96 32.93 -18.90
N LYS D 542 -32.88 31.90 -19.74
CA LYS D 542 -32.50 30.57 -19.25
C LYS D 542 -31.19 30.64 -18.49
N VAL D 543 -30.28 31.52 -18.90
CA VAL D 543 -29.00 31.66 -18.20
C VAL D 543 -29.16 32.50 -16.94
N LEU D 544 -29.63 33.74 -17.10
CA LEU D 544 -29.72 34.65 -15.96
C LEU D 544 -30.43 34.01 -14.79
N ARG D 545 -31.57 33.36 -15.04
CA ARG D 545 -32.33 32.75 -13.96
C ARG D 545 -31.63 31.55 -13.35
N ALA D 546 -30.54 31.07 -13.95
CA ALA D 546 -29.82 29.92 -13.40
C ALA D 546 -28.88 30.32 -12.28
N GLY D 547 -28.23 31.48 -12.40
CA GLY D 547 -27.21 31.83 -11.43
C GLY D 547 -26.13 30.77 -11.40
N SER D 548 -25.73 30.38 -10.20
CA SER D 548 -24.79 29.29 -10.01
C SER D 548 -25.47 28.03 -9.50
N SER D 549 -26.74 27.85 -9.86
CA SER D 549 -27.53 26.69 -9.43
C SER D 549 -27.32 25.47 -10.32
N ARG D 550 -26.41 25.53 -11.28
CA ARG D 550 -26.08 24.39 -12.10
C ARG D 550 -24.67 24.56 -12.64
N PRO D 551 -23.98 23.47 -12.96
CA PRO D 551 -22.62 23.60 -13.52
C PRO D 551 -22.61 24.53 -14.73
N TRP D 552 -21.72 25.51 -14.70
CA TRP D 552 -21.64 26.45 -15.81
C TRP D 552 -21.42 25.75 -17.15
N GLN D 553 -20.89 24.52 -17.13
CA GLN D 553 -20.72 23.78 -18.37
C GLN D 553 -22.07 23.38 -18.96
N GLU D 554 -23.02 22.99 -18.10
CA GLU D 554 -24.35 22.63 -18.57
C GLU D 554 -25.14 23.86 -19.00
N VAL D 555 -25.13 24.91 -18.18
CA VAL D 555 -25.83 26.14 -18.53
C VAL D 555 -25.32 26.65 -19.88
N LEU D 556 -24.00 26.70 -20.06
CA LEU D 556 -23.45 27.09 -21.35
C LEU D 556 -23.86 26.09 -22.44
N LYS D 557 -23.84 24.80 -22.12
CA LYS D 557 -24.26 23.79 -23.08
C LYS D 557 -25.69 24.01 -23.53
N ASP D 558 -26.59 24.33 -22.60
CA ASP D 558 -27.98 24.59 -22.93
C ASP D 558 -28.19 25.91 -23.68
N MET D 559 -27.15 26.76 -23.78
CA MET D 559 -27.26 28.04 -24.46
C MET D 559 -26.58 28.03 -25.82
N VAL D 560 -25.28 27.74 -25.86
CA VAL D 560 -24.52 27.81 -27.12
C VAL D 560 -24.39 26.44 -27.79
N GLY D 561 -24.78 25.36 -27.12
CA GLY D 561 -24.66 24.05 -27.71
C GLY D 561 -23.30 23.41 -27.52
N LEU D 562 -22.59 23.76 -26.46
CA LEU D 562 -21.25 23.22 -26.21
C LEU D 562 -20.95 23.41 -24.73
N ASP D 563 -20.46 22.34 -24.09
CA ASP D 563 -20.22 22.34 -22.65
C ASP D 563 -18.85 22.88 -22.27
N ALA D 564 -18.28 23.76 -23.10
CA ALA D 564 -16.93 24.24 -22.85
C ALA D 564 -16.77 25.63 -23.46
N LEU D 565 -15.62 26.23 -23.17
CA LEU D 565 -15.25 27.50 -23.79
C LEU D 565 -14.71 27.25 -25.19
N ASP D 566 -14.99 28.17 -26.10
CA ASP D 566 -14.56 28.05 -27.49
C ASP D 566 -14.18 29.43 -28.01
N ALA D 567 -13.02 29.52 -28.64
CA ALA D 567 -12.56 30.79 -29.18
C ALA D 567 -13.15 31.10 -30.55
N GLN D 568 -13.70 30.09 -31.24
CA GLN D 568 -14.13 30.30 -32.62
C GLN D 568 -15.19 31.38 -32.78
N PRO D 569 -16.19 31.51 -31.90
CA PRO D 569 -17.13 32.64 -32.06
C PRO D 569 -16.44 33.99 -32.06
N LEU D 570 -15.43 34.18 -31.21
CA LEU D 570 -14.67 35.43 -31.24
C LEU D 570 -13.92 35.59 -32.56
N LEU D 571 -13.41 34.49 -33.10
CA LEU D 571 -12.68 34.56 -34.36
C LEU D 571 -13.60 34.98 -35.50
N LYS D 572 -14.76 34.34 -35.62
CA LYS D 572 -15.71 34.72 -36.66
C LYS D 572 -16.04 36.20 -36.60
N TYR D 573 -16.29 36.72 -35.39
CA TYR D 573 -16.63 38.13 -35.23
C TYR D 573 -15.59 39.03 -35.91
N PHE D 574 -14.31 38.68 -35.81
CA PHE D 574 -13.22 39.51 -36.31
C PHE D 574 -12.63 38.99 -37.61
N GLN D 575 -13.33 38.09 -38.31
CA GLN D 575 -12.76 37.47 -39.50
C GLN D 575 -12.39 38.51 -40.55
N LEU D 576 -13.26 39.51 -40.75
CA LEU D 576 -13.01 40.51 -41.78
C LEU D 576 -11.73 41.30 -41.48
N VAL D 577 -11.62 41.83 -40.26
CA VAL D 577 -10.45 42.64 -39.91
C VAL D 577 -9.22 41.75 -39.77
N THR D 578 -9.39 40.53 -39.24
CA THR D 578 -8.29 39.57 -39.20
C THR D 578 -7.67 39.41 -40.60
N GLN D 579 -8.50 39.13 -41.60
CA GLN D 579 -8.01 39.01 -42.96
C GLN D 579 -7.39 40.32 -43.44
N TRP D 580 -8.01 41.45 -43.08
CA TRP D 580 -7.47 42.74 -43.49
C TRP D 580 -6.09 42.97 -42.89
N LEU D 581 -5.93 42.68 -41.60
CA LEU D 581 -4.62 42.84 -40.96
C LEU D 581 -3.57 41.98 -41.64
N GLN D 582 -3.90 40.71 -41.88
CA GLN D 582 -2.96 39.81 -42.54
C GLN D 582 -2.50 40.38 -43.88
N GLU D 583 -3.42 40.97 -44.65
CA GLU D 583 -3.04 41.61 -45.90
C GLU D 583 -2.06 42.74 -45.66
N GLN D 584 -2.35 43.61 -44.68
CA GLN D 584 -1.44 44.71 -44.38
C GLN D 584 -0.08 44.20 -43.95
N ASN D 585 -0.08 43.20 -43.06
CA ASN D 585 1.19 42.66 -42.56
C ASN D 585 1.98 41.97 -43.66
N GLN D 586 1.30 41.33 -44.61
CA GLN D 586 2.00 40.76 -45.76
C GLN D 586 2.59 41.86 -46.64
N GLN D 587 1.81 42.91 -46.92
CA GLN D 587 2.30 43.98 -47.77
C GLN D 587 3.56 44.62 -47.19
N ASN D 588 3.59 44.82 -45.87
CA ASN D 588 4.79 45.33 -45.22
C ASN D 588 5.81 44.24 -44.90
N GLY D 589 5.54 43.00 -45.28
CA GLY D 589 6.46 41.92 -44.95
C GLY D 589 6.80 41.85 -43.48
N GLU D 590 5.80 42.02 -42.62
CA GLU D 590 6.03 42.05 -41.19
C GLU D 590 6.52 40.70 -40.68
N VAL D 591 7.06 40.72 -39.47
CA VAL D 591 7.41 39.50 -38.73
C VAL D 591 6.38 39.37 -37.62
N LEU D 592 5.56 38.33 -37.68
CA LEU D 592 4.64 38.06 -36.60
C LEU D 592 5.42 37.53 -35.40
N GLY D 593 5.11 38.05 -34.22
CA GLY D 593 5.87 37.72 -33.03
C GLY D 593 7.01 38.70 -32.83
N TRP D 594 7.85 38.36 -31.85
CA TRP D 594 9.00 39.19 -31.48
C TRP D 594 10.20 38.28 -31.27
N PRO D 595 10.77 37.75 -32.36
CA PRO D 595 11.92 36.84 -32.21
C PRO D 595 13.07 37.45 -31.44
N GLU D 596 13.26 38.77 -31.52
CA GLU D 596 14.30 39.46 -30.78
C GLU D 596 13.77 39.84 -29.39
N TYR D 597 13.63 38.81 -28.56
CA TYR D 597 12.99 38.99 -27.25
C TYR D 597 13.85 39.83 -26.30
N GLN D 598 15.18 39.77 -26.44
CA GLN D 598 16.05 40.52 -25.54
C GLN D 598 15.94 42.02 -25.72
N TRP D 599 15.34 42.49 -26.82
CA TRP D 599 15.42 43.91 -27.14
C TRP D 599 14.57 44.75 -26.19
N HIS D 600 15.17 45.83 -25.71
CA HIS D 600 14.49 46.91 -25.02
C HIS D 600 14.87 48.20 -25.71
N PRO D 601 14.16 49.30 -25.46
CA PRO D 601 14.50 50.56 -26.11
C PRO D 601 15.56 51.31 -25.34
N PRO D 602 16.35 52.14 -26.01
CA PRO D 602 17.29 53.01 -25.29
C PRO D 602 16.61 54.26 -24.74
N LEU D 603 17.11 54.72 -23.61
CA LEU D 603 16.57 55.93 -23.01
C LEU D 603 16.68 57.11 -23.97
N PRO D 604 15.76 58.06 -23.91
CA PRO D 604 15.93 59.30 -24.67
C PRO D 604 17.02 60.17 -24.05
N ASP D 605 17.52 61.11 -24.83
CA ASP D 605 18.58 61.98 -24.37
C ASP D 605 18.04 63.02 -23.40
N ASN D 606 18.76 63.22 -22.29
CA ASN D 606 18.40 64.18 -21.25
C ASN D 606 17.16 63.73 -20.47
N TYR D 607 17.04 62.40 -20.25
CA TYR D 607 15.90 61.90 -19.50
C TYR D 607 16.27 61.69 -18.04
N PRO D 608 15.48 62.23 -17.08
CA PRO D 608 14.29 63.06 -17.27
C PRO D 608 14.64 64.54 -17.52
#